data_8RON
#
_entry.id   8RON
#
_cell.length_a   75.754
_cell.length_b   187.740
_cell.length_c   79.383
_cell.angle_alpha   90.000
_cell.angle_beta   96.453
_cell.angle_gamma   90.000
#
_symmetry.space_group_name_H-M   'P 1 21 1'
#
_entity_poly.entity_id   1
_entity_poly.type   'polypeptide(L)'
_entity_poly.pdbx_seq_one_letter_code
;GSHMSVTAGIIIVGDEILKGHTQDTNTFFLCRTLRSLGVQVCRVSVVPDEVATIAAEVTSFSNRFTHVLTAGGIGPTHDD
VTFEAVAQAFGDELKPHPKLEAATKALGGEGWEKLSLVPSSARLHYGTDPCTGQPFRFPLVSVRNVYLFPGIPELLRRVL
EGMKGLFQNPAVQFHSKELYVAADEASIAPILAEAQAHFGRRLGLGSYPDWGSNYYQVKLTLDSEEEGPLEECLAYLTAR
LPQGSLVPYMPNAVEQASEAVYKLAESGSSLGKKVAGALQTIETSLAQYSLTQLCVGFNGGKDCTALLHLFHAAVQRKLP
DVPNPLQILYIRSISPFPELEQFLQDTIKRYNLQMLEAEGSMKQALGELQARHPQLEAVLMGTRRTDPYSCSLCPFSPTD
PGWPAFMRINPLLDWTYRDIWDFLRQLFVPYCILYDRGYTSLGSRENTVRNPALKCLSPGGHPTYRPAYLLENEEEERNS
RT
;
_entity_poly.pdbx_strand_id   A,B,C,D
#
# COMPACT_ATOMS: atom_id res chain seq x y z
N SER A 5 8.33 15.12 -18.56
CA SER A 5 7.01 14.63 -18.22
C SER A 5 7.08 13.70 -17.00
N VAL A 6 7.18 14.31 -15.82
CA VAL A 6 7.23 13.57 -14.56
C VAL A 6 5.82 13.52 -13.98
N THR A 7 5.28 12.32 -13.84
CA THR A 7 3.91 12.10 -13.40
C THR A 7 3.88 11.55 -11.98
N ALA A 8 2.70 11.66 -11.37
CA ALA A 8 2.51 11.20 -10.01
C ALA A 8 1.07 10.74 -9.80
N GLY A 9 0.96 9.70 -8.98
CA GLY A 9 -0.33 9.24 -8.50
C GLY A 9 -0.40 9.37 -6.98
N ILE A 10 -1.62 9.53 -6.47
CA ILE A 10 -1.88 9.79 -5.07
C ILE A 10 -2.87 8.75 -4.56
N ILE A 11 -2.55 8.18 -3.40
CA ILE A 11 -3.40 7.21 -2.72
C ILE A 11 -3.66 7.74 -1.31
N ILE A 12 -4.90 8.09 -1.04
CA ILE A 12 -5.33 8.55 0.27
C ILE A 12 -6.05 7.40 0.96
N VAL A 13 -5.49 6.91 2.06
CA VAL A 13 -6.09 5.80 2.77
C VAL A 13 -6.85 6.34 3.97
N GLY A 14 -8.16 6.10 3.96
CA GLY A 14 -8.98 6.54 5.07
C GLY A 14 -10.43 6.11 5.00
N ASP A 15 -10.80 5.30 5.99
CA ASP A 15 -12.18 4.85 6.11
C ASP A 15 -13.10 6.06 6.28
N GLU A 16 -12.65 7.07 7.05
CA GLU A 16 -13.53 8.17 7.44
C GLU A 16 -13.97 8.97 6.22
N ILE A 17 -13.04 9.28 5.31
CA ILE A 17 -13.43 10.07 4.14
C ILE A 17 -14.49 9.36 3.32
N LEU A 18 -14.35 8.05 3.13
CA LEU A 18 -15.36 7.31 2.38
C LEU A 18 -16.69 7.32 3.11
N LYS A 19 -16.67 7.22 4.44
CA LYS A 19 -17.93 7.20 5.18
C LYS A 19 -18.63 8.55 5.13
N GLY A 20 -17.86 9.62 4.96
CA GLY A 20 -18.37 10.98 5.05
C GLY A 20 -18.17 11.63 6.40
N HIS A 21 -17.57 10.94 7.37
CA HIS A 21 -17.41 11.52 8.70
C HIS A 21 -16.64 12.84 8.63
N THR A 22 -15.55 12.85 7.87
CA THR A 22 -14.67 14.02 7.76
C THR A 22 -14.40 14.29 6.30
N GLN A 23 -14.11 15.55 5.97
CA GLN A 23 -13.82 15.93 4.60
C GLN A 23 -12.34 15.75 4.29
N ASP A 24 -12.05 15.55 3.01
CA ASP A 24 -10.67 15.36 2.55
C ASP A 24 -10.09 16.70 2.13
N THR A 25 -9.09 17.16 2.88
CA THR A 25 -8.38 18.39 2.55
C THR A 25 -6.93 18.14 2.13
N ASN A 26 -6.44 16.90 2.29
CA ASN A 26 -5.07 16.61 1.88
C ASN A 26 -4.92 16.57 0.37
N THR A 27 -5.97 16.15 -0.35
CA THR A 27 -5.83 15.96 -1.79
C THR A 27 -5.60 17.28 -2.52
N PHE A 28 -6.35 18.32 -2.15
CA PHE A 28 -6.17 19.62 -2.77
C PHE A 28 -4.76 20.15 -2.52
N PHE A 29 -4.28 20.06 -1.28
CA PHE A 29 -2.92 20.53 -1.00
C PHE A 29 -1.89 19.76 -1.79
N LEU A 30 -2.00 18.42 -1.78
CA LEU A 30 -1.03 17.58 -2.49
C LEU A 30 -1.00 17.92 -3.98
N CYS A 31 -2.18 18.06 -4.59
CA CYS A 31 -2.23 18.38 -6.02
C CYS A 31 -1.63 19.75 -6.30
N ARG A 32 -2.03 20.76 -5.53
CA ARG A 32 -1.52 22.11 -5.78
C ARG A 32 0.01 22.16 -5.65
N THR A 33 0.51 21.61 -4.54
CA THR A 33 1.95 21.62 -4.30
C THR A 33 2.69 20.89 -5.41
N LEU A 34 2.22 19.69 -5.77
CA LEU A 34 2.91 18.95 -6.83
C LEU A 34 2.84 19.69 -8.15
N ARG A 35 1.77 20.45 -8.40
CA ARG A 35 1.72 21.25 -9.61
C ARG A 35 2.84 22.29 -9.58
N SER A 36 3.01 22.95 -8.44
CA SER A 36 4.03 23.99 -8.34
C SER A 36 5.43 23.44 -8.58
N LEU A 37 5.66 22.16 -8.26
CA LEU A 37 6.97 21.58 -8.37
C LEU A 37 7.30 21.07 -9.77
N GLY A 38 6.34 21.10 -10.68
CA GLY A 38 6.55 20.63 -12.03
C GLY A 38 6.10 19.21 -12.31
N VAL A 39 5.29 18.63 -11.43
CA VAL A 39 4.83 17.25 -11.56
C VAL A 39 3.38 17.26 -12.03
N GLN A 40 3.07 16.41 -13.01
CA GLN A 40 1.72 16.23 -13.52
C GLN A 40 1.04 15.11 -12.75
N VAL A 41 -0.03 15.45 -12.04
CA VAL A 41 -0.82 14.47 -11.30
C VAL A 41 -1.85 13.86 -12.25
N CYS A 42 -1.83 12.54 -12.37
CA CYS A 42 -2.68 11.85 -13.33
C CYS A 42 -3.83 11.08 -12.70
N ARG A 43 -3.78 10.81 -11.41
CA ARG A 43 -4.87 10.08 -10.78
C ARG A 43 -4.84 10.27 -9.26
N VAL A 44 -6.01 10.11 -8.65
CA VAL A 44 -6.17 10.13 -7.20
C VAL A 44 -7.13 9.00 -6.84
N SER A 45 -6.91 8.41 -5.66
CA SER A 45 -7.68 7.25 -5.24
C SER A 45 -7.81 7.24 -3.73
N VAL A 46 -9.05 7.07 -3.26
CA VAL A 46 -9.37 6.93 -1.85
C VAL A 46 -9.72 5.47 -1.61
N VAL A 47 -9.04 4.85 -0.66
CA VAL A 47 -9.24 3.42 -0.41
C VAL A 47 -9.41 3.18 1.09
N PRO A 48 -10.11 2.11 1.47
CA PRO A 48 -10.24 1.80 2.90
C PRO A 48 -8.95 1.18 3.44
N ASP A 49 -8.88 1.12 4.76
CA ASP A 49 -7.77 0.53 5.48
C ASP A 49 -7.83 -0.99 5.33
N GLU A 50 -7.56 -1.47 4.12
CA GLU A 50 -7.51 -2.90 3.82
C GLU A 50 -6.17 -3.18 3.16
N VAL A 51 -5.49 -4.24 3.60
CA VAL A 51 -4.14 -4.50 3.09
C VAL A 51 -4.17 -4.85 1.61
N ALA A 52 -5.07 -5.77 1.22
CA ALA A 52 -5.12 -6.24 -0.16
C ALA A 52 -5.43 -5.10 -1.11
N THR A 53 -6.41 -4.26 -0.76
CA THR A 53 -6.83 -3.17 -1.65
C THR A 53 -5.71 -2.16 -1.81
N ILE A 54 -5.11 -1.75 -0.69
CA ILE A 54 -4.01 -0.79 -0.75
C ILE A 54 -2.85 -1.35 -1.58
N ALA A 55 -2.55 -2.63 -1.40
CA ALA A 55 -1.42 -3.23 -2.11
C ALA A 55 -1.69 -3.27 -3.61
N ALA A 56 -2.92 -3.58 -4.01
CA ALA A 56 -3.26 -3.55 -5.43
C ALA A 56 -3.09 -2.14 -5.99
N GLU A 57 -3.64 -1.13 -5.29
CA GLU A 57 -3.56 0.23 -5.83
C GLU A 57 -2.12 0.71 -5.89
N VAL A 58 -1.29 0.32 -4.92
CA VAL A 58 0.11 0.74 -4.94
C VAL A 58 0.81 0.10 -6.12
N THR A 59 0.60 -1.20 -6.33
CA THR A 59 1.22 -1.87 -7.47
C THR A 59 0.86 -1.19 -8.78
N SER A 60 -0.43 -0.95 -9.01
CA SER A 60 -0.84 -0.31 -10.25
C SER A 60 -0.16 1.05 -10.42
N PHE A 61 -0.30 1.92 -9.41
CA PHE A 61 0.24 3.27 -9.53
C PHE A 61 1.75 3.26 -9.70
N SER A 62 2.45 2.40 -8.95
CA SER A 62 3.89 2.35 -9.07
C SER A 62 4.28 1.99 -10.49
N ASN A 63 3.60 1.02 -11.08
CA ASN A 63 3.94 0.66 -12.46
C ASN A 63 3.61 1.80 -13.42
N ARG A 64 2.59 2.60 -13.10
CA ARG A 64 2.10 3.56 -14.10
C ARG A 64 2.75 4.95 -14.02
N PHE A 65 3.13 5.42 -12.83
CA PHE A 65 3.56 6.80 -12.67
C PHE A 65 4.98 6.87 -12.11
N THR A 66 5.58 8.06 -12.29
CA THR A 66 6.94 8.29 -11.78
C THR A 66 6.97 8.28 -10.27
N HIS A 67 6.14 9.12 -9.63
CA HIS A 67 6.06 9.18 -8.18
C HIS A 67 4.70 8.67 -7.72
N VAL A 68 4.69 8.04 -6.54
CA VAL A 68 3.44 7.66 -5.88
C VAL A 68 3.48 8.19 -4.44
N LEU A 69 2.43 8.91 -4.05
CA LEU A 69 2.36 9.50 -2.73
C LEU A 69 1.13 8.97 -1.98
N THR A 70 1.38 8.23 -0.90
CA THR A 70 0.31 7.70 -0.06
C THR A 70 0.17 8.54 1.21
N ALA A 71 -1.07 8.78 1.62
CA ALA A 71 -1.37 9.59 2.79
C ALA A 71 -2.27 8.84 3.76
N GLY A 72 -1.77 8.58 4.96
CA GLY A 72 -2.51 7.95 6.02
C GLY A 72 -2.15 6.49 6.21
N GLY A 73 -2.46 5.97 7.39
CA GLY A 73 -2.30 4.55 7.64
C GLY A 73 -0.95 4.11 8.13
N ILE A 74 -0.14 5.01 8.67
CA ILE A 74 1.14 4.61 9.25
C ILE A 74 1.16 4.90 10.74
N GLY A 75 0.03 4.68 11.41
CA GLY A 75 -0.06 4.83 12.83
C GLY A 75 0.30 3.55 13.57
N PRO A 76 0.13 3.55 14.89
CA PRO A 76 0.47 2.36 15.70
C PRO A 76 -0.68 1.41 15.96
N THR A 77 -1.90 1.74 15.54
CA THR A 77 -3.07 0.91 15.84
C THR A 77 -3.17 -0.24 14.85
N HIS A 78 -4.23 -1.04 15.01
CA HIS A 78 -4.44 -2.16 14.11
C HIS A 78 -4.95 -1.72 12.74
N ASP A 79 -5.74 -0.64 12.70
CA ASP A 79 -6.29 -0.15 11.44
C ASP A 79 -5.25 0.52 10.55
N ASP A 80 -4.00 0.69 11.01
CA ASP A 80 -2.94 1.32 10.23
C ASP A 80 -2.11 0.23 9.54
N VAL A 81 -2.28 0.09 8.22
CA VAL A 81 -1.71 -1.06 7.53
C VAL A 81 -1.09 -0.68 6.20
N THR A 82 -0.66 0.57 6.08
CA THR A 82 -0.02 1.00 4.84
C THR A 82 1.34 0.32 4.66
N PHE A 83 2.15 0.28 5.72
CA PHE A 83 3.45 -0.36 5.62
C PHE A 83 3.31 -1.81 5.17
N GLU A 84 2.35 -2.53 5.77
CA GLU A 84 2.15 -3.94 5.44
C GLU A 84 1.74 -4.09 3.98
N ALA A 85 0.83 -3.23 3.52
CA ALA A 85 0.38 -3.30 2.12
C ALA A 85 1.55 -3.05 1.18
N VAL A 86 2.39 -2.05 1.51
CA VAL A 86 3.53 -1.74 0.66
C VAL A 86 4.50 -2.91 0.63
N ALA A 87 4.73 -3.54 1.78
CA ALA A 87 5.55 -4.75 1.84
C ALA A 87 5.01 -5.81 0.88
N GLN A 88 3.70 -6.07 0.95
CA GLN A 88 3.10 -7.08 0.09
C GLN A 88 3.31 -6.75 -1.39
N ALA A 89 2.98 -5.52 -1.79
CA ALA A 89 2.98 -5.18 -3.21
C ALA A 89 4.34 -5.40 -3.86
N PHE A 90 5.42 -5.23 -3.11
CA PHE A 90 6.77 -5.34 -3.67
C PHE A 90 7.48 -6.61 -3.22
N GLY A 91 6.75 -7.59 -2.70
CA GLY A 91 7.35 -8.84 -2.29
C GLY A 91 8.38 -8.71 -1.19
N ASP A 92 8.40 -7.59 -0.49
CA ASP A 92 9.32 -7.40 0.62
C ASP A 92 8.73 -7.98 1.91
N GLU A 93 9.55 -7.98 2.95
CA GLU A 93 9.17 -8.45 4.28
C GLU A 93 9.32 -7.30 5.27
N LEU A 94 8.43 -7.24 6.26
CA LEU A 94 8.50 -6.19 7.27
C LEU A 94 9.60 -6.52 8.28
N LYS A 95 10.44 -5.53 8.56
CA LYS A 95 11.61 -5.62 9.41
C LYS A 95 11.71 -4.34 10.24
N PRO A 96 12.06 -4.46 11.52
CA PRO A 96 12.33 -3.24 12.30
C PRO A 96 13.57 -2.55 11.74
N HIS A 97 13.44 -1.27 11.43
CA HIS A 97 14.55 -0.50 10.91
C HIS A 97 15.31 0.13 12.07
N PRO A 98 16.61 -0.14 12.24
CA PRO A 98 17.30 0.34 13.44
C PRO A 98 17.17 1.84 13.68
N LYS A 99 17.24 2.68 12.64
CA LYS A 99 17.18 4.12 12.88
C LYS A 99 15.82 4.56 13.38
N LEU A 100 14.74 3.99 12.83
CA LEU A 100 13.41 4.30 13.35
C LEU A 100 13.24 3.75 14.76
N GLU A 101 13.90 2.62 15.05
CA GLU A 101 13.91 2.11 16.41
C GLU A 101 14.55 3.12 17.36
N ALA A 102 15.71 3.64 16.99
CA ALA A 102 16.38 4.65 17.80
C ALA A 102 15.52 5.90 17.95
N ALA A 103 14.87 6.31 16.86
CA ALA A 103 13.98 7.47 16.93
C ALA A 103 12.91 7.25 17.99
N THR A 104 12.21 6.12 17.90
CA THR A 104 11.20 5.83 18.91
C THR A 104 11.80 5.74 20.31
N LYS A 105 13.03 5.24 20.44
CA LYS A 105 13.62 5.08 21.76
C LYS A 105 14.04 6.41 22.38
N ALA A 106 14.49 7.37 21.57
CA ALA A 106 14.87 8.67 22.10
C ALA A 106 13.70 9.32 22.83
N LEU A 107 12.48 9.13 22.32
CA LEU A 107 11.28 9.60 22.99
C LEU A 107 10.73 8.48 23.87
N GLY A 108 9.53 8.68 24.42
CA GLY A 108 8.94 7.70 25.31
C GLY A 108 9.02 6.28 24.79
N GLY A 109 8.54 6.06 23.57
CA GLY A 109 8.65 4.75 22.95
C GLY A 109 7.84 3.67 23.63
N GLU A 110 6.67 4.01 24.14
CA GLU A 110 5.73 3.02 24.66
C GLU A 110 4.79 2.60 23.55
N GLY A 111 4.80 1.31 23.23
CA GLY A 111 3.89 0.78 22.22
C GLY A 111 4.13 1.32 20.84
N TRP A 112 5.32 1.86 20.57
CA TRP A 112 5.65 2.43 19.27
C TRP A 112 6.33 1.42 18.36
N GLU A 113 6.35 0.14 18.73
CA GLU A 113 7.09 -0.85 17.97
C GLU A 113 6.62 -0.89 16.51
N LYS A 114 5.33 -0.69 16.27
CA LYS A 114 4.82 -0.72 14.91
C LYS A 114 5.30 0.45 14.06
N LEU A 115 5.73 1.55 14.68
CA LEU A 115 6.11 2.74 13.92
C LEU A 115 7.47 2.58 13.23
N SER A 116 8.28 1.63 13.66
CA SER A 116 9.59 1.36 13.08
C SER A 116 9.62 0.07 12.28
N LEU A 117 8.48 -0.59 12.10
CA LEU A 117 8.41 -1.87 11.41
C LEU A 117 8.05 -1.63 9.94
N VAL A 118 9.09 -1.54 9.11
CA VAL A 118 8.86 -1.09 7.74
C VAL A 118 9.39 -2.11 6.73
N PRO A 119 9.07 -1.97 5.43
CA PRO A 119 9.63 -2.90 4.45
C PRO A 119 11.15 -2.87 4.48
N SER A 120 11.75 -4.02 4.21
CA SER A 120 13.19 -4.13 4.30
C SER A 120 13.91 -3.24 3.30
N SER A 121 13.31 -3.02 2.13
CA SER A 121 13.94 -2.22 1.08
C SER A 121 13.69 -0.73 1.27
N ALA A 122 13.10 -0.33 2.38
CA ALA A 122 12.77 1.08 2.58
C ALA A 122 14.03 1.94 2.68
N ARG A 123 13.89 3.20 2.31
CA ARG A 123 14.92 4.21 2.47
C ARG A 123 14.34 5.39 3.22
N LEU A 124 15.17 6.01 4.05
CA LEU A 124 14.73 7.10 4.90
C LEU A 124 15.21 8.44 4.35
N HIS A 125 14.36 9.45 4.47
CA HIS A 125 14.69 10.80 4.02
C HIS A 125 14.47 11.76 5.20
N TYR A 126 15.56 12.37 5.68
CA TYR A 126 15.47 13.33 6.77
C TYR A 126 15.36 14.76 6.22
N GLY A 127 14.53 15.57 6.86
CA GLY A 127 14.32 16.93 6.42
C GLY A 127 14.11 17.89 7.57
N THR A 128 13.65 19.10 7.27
CA THR A 128 13.45 20.14 8.28
C THR A 128 12.00 20.60 8.27
N ASP A 129 11.34 20.49 9.43
CA ASP A 129 10.00 21.02 9.61
C ASP A 129 10.01 22.52 9.32
N PRO A 130 9.24 23.01 8.36
CA PRO A 130 9.28 24.45 8.05
C PRO A 130 8.73 25.33 9.16
N CYS A 131 7.88 24.79 10.02
CA CYS A 131 7.28 25.58 11.09
C CYS A 131 8.26 25.81 12.23
N THR A 132 8.97 24.76 12.65
CA THR A 132 9.88 24.89 13.78
C THR A 132 11.31 25.15 13.34
N GLY A 133 11.63 24.88 12.08
CA GLY A 133 13.00 24.92 11.62
C GLY A 133 13.88 23.82 12.15
N GLN A 134 13.37 22.98 13.04
CA GLN A 134 14.05 21.82 13.62
C GLN A 134 13.70 20.56 12.85
N PRO A 135 14.54 19.52 12.96
CA PRO A 135 14.25 18.27 12.24
C PRO A 135 12.95 17.64 12.68
N PHE A 136 12.33 16.87 11.78
CA PHE A 136 11.13 16.13 12.10
C PHE A 136 11.41 15.11 13.19
N ARG A 137 10.34 14.60 13.80
CA ARG A 137 10.48 13.53 14.77
C ARG A 137 10.96 12.25 14.10
N PHE A 138 10.27 11.82 13.04
CA PHE A 138 10.62 10.63 12.30
C PHE A 138 10.93 10.97 10.84
N PRO A 139 11.84 10.23 10.21
CA PRO A 139 12.14 10.48 8.80
C PRO A 139 11.01 9.98 7.91
N LEU A 140 11.05 10.41 6.65
CA LEU A 140 10.09 9.96 5.65
C LEU A 140 10.53 8.63 5.05
N VAL A 141 9.65 7.64 5.15
CA VAL A 141 9.91 6.31 4.63
C VAL A 141 9.46 6.24 3.17
N SER A 142 10.34 5.70 2.32
CA SER A 142 10.06 5.51 0.92
C SER A 142 10.37 4.06 0.58
N VAL A 143 9.66 3.55 -0.43
CA VAL A 143 9.90 2.20 -0.94
C VAL A 143 9.72 2.27 -2.45
N ARG A 144 10.78 1.89 -3.19
CA ARG A 144 10.83 2.16 -4.63
C ARG A 144 10.40 3.60 -4.86
N ASN A 145 9.36 3.81 -5.65
CA ASN A 145 8.92 5.18 -5.96
C ASN A 145 7.65 5.55 -5.21
N VAL A 146 7.47 5.01 -4.01
CA VAL A 146 6.28 5.22 -3.19
C VAL A 146 6.71 5.87 -1.87
N TYR A 147 6.15 7.05 -1.59
CA TYR A 147 6.53 7.85 -0.43
C TYR A 147 5.36 7.89 0.54
N LEU A 148 5.61 7.46 1.77
CA LEU A 148 4.55 7.24 2.74
C LEU A 148 4.45 8.44 3.68
N PHE A 149 3.49 9.33 3.39
CA PHE A 149 3.20 10.48 4.24
C PHE A 149 2.14 10.14 5.28
N PRO A 150 2.08 10.91 6.37
CA PRO A 150 1.00 10.71 7.35
C PRO A 150 -0.30 11.35 6.88
N GLY A 151 -1.37 11.03 7.62
CA GLY A 151 -2.70 11.48 7.26
C GLY A 151 -3.15 12.73 8.01
N ILE A 152 -2.48 13.04 9.11
CA ILE A 152 -2.80 14.20 9.93
C ILE A 152 -2.59 15.45 9.08
N PRO A 153 -3.65 16.22 8.78
CA PRO A 153 -3.51 17.29 7.77
C PRO A 153 -2.42 18.32 8.07
N GLU A 154 -2.38 18.88 9.28
CA GLU A 154 -1.32 19.83 9.62
C GLU A 154 0.05 19.20 9.35
N LEU A 155 0.27 18.00 9.90
CA LEU A 155 1.55 17.34 9.75
C LEU A 155 1.83 17.03 8.30
N LEU A 156 0.79 16.69 7.52
CA LEU A 156 1.01 16.38 6.11
C LEU A 156 1.51 17.61 5.37
N ARG A 157 0.87 18.76 5.57
CA ARG A 157 1.31 19.98 4.90
C ARG A 157 2.75 20.32 5.30
N ARG A 158 3.06 20.23 6.60
CA ARG A 158 4.42 20.52 7.06
C ARG A 158 5.42 19.56 6.42
N VAL A 159 5.11 18.26 6.42
CA VAL A 159 6.08 17.28 5.94
C VAL A 159 6.29 17.42 4.44
N LEU A 160 5.20 17.60 3.68
CA LEU A 160 5.35 17.76 2.25
C LEU A 160 6.16 19.00 1.93
N GLU A 161 5.87 20.13 2.60
CA GLU A 161 6.68 21.32 2.37
C GLU A 161 8.15 21.04 2.67
N GLY A 162 8.41 20.30 3.76
CA GLY A 162 9.79 20.03 4.14
C GLY A 162 10.51 19.15 3.15
N MET A 163 9.80 18.19 2.55
CA MET A 163 10.41 17.18 1.71
C MET A 163 10.13 17.41 0.23
N LYS A 164 9.62 18.58 -0.14
CA LYS A 164 9.24 18.82 -1.53
C LYS A 164 10.43 18.75 -2.50
N GLY A 165 11.65 18.96 -2.01
CA GLY A 165 12.82 18.82 -2.87
C GLY A 165 12.84 17.48 -3.57
N LEU A 166 12.36 16.44 -2.88
CA LEU A 166 12.39 15.10 -3.44
C LEU A 166 11.62 14.99 -4.74
N PHE A 167 10.66 15.89 -4.99
CA PHE A 167 9.77 15.76 -6.13
C PHE A 167 9.97 16.84 -7.19
N GLN A 168 10.82 17.82 -6.93
CA GLN A 168 10.99 18.92 -7.86
C GLN A 168 11.45 18.40 -9.21
N ASN A 169 10.71 18.75 -10.26
CA ASN A 169 11.15 18.47 -11.61
C ASN A 169 11.86 19.71 -12.13
N PRO A 170 13.18 19.69 -12.31
CA PRO A 170 13.86 20.90 -12.78
C PRO A 170 13.56 21.22 -14.23
N ALA A 171 13.32 20.20 -15.05
CA ALA A 171 13.13 20.41 -16.48
C ALA A 171 11.86 21.18 -16.80
N VAL A 172 10.87 21.15 -15.91
CA VAL A 172 9.54 21.68 -16.21
C VAL A 172 9.16 22.74 -15.19
N GLN A 173 8.58 23.82 -15.70
CA GLN A 173 7.95 24.87 -14.91
C GLN A 173 6.62 25.16 -15.59
N PHE A 174 5.52 25.16 -14.84
CA PHE A 174 4.21 25.36 -15.44
C PHE A 174 3.80 26.82 -15.35
N HIS A 175 3.20 27.30 -16.44
CA HIS A 175 2.69 28.66 -16.57
C HIS A 175 1.19 28.57 -16.87
N SER A 176 0.42 29.45 -16.24
CA SER A 176 -1.03 29.37 -16.32
C SER A 176 -1.64 30.77 -16.39
N LYS A 177 -2.73 30.86 -17.14
CA LYS A 177 -3.54 32.07 -17.21
C LYS A 177 -5.01 31.72 -16.98
N GLU A 178 -5.72 32.64 -16.34
CA GLU A 178 -7.14 32.49 -16.04
C GLU A 178 -7.91 33.54 -16.81
N LEU A 179 -9.11 33.18 -17.28
CA LEU A 179 -9.93 34.12 -18.02
C LEU A 179 -11.39 33.94 -17.64
N TYR A 180 -12.12 35.06 -17.58
CA TYR A 180 -13.51 35.08 -17.15
C TYR A 180 -14.39 35.41 -18.35
N VAL A 181 -15.32 34.51 -18.68
CA VAL A 181 -16.18 34.65 -19.85
C VAL A 181 -17.62 34.76 -19.38
N ALA A 182 -18.31 35.82 -19.85
CA ALA A 182 -19.70 36.07 -19.49
C ALA A 182 -20.68 35.24 -20.32
N ALA A 183 -20.20 34.44 -21.27
CA ALA A 183 -21.05 33.57 -22.07
C ALA A 183 -21.05 32.17 -21.47
N ASP A 184 -22.13 31.43 -21.73
CA ASP A 184 -22.24 30.06 -21.27
C ASP A 184 -21.29 29.15 -22.03
N GLU A 185 -21.08 27.95 -21.48
CA GLU A 185 -20.11 27.02 -22.07
C GLU A 185 -20.53 26.58 -23.48
N ALA A 186 -21.85 26.46 -23.72
CA ALA A 186 -22.32 25.96 -25.00
C ALA A 186 -21.97 26.88 -26.14
N SER A 187 -22.04 28.20 -25.93
CA SER A 187 -21.82 29.13 -27.04
C SER A 187 -20.36 29.16 -27.48
N ILE A 188 -19.44 29.17 -26.52
CA ILE A 188 -18.02 29.28 -26.87
C ILE A 188 -17.34 27.94 -27.10
N ALA A 189 -18.00 26.82 -26.82
CA ALA A 189 -17.36 25.53 -27.06
C ALA A 189 -16.74 25.39 -28.45
N PRO A 190 -17.40 25.78 -29.55
CA PRO A 190 -16.76 25.63 -30.88
C PRO A 190 -15.49 26.44 -31.03
N ILE A 191 -15.48 27.69 -30.56
CA ILE A 191 -14.27 28.51 -30.66
C ILE A 191 -13.14 27.87 -29.88
N LEU A 192 -13.44 27.32 -28.70
CA LEU A 192 -12.42 26.66 -27.91
C LEU A 192 -11.87 25.45 -28.64
N ALA A 193 -12.76 24.66 -29.25
CA ALA A 193 -12.30 23.51 -30.03
C ALA A 193 -11.37 23.94 -31.15
N GLU A 194 -11.76 24.96 -31.91
CA GLU A 194 -10.92 25.43 -33.01
C GLU A 194 -9.57 25.88 -32.50
N ALA A 195 -9.55 26.65 -31.41
CA ALA A 195 -8.27 27.13 -30.87
C ALA A 195 -7.40 25.98 -30.39
N GLN A 196 -8.00 25.01 -29.70
CA GLN A 196 -7.24 23.86 -29.22
C GLN A 196 -6.61 23.11 -30.39
N ALA A 197 -7.38 22.90 -31.45
CA ALA A 197 -6.85 22.24 -32.64
C ALA A 197 -5.69 23.05 -33.23
N HIS A 198 -5.90 24.36 -33.40
CA HIS A 198 -4.86 25.19 -34.00
C HIS A 198 -3.57 25.14 -33.19
N PHE A 199 -3.67 25.12 -31.86
CA PHE A 199 -2.48 25.12 -31.02
C PHE A 199 -2.00 23.72 -30.65
N GLY A 200 -2.87 22.72 -30.68
CA GLY A 200 -2.49 21.34 -30.44
C GLY A 200 -1.77 21.02 -29.14
N ARG A 201 -0.50 20.62 -29.25
CA ARG A 201 0.27 20.15 -28.11
C ARG A 201 0.86 21.28 -27.29
N ARG A 202 0.96 22.48 -27.86
CA ARG A 202 1.71 23.55 -27.21
C ARG A 202 1.10 23.94 -25.86
N LEU A 203 -0.23 23.91 -25.78
CA LEU A 203 -0.91 24.45 -24.60
C LEU A 203 -2.26 23.75 -24.46
N GLY A 204 -2.69 23.60 -23.21
CA GLY A 204 -3.97 22.98 -22.91
C GLY A 204 -4.96 24.04 -22.47
N LEU A 205 -6.12 24.03 -23.14
CA LEU A 205 -7.18 25.00 -22.92
C LEU A 205 -8.36 24.22 -22.34
N GLY A 206 -8.81 24.62 -21.14
CA GLY A 206 -9.93 23.98 -20.50
C GLY A 206 -10.97 24.99 -20.07
N SER A 207 -12.14 24.48 -19.69
CA SER A 207 -13.25 25.33 -19.30
C SER A 207 -14.03 24.71 -18.16
N TYR A 208 -14.49 25.55 -17.23
CA TYR A 208 -15.43 25.08 -16.22
C TYR A 208 -16.31 26.23 -15.74
N PRO A 209 -17.58 25.96 -15.45
CA PRO A 209 -18.43 27.03 -14.89
C PRO A 209 -18.17 27.27 -13.42
N ASP A 210 -18.32 28.54 -13.03
CA ASP A 210 -18.46 28.93 -11.63
C ASP A 210 -19.64 29.88 -11.54
N TRP A 211 -20.60 29.57 -10.67
CA TRP A 211 -21.94 30.11 -10.79
C TRP A 211 -22.18 31.42 -10.03
N GLY A 212 -21.49 31.67 -8.93
CA GLY A 212 -21.92 32.74 -8.05
C GLY A 212 -21.29 34.10 -8.18
N SER A 213 -21.40 34.75 -9.32
CA SER A 213 -20.89 36.10 -9.47
C SER A 213 -21.67 36.81 -10.57
N ASN A 214 -21.71 38.14 -10.50
CA ASN A 214 -22.47 38.99 -11.39
C ASN A 214 -21.75 39.31 -12.69
N TYR A 215 -20.52 38.83 -12.87
CA TYR A 215 -19.67 39.29 -13.95
C TYR A 215 -19.19 38.20 -14.89
N TYR A 216 -19.33 36.93 -14.53
CA TYR A 216 -18.94 35.85 -15.42
C TYR A 216 -19.68 34.58 -15.07
N GLN A 217 -19.93 33.77 -16.09
CA GLN A 217 -20.54 32.46 -15.94
C GLN A 217 -19.54 31.33 -16.10
N VAL A 218 -18.54 31.52 -16.94
CA VAL A 218 -17.58 30.46 -17.26
C VAL A 218 -16.17 30.97 -17.00
N LYS A 219 -15.27 30.05 -16.67
CA LYS A 219 -13.86 30.36 -16.51
C LYS A 219 -13.04 29.46 -17.42
N LEU A 220 -12.27 30.09 -18.31
CA LEU A 220 -11.32 29.41 -19.16
C LEU A 220 -9.96 29.38 -18.46
N THR A 221 -9.23 28.28 -18.67
CA THR A 221 -7.93 28.06 -18.05
C THR A 221 -6.94 27.66 -19.13
N LEU A 222 -5.84 28.40 -19.23
CA LEU A 222 -4.79 28.14 -20.19
C LEU A 222 -3.55 27.66 -19.46
N ASP A 223 -2.96 26.58 -19.95
CA ASP A 223 -1.82 25.93 -19.30
C ASP A 223 -0.74 25.61 -20.31
N SER A 224 0.51 25.85 -19.95
CA SER A 224 1.62 25.44 -20.80
C SER A 224 2.88 25.34 -19.96
N GLU A 225 3.93 24.78 -20.58
CA GLU A 225 5.23 24.73 -19.96
C GLU A 225 6.01 26.03 -20.16
N GLU A 226 5.59 26.86 -21.10
CA GLU A 226 6.21 28.15 -21.39
C GLU A 226 5.18 29.26 -21.32
N GLU A 227 5.68 30.49 -21.20
CA GLU A 227 4.82 31.65 -21.02
C GLU A 227 4.23 32.14 -22.34
N GLY A 228 4.99 32.07 -23.42
CA GLY A 228 4.57 32.63 -24.70
C GLY A 228 3.26 32.11 -25.22
N PRO A 229 3.15 30.78 -25.32
CA PRO A 229 1.91 30.18 -25.87
C PRO A 229 0.66 30.70 -25.19
N LEU A 230 0.76 31.04 -23.90
CA LEU A 230 -0.40 31.55 -23.19
C LEU A 230 -0.87 32.87 -23.79
N GLU A 231 0.03 33.82 -24.01
CA GLU A 231 -0.40 35.09 -24.59
C GLU A 231 -0.85 34.91 -26.03
N GLU A 232 -0.16 34.06 -26.80
CA GLU A 232 -0.59 33.81 -28.17
C GLU A 232 -2.04 33.34 -28.19
N CYS A 233 -2.38 32.40 -27.31
CA CYS A 233 -3.76 31.93 -27.26
C CYS A 233 -4.69 33.02 -26.75
N LEU A 234 -4.22 33.86 -25.82
CA LEU A 234 -5.02 34.99 -25.40
C LEU A 234 -5.43 35.86 -26.59
N ALA A 235 -4.47 36.18 -27.45
CA ALA A 235 -4.78 36.98 -28.62
C ALA A 235 -5.76 36.25 -29.54
N TYR A 236 -5.46 34.99 -29.85
CA TYR A 236 -6.33 34.18 -30.69
C TYR A 236 -7.76 34.21 -30.17
N LEU A 237 -7.95 33.97 -28.87
CA LEU A 237 -9.29 33.91 -28.30
C LEU A 237 -9.95 35.28 -28.26
N THR A 238 -9.23 36.31 -27.81
CA THR A 238 -9.80 37.65 -27.80
C THR A 238 -10.30 38.02 -29.18
N ALA A 239 -9.64 37.50 -30.23
CA ALA A 239 -10.09 37.76 -31.59
C ALA A 239 -11.34 36.92 -31.91
N ARG A 240 -11.25 35.61 -31.75
CA ARG A 240 -12.35 34.73 -32.13
C ARG A 240 -13.61 35.03 -31.30
N LEU A 241 -13.47 35.02 -29.98
CA LEU A 241 -14.62 35.25 -29.13
C LEU A 241 -15.22 36.63 -29.42
N PRO A 242 -16.55 36.77 -29.29
CA PRO A 242 -17.13 38.10 -29.53
C PRO A 242 -16.53 39.09 -28.55
N GLN A 243 -16.43 40.35 -28.99
CA GLN A 243 -15.74 41.34 -28.19
C GLN A 243 -16.51 41.60 -26.90
N GLY A 244 -15.79 41.71 -25.80
CA GLY A 244 -16.38 41.89 -24.48
C GLY A 244 -16.70 40.60 -23.74
N SER A 245 -16.51 39.45 -24.38
CA SER A 245 -16.75 38.18 -23.69
C SER A 245 -15.88 38.09 -22.44
N LEU A 246 -14.61 38.49 -22.55
CA LEU A 246 -13.67 38.43 -21.45
C LEU A 246 -13.83 39.64 -20.53
N VAL A 247 -13.66 39.39 -19.23
CA VAL A 247 -13.83 40.39 -18.20
C VAL A 247 -12.52 40.46 -17.38
N PRO A 248 -12.00 41.66 -17.10
CA PRO A 248 -10.79 41.77 -16.23
C PRO A 248 -11.16 41.71 -14.75
N TYR A 249 -11.78 40.62 -14.34
CA TYR A 249 -12.34 40.52 -13.00
C TYR A 249 -11.23 40.41 -11.95
N MET A 250 -11.41 41.14 -10.84
CA MET A 250 -10.49 41.15 -9.71
C MET A 250 -11.24 41.05 -8.38
N PRO A 251 -10.72 40.26 -7.42
CA PRO A 251 -11.31 40.28 -6.07
C PRO A 251 -10.88 41.53 -5.33
N ASN A 252 -11.73 42.57 -5.33
CA ASN A 252 -11.37 43.87 -4.79
C ASN A 252 -11.97 44.14 -3.42
N ALA A 253 -13.19 43.67 -3.17
CA ALA A 253 -13.99 44.18 -2.06
C ALA A 253 -13.21 44.26 -0.76
N VAL A 254 -12.46 43.21 -0.42
CA VAL A 254 -11.94 43.07 0.93
C VAL A 254 -10.72 43.95 1.15
N GLU A 255 -9.75 43.90 0.24
CA GLU A 255 -8.49 44.62 0.45
C GLU A 255 -8.26 45.71 -0.58
N GLN A 256 -8.18 45.38 -1.87
CA GLN A 256 -7.91 46.42 -2.87
C GLN A 256 -9.00 47.48 -2.90
N ALA A 257 -10.19 47.20 -2.36
CA ALA A 257 -11.29 48.16 -2.46
C ALA A 257 -10.86 49.54 -1.96
N SER A 258 -10.09 49.59 -0.88
CA SER A 258 -9.64 50.87 -0.35
C SER A 258 -8.88 51.67 -1.41
N GLU A 259 -7.80 51.08 -1.94
CA GLU A 259 -6.97 51.79 -2.89
C GLU A 259 -7.66 51.93 -4.23
N ALA A 260 -8.47 50.95 -4.62
CA ALA A 260 -9.15 51.04 -5.91
C ALA A 260 -10.11 52.22 -5.92
N VAL A 261 -10.94 52.32 -4.87
CA VAL A 261 -11.86 53.45 -4.76
C VAL A 261 -11.09 54.76 -4.75
N TYR A 262 -10.00 54.83 -3.97
CA TYR A 262 -9.26 56.09 -3.89
C TYR A 262 -8.69 56.46 -5.26
N LYS A 263 -8.20 55.45 -6.01
CA LYS A 263 -7.70 55.69 -7.36
C LYS A 263 -8.80 56.25 -8.26
N LEU A 264 -9.98 55.61 -8.24
CA LEU A 264 -11.09 56.15 -9.03
C LEU A 264 -11.38 57.59 -8.64
N ALA A 265 -11.23 57.92 -7.36
CA ALA A 265 -11.49 59.28 -6.92
C ALA A 265 -10.48 60.26 -7.51
N GLU A 266 -9.19 59.91 -7.47
CA GLU A 266 -8.18 60.84 -7.97
C GLU A 266 -8.18 60.95 -9.49
N SER A 267 -8.79 60.01 -10.20
CA SER A 267 -8.87 60.10 -11.65
C SER A 267 -9.71 61.31 -12.07
N GLY A 268 -9.36 61.88 -13.22
CA GLY A 268 -10.10 63.03 -13.73
C GLY A 268 -11.25 62.62 -14.62
N SER A 269 -12.26 61.98 -14.02
CA SER A 269 -13.46 61.56 -14.72
C SER A 269 -14.68 61.98 -13.91
N SER A 270 -15.82 62.11 -14.61
CA SER A 270 -17.08 62.45 -13.94
C SER A 270 -17.33 61.55 -12.74
N LEU A 271 -17.31 60.24 -12.95
CA LEU A 271 -17.51 59.31 -11.85
C LEU A 271 -16.47 59.53 -10.76
N GLY A 272 -15.23 59.82 -11.17
CA GLY A 272 -14.20 60.09 -10.18
C GLY A 272 -14.57 61.27 -9.29
N LYS A 273 -15.13 62.33 -9.88
CA LYS A 273 -15.53 63.48 -9.09
C LYS A 273 -16.68 63.13 -8.15
N LYS A 274 -17.68 62.37 -8.62
CA LYS A 274 -18.76 61.96 -7.73
C LYS A 274 -18.22 61.13 -6.56
N VAL A 275 -17.30 60.22 -6.84
CA VAL A 275 -16.70 59.40 -5.78
C VAL A 275 -15.94 60.29 -4.81
N ALA A 276 -15.22 61.29 -5.34
CA ALA A 276 -14.48 62.20 -4.48
C ALA A 276 -15.40 62.93 -3.51
N GLY A 277 -16.56 63.38 -4.00
CA GLY A 277 -17.48 64.09 -3.13
C GLY A 277 -18.06 63.19 -2.05
N ALA A 278 -18.55 62.01 -2.45
CA ALA A 278 -19.08 61.08 -1.46
C ALA A 278 -18.02 60.76 -0.40
N LEU A 279 -16.79 60.53 -0.82
CA LEU A 279 -15.73 60.19 0.13
C LEU A 279 -15.39 61.37 1.04
N GLN A 280 -15.43 62.61 0.53
CA GLN A 280 -15.19 63.76 1.39
C GLN A 280 -16.24 63.83 2.49
N THR A 281 -17.51 63.63 2.14
CA THR A 281 -18.54 63.62 3.17
C THR A 281 -18.32 62.50 4.17
N ILE A 282 -17.93 61.31 3.70
CA ILE A 282 -17.73 60.19 4.62
C ILE A 282 -16.55 60.46 5.54
N GLU A 283 -15.48 61.07 5.03
CA GLU A 283 -14.35 61.43 5.87
C GLU A 283 -14.78 62.39 6.96
N THR A 284 -15.56 63.42 6.60
CA THR A 284 -16.10 64.31 7.63
C THR A 284 -16.92 63.53 8.64
N SER A 285 -17.69 62.54 8.16
CA SER A 285 -18.46 61.70 9.08
C SER A 285 -17.54 61.07 10.12
N LEU A 286 -16.43 60.50 9.67
CA LEU A 286 -15.49 59.88 10.59
C LEU A 286 -14.85 60.90 11.51
N ALA A 287 -14.70 62.14 11.05
CA ALA A 287 -14.08 63.17 11.88
C ALA A 287 -15.00 63.75 12.93
N GLN A 288 -16.31 63.69 12.73
CA GLN A 288 -17.22 64.21 13.75
C GLN A 288 -17.55 63.18 14.82
N TYR A 289 -17.68 61.91 14.42
CA TYR A 289 -18.11 60.87 15.32
C TYR A 289 -17.11 59.72 15.29
N SER A 290 -17.10 58.96 16.38
CA SER A 290 -16.37 57.70 16.37
C SER A 290 -17.17 56.65 15.57
N LEU A 291 -16.45 55.66 15.04
CA LEU A 291 -17.15 54.61 14.29
C LEU A 291 -18.15 53.88 15.18
N THR A 292 -17.82 53.69 16.45
CA THR A 292 -18.80 53.14 17.37
C THR A 292 -20.07 53.99 17.38
N GLN A 293 -19.95 55.26 17.00
CA GLN A 293 -21.07 56.18 16.96
C GLN A 293 -21.77 56.23 15.60
N LEU A 294 -21.22 55.59 14.56
CA LEU A 294 -21.79 55.59 13.23
C LEU A 294 -22.40 54.22 12.90
N CYS A 295 -23.36 54.23 11.97
CA CYS A 295 -23.95 53.00 11.47
C CYS A 295 -24.54 53.28 10.08
N VAL A 296 -24.53 52.25 9.24
CA VAL A 296 -24.92 52.37 7.84
C VAL A 296 -26.29 51.70 7.64
N GLY A 297 -27.25 52.47 7.13
CA GLY A 297 -28.54 51.91 6.78
C GLY A 297 -28.45 51.03 5.55
N PHE A 298 -28.86 49.77 5.66
CA PHE A 298 -28.67 48.79 4.59
C PHE A 298 -29.93 47.98 4.37
N ASN A 299 -30.62 48.25 3.26
CA ASN A 299 -31.84 47.54 2.89
C ASN A 299 -31.61 46.44 1.87
N GLY A 300 -30.37 46.27 1.40
CA GLY A 300 -30.02 45.25 0.45
C GLY A 300 -29.86 45.74 -0.98
N GLY A 301 -30.35 46.95 -1.29
CA GLY A 301 -30.33 47.43 -2.65
C GLY A 301 -28.97 47.96 -3.06
N LYS A 302 -28.90 48.50 -4.28
CA LYS A 302 -27.61 49.02 -4.76
C LYS A 302 -27.17 50.26 -3.99
N ASP A 303 -28.07 51.23 -3.81
CA ASP A 303 -27.66 52.47 -3.14
C ASP A 303 -26.91 52.13 -1.87
N CYS A 304 -27.48 51.23 -1.06
CA CYS A 304 -26.84 50.80 0.17
C CYS A 304 -25.58 50.00 -0.10
N THR A 305 -25.54 49.22 -1.19
CA THR A 305 -24.32 48.50 -1.53
C THR A 305 -23.16 49.45 -1.79
N ALA A 306 -23.38 50.44 -2.66
CA ALA A 306 -22.35 51.43 -2.96
C ALA A 306 -21.97 52.22 -1.72
N LEU A 307 -22.95 52.62 -0.91
CA LEU A 307 -22.65 53.34 0.31
C LEU A 307 -21.75 52.52 1.22
N LEU A 308 -22.07 51.23 1.37
CA LEU A 308 -21.27 50.37 2.23
C LEU A 308 -19.85 50.22 1.70
N HIS A 309 -19.72 50.05 0.38
CA HIS A 309 -18.38 49.92 -0.20
C HIS A 309 -17.56 51.17 0.01
N LEU A 310 -18.16 52.34 -0.25
CA LEU A 310 -17.45 53.59 -0.05
C LEU A 310 -17.04 53.76 1.41
N PHE A 311 -17.95 53.46 2.34
CA PHE A 311 -17.64 53.59 3.75
C PHE A 311 -16.49 52.67 4.13
N HIS A 312 -16.48 51.45 3.60
CA HIS A 312 -15.37 50.53 3.85
C HIS A 312 -14.05 51.08 3.33
N ALA A 313 -14.04 51.57 2.09
CA ALA A 313 -12.81 52.11 1.52
C ALA A 313 -12.28 53.25 2.38
N ALA A 314 -13.16 54.19 2.72
CA ALA A 314 -12.73 55.33 3.53
C ALA A 314 -12.22 54.89 4.90
N VAL A 315 -12.96 54.00 5.55
CA VAL A 315 -12.59 53.57 6.90
C VAL A 315 -11.22 52.92 6.91
N GLN A 316 -10.96 52.03 5.96
CA GLN A 316 -9.68 51.32 5.98
C GLN A 316 -8.51 52.30 5.96
N ARG A 317 -8.43 53.13 4.93
CA ARG A 317 -7.29 54.05 4.81
C ARG A 317 -7.25 55.07 5.95
N LYS A 318 -8.42 55.60 6.37
CA LYS A 318 -8.42 56.56 7.45
C LYS A 318 -7.96 55.92 8.76
N LEU A 319 -8.25 54.63 8.94
CA LEU A 319 -8.10 53.98 10.26
C LEU A 319 -7.58 52.56 10.06
N PRO A 320 -6.32 52.43 9.63
CA PRO A 320 -5.77 51.07 9.47
C PRO A 320 -5.41 50.40 10.78
N ASP A 321 -4.81 51.14 11.72
CA ASP A 321 -4.30 50.50 12.94
C ASP A 321 -5.43 49.98 13.81
N VAL A 322 -6.52 50.74 13.93
CA VAL A 322 -7.65 50.36 14.76
C VAL A 322 -8.41 49.22 14.09
N PRO A 323 -9.05 48.33 14.85
CA PRO A 323 -9.79 47.23 14.21
C PRO A 323 -10.94 47.68 13.31
N ASN A 324 -11.64 48.74 13.69
CA ASN A 324 -12.68 49.36 12.88
C ASN A 324 -13.65 48.36 12.24
N PRO A 325 -14.32 47.54 13.06
CA PRO A 325 -15.37 46.66 12.51
C PRO A 325 -16.61 47.46 12.10
N LEU A 326 -17.13 47.15 10.92
CA LEU A 326 -18.29 47.85 10.38
C LEU A 326 -19.60 47.50 11.06
N GLN A 327 -20.41 48.54 11.32
CA GLN A 327 -21.76 48.39 11.82
C GLN A 327 -22.76 48.77 10.72
N ILE A 328 -23.88 48.03 10.61
CA ILE A 328 -24.96 48.39 9.68
C ILE A 328 -26.30 48.25 10.36
N LEU A 329 -27.30 48.97 9.84
CA LEU A 329 -28.68 48.93 10.29
C LEU A 329 -29.54 48.35 9.17
N TYR A 330 -30.19 47.22 9.46
CA TYR A 330 -31.00 46.50 8.48
C TYR A 330 -32.46 46.44 8.89
N ILE A 331 -33.34 46.90 8.00
CA ILE A 331 -34.78 46.84 8.24
C ILE A 331 -35.44 45.85 7.28
N ARG A 332 -36.15 44.87 7.84
CA ARG A 332 -37.05 44.00 7.11
C ARG A 332 -38.47 44.46 7.41
N SER A 333 -39.30 44.53 6.36
CA SER A 333 -40.73 44.76 6.56
C SER A 333 -41.60 43.80 5.79
N ILE A 334 -41.15 43.25 4.66
CA ILE A 334 -41.87 42.30 3.84
C ILE A 334 -41.07 41.01 3.82
N SER A 335 -41.80 39.92 3.65
CA SER A 335 -41.21 38.60 3.53
C SER A 335 -40.00 38.64 2.60
N PRO A 336 -38.79 38.32 3.09
CA PRO A 336 -37.60 38.49 2.25
C PRO A 336 -37.70 37.69 0.96
N PHE A 337 -37.11 38.25 -0.08
CA PHE A 337 -36.85 37.53 -1.31
C PHE A 337 -35.79 36.46 -1.05
N PRO A 338 -35.80 35.36 -1.81
CA PRO A 338 -34.74 34.34 -1.59
C PRO A 338 -33.35 34.88 -1.93
N GLU A 339 -33.25 35.55 -3.08
CA GLU A 339 -31.99 36.17 -3.47
C GLU A 339 -31.54 37.18 -2.42
N LEU A 340 -32.49 37.88 -1.79
CA LEU A 340 -32.13 38.85 -0.77
C LEU A 340 -31.58 38.16 0.47
N GLU A 341 -32.16 37.03 0.84
CA GLU A 341 -31.63 36.28 1.98
C GLU A 341 -30.17 35.94 1.72
N GLN A 342 -29.93 35.33 0.56
CA GLN A 342 -28.57 34.91 0.24
C GLN A 342 -27.62 36.11 0.22
N PHE A 343 -28.00 37.21 -0.43
CA PHE A 343 -27.12 38.36 -0.54
C PHE A 343 -26.82 38.99 0.82
N LEU A 344 -27.84 39.11 1.68
CA LEU A 344 -27.60 39.77 2.95
C LEU A 344 -26.62 38.97 3.80
N GLN A 345 -26.80 37.66 3.88
CA GLN A 345 -25.83 36.86 4.63
C GLN A 345 -24.42 36.98 4.02
N ASP A 346 -24.34 36.88 2.68
CA ASP A 346 -23.05 36.99 2.01
C ASP A 346 -22.39 38.32 2.34
N THR A 347 -23.16 39.41 2.36
CA THR A 347 -22.58 40.73 2.56
C THR A 347 -22.04 40.87 3.96
N ILE A 348 -22.85 40.51 4.96
CA ILE A 348 -22.31 40.63 6.31
C ILE A 348 -21.08 39.75 6.48
N LYS A 349 -21.05 38.60 5.85
CA LYS A 349 -19.85 37.78 5.94
C LYS A 349 -18.63 38.45 5.31
N ARG A 350 -18.79 39.01 4.11
CA ARG A 350 -17.67 39.67 3.46
C ARG A 350 -17.13 40.80 4.32
N TYR A 351 -18.01 41.69 4.78
CA TYR A 351 -17.56 42.89 5.46
C TYR A 351 -17.44 42.72 6.97
N ASN A 352 -17.89 41.59 7.54
CA ASN A 352 -17.85 41.38 8.99
C ASN A 352 -18.72 42.42 9.70
N LEU A 353 -19.96 42.52 9.26
CA LEU A 353 -20.87 43.56 9.72
C LEU A 353 -21.58 43.15 11.01
N GLN A 354 -22.18 44.16 11.65
CA GLN A 354 -22.97 43.99 12.87
C GLN A 354 -24.42 44.29 12.51
N MET A 355 -25.26 43.26 12.52
CA MET A 355 -26.68 43.43 12.20
C MET A 355 -27.48 43.57 13.48
N LEU A 356 -28.11 44.75 13.66
CA LEU A 356 -29.08 44.97 14.73
C LEU A 356 -30.45 45.11 14.07
N GLU A 357 -31.12 43.99 13.90
CA GLU A 357 -32.30 43.93 13.05
C GLU A 357 -33.55 44.33 13.84
N ALA A 358 -34.15 45.45 13.44
CA ALA A 358 -35.54 45.75 13.73
C ALA A 358 -36.34 45.48 12.46
N GLU A 359 -37.60 45.11 12.64
CA GLU A 359 -38.48 44.69 11.55
C GLU A 359 -39.64 45.66 11.47
N GLY A 360 -39.57 46.57 10.51
CA GLY A 360 -40.62 47.54 10.30
C GLY A 360 -40.06 48.78 9.64
N SER A 361 -40.74 49.90 9.86
CA SER A 361 -40.31 51.17 9.28
C SER A 361 -38.96 51.59 9.85
N MET A 362 -38.23 52.38 9.05
CA MET A 362 -36.90 52.84 9.47
C MET A 362 -36.95 53.53 10.83
N LYS A 363 -37.93 54.40 11.05
CA LYS A 363 -38.07 55.10 12.32
C LYS A 363 -38.17 54.12 13.50
N GLN A 364 -38.97 53.07 13.34
CA GLN A 364 -39.10 52.05 14.37
C GLN A 364 -37.74 51.42 14.69
N ALA A 365 -37.01 51.03 13.64
CA ALA A 365 -35.68 50.49 13.83
C ALA A 365 -34.77 51.48 14.52
N LEU A 366 -34.93 52.77 14.21
CA LEU A 366 -34.09 53.79 14.83
C LEU A 366 -34.34 53.86 16.32
N GLY A 367 -35.59 53.74 16.75
CA GLY A 367 -35.87 53.66 18.17
C GLY A 367 -35.23 52.44 18.81
N GLU A 368 -35.39 51.29 18.17
CA GLU A 368 -34.74 50.08 18.68
C GLU A 368 -33.23 50.29 18.83
N LEU A 369 -32.61 50.94 17.83
CA LEU A 369 -31.16 51.15 17.86
C LEU A 369 -30.75 52.08 18.99
N GLN A 370 -31.48 53.17 19.17
CA GLN A 370 -31.20 54.03 20.32
C GLN A 370 -31.24 53.22 21.60
N ALA A 371 -32.13 52.23 21.67
CA ALA A 371 -32.21 51.42 22.88
C ALA A 371 -31.01 50.49 23.03
N ARG A 372 -30.66 49.76 21.96
CA ARG A 372 -29.58 48.78 22.05
C ARG A 372 -28.22 49.42 22.30
N HIS A 373 -27.92 50.52 21.63
CA HIS A 373 -26.62 51.17 21.74
C HIS A 373 -26.74 52.61 22.17
N PRO A 374 -26.28 52.97 23.38
CA PRO A 374 -26.35 54.38 23.80
C PRO A 374 -25.33 55.25 23.08
N GLN A 375 -24.26 54.68 22.55
CA GLN A 375 -23.22 55.50 21.91
C GLN A 375 -23.61 55.96 20.52
N LEU A 376 -24.49 55.22 19.83
CA LEU A 376 -24.80 55.57 18.46
C LEU A 376 -25.52 56.91 18.40
N GLU A 377 -25.02 57.79 17.52
CA GLU A 377 -25.57 59.13 17.39
C GLU A 377 -25.87 59.55 15.96
N ALA A 378 -25.49 58.77 14.95
CA ALA A 378 -25.66 59.17 13.56
C ALA A 378 -25.82 57.95 12.68
N VAL A 379 -26.50 58.14 11.56
CA VAL A 379 -26.81 57.07 10.62
C VAL A 379 -26.44 57.54 9.22
N LEU A 380 -25.73 56.69 8.48
CA LEU A 380 -25.45 56.96 7.07
C LEU A 380 -26.63 56.47 6.23
N MET A 381 -27.04 57.30 5.27
CA MET A 381 -28.22 57.02 4.47
C MET A 381 -27.90 57.05 2.99
N GLY A 382 -28.53 56.16 2.24
CA GLY A 382 -28.33 56.14 0.81
C GLY A 382 -29.36 56.97 0.05
N THR A 383 -30.00 57.93 0.73
CA THR A 383 -30.92 58.82 0.03
C THR A 383 -30.15 59.57 -1.05
N ARG A 384 -30.84 59.93 -2.13
CA ARG A 384 -30.20 60.59 -3.25
C ARG A 384 -31.08 61.73 -3.77
N ARG A 385 -30.53 62.45 -4.75
CA ARG A 385 -31.19 63.62 -5.32
C ARG A 385 -32.38 63.22 -6.18
N THR A 386 -32.39 61.97 -6.68
CA THR A 386 -33.54 61.48 -7.45
C THR A 386 -34.68 61.06 -6.53
N ASP A 387 -34.34 60.60 -5.33
CA ASP A 387 -35.33 60.24 -4.32
C ASP A 387 -36.09 61.48 -3.85
N PRO A 388 -37.42 61.39 -3.63
CA PRO A 388 -38.18 62.58 -3.20
C PRO A 388 -37.64 63.18 -1.90
N TYR A 389 -38.20 64.30 -1.44
CA TYR A 389 -37.60 65.04 -0.31
C TYR A 389 -36.18 65.49 -0.69
N SER A 390 -35.97 65.78 -1.98
CA SER A 390 -34.62 65.95 -2.51
C SER A 390 -34.10 67.37 -2.30
N CYS A 391 -34.99 68.36 -2.40
CA CYS A 391 -34.57 69.74 -2.15
C CYS A 391 -34.27 69.99 -0.68
N SER A 392 -35.03 69.35 0.21
CA SER A 392 -34.84 69.58 1.65
C SER A 392 -33.56 68.94 2.18
N LEU A 393 -33.09 67.89 1.53
CA LEU A 393 -31.95 67.16 2.06
C LEU A 393 -30.69 68.01 2.05
N CYS A 394 -29.90 67.89 3.12
CA CYS A 394 -28.54 68.39 3.23
C CYS A 394 -27.61 67.20 3.45
N PRO A 395 -26.29 67.38 3.26
CA PRO A 395 -25.38 66.26 3.57
C PRO A 395 -25.54 65.77 4.99
N PHE A 396 -25.72 66.69 5.91
CA PHE A 396 -26.03 66.41 7.30
C PHE A 396 -27.43 66.97 7.56
N SER A 397 -28.45 66.09 7.62
CA SER A 397 -29.82 66.47 8.02
C SER A 397 -30.25 65.80 9.33
N PRO A 398 -30.69 66.55 10.36
CA PRO A 398 -31.07 65.92 11.64
C PRO A 398 -32.42 65.23 11.54
N THR A 399 -32.64 64.27 12.44
CA THR A 399 -33.87 63.51 12.43
C THR A 399 -35.04 64.36 12.91
N ASP A 400 -36.22 64.06 12.38
CA ASP A 400 -37.44 64.76 12.71
C ASP A 400 -37.72 64.67 14.21
N PRO A 401 -38.55 65.58 14.74
CA PRO A 401 -38.79 65.58 16.19
C PRO A 401 -39.48 64.32 16.70
N GLY A 402 -40.52 63.87 16.00
CA GLY A 402 -41.22 62.67 16.45
C GLY A 402 -40.34 61.45 16.48
N TRP A 403 -39.53 61.27 15.44
CA TRP A 403 -38.63 60.13 15.30
C TRP A 403 -37.63 60.17 16.45
N PRO A 404 -36.86 59.12 16.69
CA PRO A 404 -35.74 59.26 17.62
C PRO A 404 -34.62 60.07 16.97
N ALA A 405 -34.01 60.96 17.75
CA ALA A 405 -33.10 61.98 17.22
C ALA A 405 -31.75 61.37 16.88
N PHE A 406 -31.45 61.28 15.58
CA PHE A 406 -30.13 60.95 15.08
C PHE A 406 -29.86 61.88 13.91
N MET A 407 -28.58 62.12 13.64
CA MET A 407 -28.16 63.04 12.58
C MET A 407 -27.72 62.21 11.38
N ARG A 408 -28.47 62.33 10.27
CA ARG A 408 -28.29 61.52 9.07
C ARG A 408 -27.25 62.14 8.16
N ILE A 409 -26.35 61.29 7.66
CA ILE A 409 -25.30 61.65 6.71
C ILE A 409 -25.62 60.99 5.37
N ASN A 410 -25.66 61.81 4.31
CA ASN A 410 -26.06 61.38 2.99
C ASN A 410 -24.90 61.60 2.02
N PRO A 411 -23.93 60.68 1.97
CA PRO A 411 -22.79 60.89 1.07
C PRO A 411 -23.19 60.83 -0.40
N LEU A 412 -24.16 59.99 -0.74
CA LEU A 412 -24.59 59.77 -2.11
C LEU A 412 -25.68 60.75 -2.53
N LEU A 413 -25.75 61.91 -1.89
CA LEU A 413 -26.89 62.79 -2.08
C LEU A 413 -26.98 63.28 -3.51
N ASP A 414 -25.86 63.70 -4.09
CA ASP A 414 -25.82 64.20 -5.45
C ASP A 414 -25.57 63.11 -6.49
N TRP A 415 -25.46 61.87 -6.08
CA TRP A 415 -25.23 60.78 -7.02
C TRP A 415 -26.48 60.48 -7.83
N THR A 416 -26.29 60.12 -9.09
CA THR A 416 -27.37 59.74 -9.99
C THR A 416 -27.31 58.25 -10.30
N TYR A 417 -28.48 57.70 -10.64
CA TYR A 417 -28.64 56.29 -10.99
C TYR A 417 -27.51 55.79 -11.91
N ARG A 418 -27.24 56.53 -12.99
CA ARG A 418 -26.14 56.18 -13.86
C ARG A 418 -24.82 56.12 -13.10
N ASP A 419 -24.59 57.08 -12.21
CA ASP A 419 -23.34 57.10 -11.46
C ASP A 419 -23.24 55.92 -10.51
N ILE A 420 -24.35 55.56 -9.84
CA ILE A 420 -24.34 54.39 -8.97
C ILE A 420 -23.91 53.16 -9.76
N TRP A 421 -24.50 52.98 -10.93
CA TRP A 421 -24.18 51.79 -11.71
C TRP A 421 -22.75 51.80 -12.24
N ASP A 422 -22.28 52.95 -12.72
CA ASP A 422 -20.91 53.02 -13.20
C ASP A 422 -19.94 52.68 -12.07
N PHE A 423 -20.18 53.25 -10.90
CA PHE A 423 -19.32 52.99 -9.75
C PHE A 423 -19.33 51.53 -9.36
N LEU A 424 -20.50 50.90 -9.32
CA LEU A 424 -20.55 49.50 -8.91
C LEU A 424 -19.86 48.59 -9.92
N ARG A 425 -20.12 48.79 -11.21
CA ARG A 425 -19.60 47.86 -12.21
C ARG A 425 -18.10 48.06 -12.43
N GLN A 426 -17.63 49.32 -12.46
CA GLN A 426 -16.23 49.54 -12.79
C GLN A 426 -15.30 48.86 -11.80
N LEU A 427 -15.69 48.79 -10.53
CA LEU A 427 -14.89 48.15 -9.49
C LEU A 427 -15.33 46.72 -9.21
N PHE A 428 -16.30 46.20 -9.96
CA PHE A 428 -16.75 44.80 -9.84
C PHE A 428 -17.35 44.50 -8.47
N VAL A 429 -18.06 45.48 -7.91
CA VAL A 429 -18.72 45.30 -6.61
C VAL A 429 -19.88 44.33 -6.77
N PRO A 430 -20.07 43.38 -5.83
CA PRO A 430 -21.22 42.48 -5.92
C PRO A 430 -22.52 43.09 -5.39
N TYR A 431 -23.62 42.71 -6.01
CA TYR A 431 -24.94 43.19 -5.62
C TYR A 431 -25.96 42.08 -5.81
N CYS A 432 -27.19 42.33 -5.37
CA CYS A 432 -28.22 41.32 -5.46
C CYS A 432 -28.43 40.95 -6.92
N ILE A 433 -28.54 39.65 -7.16
CA ILE A 433 -28.60 39.18 -8.53
C ILE A 433 -29.90 39.59 -9.18
N LEU A 434 -30.96 39.82 -8.40
CA LEU A 434 -32.24 40.17 -9.02
C LEU A 434 -32.06 41.36 -9.97
N TYR A 435 -31.15 42.28 -9.65
CA TYR A 435 -30.91 43.44 -10.51
C TYR A 435 -30.47 43.02 -11.91
N ASP A 436 -29.65 41.97 -12.00
CA ASP A 436 -29.22 41.43 -13.29
C ASP A 436 -30.34 40.77 -14.07
N ARG A 437 -31.46 40.42 -13.43
CA ARG A 437 -32.54 39.71 -14.11
C ARG A 437 -33.58 40.64 -14.74
N GLY A 438 -33.35 41.95 -14.72
CA GLY A 438 -34.26 42.89 -15.35
C GLY A 438 -35.08 43.73 -14.39
N TYR A 439 -34.94 43.51 -13.09
CA TYR A 439 -35.61 44.35 -12.09
C TYR A 439 -34.83 45.64 -11.89
N THR A 440 -35.52 46.78 -11.97
CA THR A 440 -34.90 48.08 -11.76
C THR A 440 -34.90 48.53 -10.30
N SER A 441 -35.79 47.99 -9.48
CA SER A 441 -35.85 48.32 -8.06
C SER A 441 -36.13 47.08 -7.23
N LEU A 442 -35.45 46.95 -6.10
CA LEU A 442 -35.72 45.86 -5.16
C LEU A 442 -36.71 46.38 -4.13
N GLY A 443 -37.96 45.91 -4.22
CA GLY A 443 -38.98 46.29 -3.25
C GLY A 443 -39.69 45.08 -2.67
N SER A 444 -40.87 45.29 -2.10
CA SER A 444 -41.66 44.17 -1.62
C SER A 444 -42.12 43.29 -2.79
N ARG A 445 -42.71 42.14 -2.43
CA ARG A 445 -43.13 41.17 -3.43
C ARG A 445 -44.27 41.73 -4.30
N GLU A 446 -45.19 42.49 -3.70
CA GLU A 446 -46.24 43.13 -4.47
C GLU A 446 -45.72 44.32 -5.28
N ASN A 447 -44.57 44.87 -4.92
CA ASN A 447 -44.04 46.09 -5.49
C ASN A 447 -43.13 45.86 -6.69
N THR A 448 -42.52 44.70 -6.82
CA THR A 448 -41.44 44.52 -7.78
C THR A 448 -41.94 44.02 -9.13
N VAL A 449 -41.39 44.62 -10.19
CA VAL A 449 -41.67 44.28 -11.58
C VAL A 449 -40.38 44.52 -12.36
N ARG A 450 -40.35 44.07 -13.61
CA ARG A 450 -39.27 44.40 -14.53
C ARG A 450 -39.82 45.27 -15.65
N ASN A 451 -39.22 46.44 -15.82
CA ASN A 451 -39.61 47.37 -16.87
C ASN A 451 -38.96 47.05 -18.21
N PRO A 452 -37.71 46.58 -18.25
CA PRO A 452 -37.09 46.29 -19.55
C PRO A 452 -37.61 44.99 -20.17
N ALA A 453 -37.98 45.07 -21.44
CA ALA A 453 -38.49 43.94 -22.22
C ALA A 453 -38.90 42.72 -21.42
N PRO A 467 -30.53 43.56 -18.59
CA PRO A 467 -30.04 43.85 -17.22
C PRO A 467 -30.56 45.20 -16.71
N ALA A 468 -30.37 45.45 -15.42
CA ALA A 468 -30.81 46.71 -14.84
C ALA A 468 -29.82 47.84 -15.11
N TYR A 469 -28.52 47.52 -15.25
CA TYR A 469 -27.48 48.54 -15.40
C TYR A 469 -27.42 49.17 -16.78
N LEU A 470 -28.33 48.82 -17.69
CA LEU A 470 -28.43 49.50 -18.97
C LEU A 470 -29.57 50.51 -19.02
N LEU A 471 -30.56 50.39 -18.13
CA LEU A 471 -31.65 51.35 -18.03
C LEU A 471 -31.11 52.74 -17.72
N GLU A 472 -31.55 53.72 -18.49
CA GLU A 472 -30.94 55.05 -18.41
C GLU A 472 -31.39 55.80 -17.16
N ASN A 473 -32.68 55.77 -16.84
CA ASN A 473 -33.20 56.55 -15.73
C ASN A 473 -33.40 55.69 -14.48
N SER B 5 -26.00 -5.49 1.92
CA SER B 5 -24.69 -5.11 1.43
C SER B 5 -24.77 -4.43 0.06
N VAL B 6 -25.19 -3.17 0.07
CA VAL B 6 -25.27 -2.35 -1.13
C VAL B 6 -23.99 -1.54 -1.19
N THR B 7 -23.19 -1.76 -2.23
CA THR B 7 -21.90 -1.11 -2.36
C THR B 7 -21.97 -0.04 -3.43
N ALA B 8 -21.02 0.90 -3.36
CA ALA B 8 -21.03 2.00 -4.31
C ALA B 8 -19.61 2.48 -4.57
N GLY B 9 -19.36 2.82 -5.83
CA GLY B 9 -18.13 3.45 -6.24
C GLY B 9 -18.42 4.82 -6.83
N ILE B 10 -17.45 5.72 -6.71
CA ILE B 10 -17.60 7.11 -7.11
C ILE B 10 -16.48 7.47 -8.06
N ILE B 11 -16.82 8.12 -9.17
CA ILE B 11 -15.83 8.58 -10.14
C ILE B 11 -15.97 10.09 -10.34
N ILE B 12 -14.94 10.83 -9.91
CA ILE B 12 -14.87 12.28 -10.05
C ILE B 12 -14.08 12.61 -11.31
N VAL B 13 -14.73 13.24 -12.30
CA VAL B 13 -14.13 13.55 -13.59
C VAL B 13 -13.80 15.04 -13.66
N GLY B 14 -12.57 15.35 -14.09
CA GLY B 14 -12.19 16.73 -14.32
C GLY B 14 -10.70 17.01 -14.19
N ASP B 15 -10.04 17.46 -15.26
CA ASP B 15 -8.62 17.77 -15.20
C ASP B 15 -8.32 18.85 -14.17
N GLU B 16 -9.17 19.87 -14.09
CA GLU B 16 -8.90 21.01 -13.22
C GLU B 16 -8.76 20.56 -11.77
N ILE B 17 -9.56 19.58 -11.37
CA ILE B 17 -9.46 19.08 -10.00
C ILE B 17 -8.06 18.53 -9.75
N LEU B 18 -7.52 17.76 -10.69
CA LEU B 18 -6.21 17.15 -10.52
C LEU B 18 -5.09 18.17 -10.54
N LYS B 19 -5.17 19.16 -11.43
CA LYS B 19 -4.08 20.12 -11.52
C LYS B 19 -3.94 20.98 -10.26
N GLY B 20 -4.99 21.08 -9.43
CA GLY B 20 -5.00 21.92 -8.27
C GLY B 20 -5.68 23.26 -8.46
N HIS B 21 -6.18 23.54 -9.66
CA HIS B 21 -6.90 24.80 -9.90
C HIS B 21 -8.05 24.96 -8.90
N THR B 22 -8.85 23.93 -8.72
CA THR B 22 -10.01 23.98 -7.83
C THR B 22 -10.04 22.74 -6.95
N GLN B 23 -10.65 22.89 -5.78
CA GLN B 23 -10.83 21.77 -4.87
C GLN B 23 -12.11 21.00 -5.19
N ASP B 24 -12.11 19.72 -4.82
CA ASP B 24 -13.25 18.84 -5.03
C ASP B 24 -14.08 18.80 -3.76
N THR B 25 -15.31 19.32 -3.82
CA THR B 25 -16.26 19.25 -2.72
C THR B 25 -17.43 18.30 -2.99
N ASN B 26 -17.51 17.74 -4.21
CA ASN B 26 -18.60 16.82 -4.51
C ASN B 26 -18.46 15.54 -3.71
N THR B 27 -17.23 15.14 -3.42
CA THR B 27 -17.00 13.84 -2.80
C THR B 27 -17.54 13.79 -1.38
N PHE B 28 -17.33 14.85 -0.61
CA PHE B 28 -17.83 14.85 0.76
C PHE B 28 -19.35 14.72 0.79
N PHE B 29 -20.03 15.51 -0.05
CA PHE B 29 -21.49 15.45 -0.09
C PHE B 29 -21.96 14.06 -0.53
N LEU B 30 -21.36 13.52 -1.59
CA LEU B 30 -21.79 12.21 -2.07
C LEU B 30 -21.60 11.13 -1.01
N CYS B 31 -20.43 11.12 -0.36
CA CYS B 31 -20.17 10.10 0.66
C CYS B 31 -21.14 10.24 1.83
N ARG B 32 -21.33 11.46 2.33
CA ARG B 32 -22.23 11.65 3.46
C ARG B 32 -23.65 11.23 3.08
N THR B 33 -24.13 11.69 1.92
CA THR B 33 -25.47 11.35 1.47
C THR B 33 -25.64 9.84 1.34
N LEU B 34 -24.71 9.18 0.67
CA LEU B 34 -24.84 7.74 0.46
C LEU B 34 -24.78 6.95 1.77
N ARG B 35 -24.01 7.43 2.75
CA ARG B 35 -24.04 6.74 4.04
C ARG B 35 -25.40 6.93 4.71
N SER B 36 -25.97 8.14 4.63
CA SER B 36 -27.27 8.37 5.23
C SER B 36 -28.34 7.47 4.61
N LEU B 37 -28.14 7.05 3.36
CA LEU B 37 -29.13 6.22 2.68
C LEU B 37 -28.97 4.73 2.96
N GLY B 38 -27.88 4.32 3.59
CA GLY B 38 -27.61 2.92 3.86
C GLY B 38 -26.70 2.24 2.87
N VAL B 39 -26.01 3.00 2.02
CA VAL B 39 -25.11 2.45 1.00
C VAL B 39 -23.68 2.61 1.51
N GLN B 40 -22.90 1.54 1.38
CA GLN B 40 -21.50 1.56 1.77
C GLN B 40 -20.64 1.93 0.56
N VAL B 41 -19.92 3.03 0.68
CA VAL B 41 -18.98 3.46 -0.36
C VAL B 41 -17.64 2.77 -0.14
N CYS B 42 -17.15 2.09 -1.18
CA CYS B 42 -15.92 1.31 -1.07
C CYS B 42 -14.72 1.94 -1.75
N ARG B 43 -14.92 2.87 -2.68
CA ARG B 43 -13.80 3.51 -3.35
C ARG B 43 -14.27 4.85 -3.92
N VAL B 44 -13.33 5.78 -4.01
CA VAL B 44 -13.47 7.01 -4.77
C VAL B 44 -12.29 7.09 -5.72
N SER B 45 -12.50 7.76 -6.86
CA SER B 45 -11.48 7.81 -7.89
C SER B 45 -11.62 9.11 -8.68
N VAL B 46 -10.50 9.84 -8.79
CA VAL B 46 -10.43 11.06 -9.57
C VAL B 46 -9.65 10.76 -10.84
N VAL B 47 -10.24 11.10 -11.98
CA VAL B 47 -9.64 10.75 -13.28
C VAL B 47 -9.63 11.95 -14.22
N PRO B 48 -8.71 12.01 -15.17
CA PRO B 48 -8.66 13.13 -16.11
C PRO B 48 -9.73 13.03 -17.20
N ASP B 49 -9.88 14.15 -17.92
CA ASP B 49 -10.84 14.20 -19.04
C ASP B 49 -10.30 13.39 -20.21
N GLU B 50 -10.19 12.07 -20.05
CA GLU B 50 -9.77 11.16 -21.10
C GLU B 50 -10.79 10.03 -21.20
N VAL B 51 -11.15 9.66 -22.43
CA VAL B 51 -12.19 8.65 -22.61
C VAL B 51 -11.72 7.28 -22.10
N ALA B 52 -10.51 6.88 -22.46
CA ALA B 52 -10.04 5.54 -22.12
C ALA B 52 -10.01 5.32 -20.61
N THR B 53 -9.46 6.28 -19.88
CA THR B 53 -9.31 6.12 -18.44
C THR B 53 -10.67 6.05 -17.74
N ILE B 54 -11.56 6.98 -18.09
CA ILE B 54 -12.89 6.98 -17.49
C ILE B 54 -13.60 5.66 -17.80
N ALA B 55 -13.49 5.17 -19.03
CA ALA B 55 -14.19 3.94 -19.39
C ALA B 55 -13.65 2.74 -18.63
N ALA B 56 -12.33 2.67 -18.45
CA ALA B 56 -11.76 1.57 -17.68
C ALA B 56 -12.30 1.58 -16.24
N GLU B 57 -12.26 2.75 -15.59
CA GLU B 57 -12.74 2.80 -14.22
C GLU B 57 -14.23 2.50 -14.15
N VAL B 58 -14.98 2.91 -15.16
CA VAL B 58 -16.42 2.66 -15.17
C VAL B 58 -16.70 1.16 -15.26
N THR B 59 -16.02 0.47 -16.18
CA THR B 59 -16.21 -0.97 -16.31
C THR B 59 -15.90 -1.66 -14.98
N SER B 60 -14.74 -1.32 -14.39
CA SER B 60 -14.34 -1.96 -13.14
C SER B 60 -15.38 -1.71 -12.04
N PHE B 61 -15.71 -0.44 -11.79
CA PHE B 61 -16.62 -0.14 -10.69
C PHE B 61 -17.99 -0.78 -10.94
N SER B 62 -18.47 -0.75 -12.19
CA SER B 62 -19.78 -1.33 -12.48
C SER B 62 -19.80 -2.82 -12.18
N ASN B 63 -18.76 -3.54 -12.63
CA ASN B 63 -18.75 -4.98 -12.37
C ASN B 63 -18.62 -5.29 -10.89
N ARG B 64 -17.94 -4.45 -10.12
CA ARG B 64 -17.68 -4.85 -8.75
C ARG B 64 -18.73 -4.36 -7.76
N PHE B 65 -19.36 -3.21 -7.99
CA PHE B 65 -20.20 -2.59 -6.98
C PHE B 65 -21.65 -2.50 -7.45
N THR B 66 -22.54 -2.31 -6.48
CA THR B 66 -23.96 -2.20 -6.79
C THR B 66 -24.23 -0.92 -7.57
N HIS B 67 -23.84 0.23 -7.04
CA HIS B 67 -24.03 1.52 -7.69
C HIS B 67 -22.69 2.15 -8.07
N VAL B 68 -22.69 2.89 -9.18
CA VAL B 68 -21.57 3.74 -9.58
C VAL B 68 -22.10 5.14 -9.84
N LEU B 69 -21.46 6.14 -9.24
CA LEU B 69 -21.91 7.53 -9.33
C LEU B 69 -20.81 8.38 -9.96
N THR B 70 -21.10 8.93 -11.14
CA THR B 70 -20.15 9.75 -11.87
C THR B 70 -20.50 11.22 -11.74
N ALA B 71 -19.47 12.04 -11.52
CA ALA B 71 -19.65 13.48 -11.35
C ALA B 71 -18.74 14.20 -12.33
N GLY B 72 -19.35 14.90 -13.29
CA GLY B 72 -18.61 15.71 -14.24
C GLY B 72 -18.51 15.05 -15.61
N GLY B 73 -18.20 15.89 -16.60
CA GLY B 73 -17.95 15.42 -17.94
C GLY B 73 -19.17 15.26 -18.81
N ILE B 74 -20.30 15.84 -18.42
CA ILE B 74 -21.48 15.82 -19.28
C ILE B 74 -21.80 17.25 -19.68
N GLY B 75 -20.76 18.04 -19.94
CA GLY B 75 -20.97 19.39 -20.40
C GLY B 75 -21.08 19.41 -21.92
N PRO B 76 -21.20 20.60 -22.50
CA PRO B 76 -21.33 20.71 -23.96
C PRO B 76 -20.03 20.93 -24.70
N THR B 77 -18.90 21.05 -24.01
CA THR B 77 -17.64 21.25 -24.69
C THR B 77 -17.03 19.92 -25.13
N HIS B 78 -15.89 20.00 -25.80
CA HIS B 78 -15.16 18.81 -26.24
C HIS B 78 -14.38 18.16 -25.10
N ASP B 79 -13.87 18.94 -24.15
CA ASP B 79 -13.12 18.35 -23.05
C ASP B 79 -14.00 17.57 -22.08
N ASP B 80 -15.32 17.62 -22.23
CA ASP B 80 -16.27 16.89 -21.38
C ASP B 80 -16.70 15.65 -22.17
N VAL B 81 -16.27 14.48 -21.70
CA VAL B 81 -16.41 13.27 -22.51
C VAL B 81 -16.91 12.06 -21.72
N THR B 82 -17.74 12.29 -20.71
CA THR B 82 -18.26 11.17 -19.92
C THR B 82 -19.21 10.29 -20.74
N PHE B 83 -20.15 10.88 -21.48
CA PHE B 83 -21.12 10.09 -22.22
C PHE B 83 -20.41 9.13 -23.20
N GLU B 84 -19.44 9.65 -23.94
CA GLU B 84 -18.69 8.84 -24.89
C GLU B 84 -17.91 7.74 -24.16
N ALA B 85 -17.31 8.08 -23.02
CA ALA B 85 -16.58 7.08 -22.26
C ALA B 85 -17.49 5.95 -21.81
N VAL B 86 -18.69 6.28 -21.31
CA VAL B 86 -19.60 5.22 -20.88
C VAL B 86 -20.04 4.38 -22.08
N ALA B 87 -20.32 5.02 -23.20
CA ALA B 87 -20.65 4.26 -24.41
C ALA B 87 -19.56 3.24 -24.69
N GLN B 88 -18.31 3.68 -24.68
CA GLN B 88 -17.19 2.76 -24.90
C GLN B 88 -17.19 1.64 -23.86
N ALA B 89 -17.40 2.00 -22.59
CA ALA B 89 -17.25 1.03 -21.51
C ALA B 89 -18.20 -0.15 -21.66
N PHE B 90 -19.40 0.06 -22.22
CA PHE B 90 -20.40 -0.99 -22.32
C PHE B 90 -20.65 -1.43 -23.76
N GLY B 91 -19.72 -1.12 -24.67
CA GLY B 91 -19.87 -1.54 -26.05
C GLY B 91 -21.10 -1.01 -26.75
N ASP B 92 -21.71 0.05 -26.21
CA ASP B 92 -22.88 0.67 -26.79
C ASP B 92 -22.50 1.74 -27.82
N GLU B 93 -23.52 2.29 -28.49
CA GLU B 93 -23.34 3.33 -29.49
C GLU B 93 -24.07 4.57 -29.02
N LEU B 94 -23.53 5.74 -29.35
CA LEU B 94 -24.18 7.00 -28.98
C LEU B 94 -25.28 7.33 -29.97
N LYS B 95 -26.47 7.62 -29.46
CA LYS B 95 -27.64 7.96 -30.26
C LYS B 95 -28.44 9.01 -29.50
N PRO B 96 -28.93 10.04 -30.17
CA PRO B 96 -29.71 11.08 -29.45
C PRO B 96 -30.99 10.50 -28.87
N HIS B 97 -31.21 10.77 -27.58
CA HIS B 97 -32.44 10.36 -26.91
C HIS B 97 -33.47 11.45 -27.16
N PRO B 98 -34.59 11.16 -27.81
CA PRO B 98 -35.51 12.25 -28.19
C PRO B 98 -35.93 13.15 -27.03
N LYS B 99 -36.13 12.62 -25.82
CA LYS B 99 -36.58 13.47 -24.72
C LYS B 99 -35.54 14.55 -24.42
N LEU B 100 -34.26 14.21 -24.43
CA LEU B 100 -33.22 15.21 -24.22
C LEU B 100 -33.15 16.20 -25.37
N GLU B 101 -33.44 15.75 -26.60
CA GLU B 101 -33.51 16.66 -27.74
C GLU B 101 -34.65 17.66 -27.55
N ALA B 102 -35.83 17.17 -27.13
CA ALA B 102 -36.95 18.07 -26.86
C ALA B 102 -36.60 19.07 -25.78
N ALA B 103 -35.91 18.61 -24.73
CA ALA B 103 -35.47 19.52 -23.68
C ALA B 103 -34.58 20.61 -24.25
N THR B 104 -33.54 20.23 -24.99
CA THR B 104 -32.63 21.23 -25.56
C THR B 104 -33.36 22.19 -26.49
N LYS B 105 -34.35 21.70 -27.23
CA LYS B 105 -35.08 22.57 -28.15
C LYS B 105 -36.04 23.49 -27.41
N ALA B 106 -36.54 23.06 -26.23
CA ALA B 106 -37.45 23.90 -25.47
C ALA B 106 -36.83 25.27 -25.20
N LEU B 107 -35.55 25.32 -24.88
CA LEU B 107 -34.83 26.58 -24.77
C LEU B 107 -34.16 26.87 -26.11
N GLY B 108 -33.32 27.90 -26.15
CA GLY B 108 -32.60 28.23 -27.37
C GLY B 108 -31.97 27.01 -28.01
N GLY B 109 -31.24 26.23 -27.22
CA GLY B 109 -30.67 25.01 -27.73
C GLY B 109 -29.57 25.28 -28.74
N GLU B 110 -28.78 26.32 -28.50
CA GLU B 110 -27.62 26.63 -29.33
C GLU B 110 -26.42 25.87 -28.77
N GLY B 111 -25.82 25.03 -29.61
CA GLY B 111 -24.67 24.26 -29.18
C GLY B 111 -24.98 23.25 -28.11
N TRP B 112 -26.25 22.90 -27.92
CA TRP B 112 -26.65 21.93 -26.92
C TRP B 112 -26.82 20.53 -27.48
N GLU B 113 -26.53 20.31 -28.76
CA GLU B 113 -26.75 18.99 -29.34
C GLU B 113 -25.96 17.93 -28.58
N LYS B 114 -24.76 18.28 -28.13
CA LYS B 114 -23.94 17.31 -27.38
C LYS B 114 -24.60 16.93 -26.07
N LEU B 115 -25.51 17.76 -25.55
CA LEU B 115 -26.18 17.45 -24.31
C LEU B 115 -27.27 16.40 -24.49
N SER B 116 -27.70 16.15 -25.72
CA SER B 116 -28.72 15.14 -25.98
C SER B 116 -28.14 13.89 -26.64
N LEU B 117 -26.82 13.82 -26.81
CA LEU B 117 -26.15 12.69 -27.46
C LEU B 117 -25.64 11.74 -26.38
N VAL B 118 -26.43 10.72 -26.08
CA VAL B 118 -26.12 9.80 -25.00
C VAL B 118 -26.11 8.37 -25.51
N PRO B 119 -25.62 7.40 -24.72
CA PRO B 119 -25.61 6.00 -25.21
C PRO B 119 -27.01 5.51 -25.51
N SER B 120 -27.10 4.60 -26.48
CA SER B 120 -28.40 4.09 -26.91
C SER B 120 -29.12 3.35 -25.79
N SER B 121 -28.38 2.74 -24.87
CA SER B 121 -28.98 2.02 -23.75
C SER B 121 -29.33 2.94 -22.59
N ALA B 122 -29.21 4.25 -22.77
CA ALA B 122 -29.43 5.19 -21.68
C ALA B 122 -30.89 5.14 -21.22
N ARG B 123 -31.10 5.45 -19.95
CA ARG B 123 -32.42 5.57 -19.34
C ARG B 123 -32.47 6.92 -18.65
N LEU B 124 -33.63 7.58 -18.69
CA LEU B 124 -33.78 8.89 -18.10
C LEU B 124 -34.54 8.79 -16.78
N HIS B 125 -34.14 9.62 -15.81
CA HIS B 125 -34.82 9.69 -14.52
C HIS B 125 -35.13 11.15 -14.23
N TYR B 126 -36.42 11.47 -14.19
CA TYR B 126 -36.89 12.83 -13.99
C TYR B 126 -37.22 13.10 -12.53
N GLY B 127 -36.88 14.31 -12.08
CA GLY B 127 -37.12 14.74 -10.72
C GLY B 127 -37.45 16.22 -10.68
N THR B 128 -37.47 16.81 -9.49
CA THR B 128 -37.82 18.21 -9.31
C THR B 128 -36.79 18.86 -8.39
N ASP B 129 -36.28 20.01 -8.80
CA ASP B 129 -35.24 20.73 -8.09
C ASP B 129 -35.74 21.19 -6.73
N PRO B 130 -35.07 20.81 -5.63
CA PRO B 130 -35.60 21.12 -4.29
C PRO B 130 -35.62 22.60 -3.96
N CYS B 131 -34.80 23.43 -4.62
CA CYS B 131 -34.77 24.85 -4.29
C CYS B 131 -35.97 25.57 -4.89
N THR B 132 -36.26 25.30 -6.16
CA THR B 132 -37.33 25.99 -6.86
C THR B 132 -38.65 25.25 -6.82
N GLY B 133 -38.64 23.98 -6.46
CA GLY B 133 -39.84 23.18 -6.57
C GLY B 133 -40.27 22.87 -7.98
N GLN B 134 -39.53 23.35 -8.97
CA GLN B 134 -39.80 23.18 -10.38
C GLN B 134 -39.06 21.95 -10.90
N PRO B 135 -39.53 21.32 -11.99
CA PRO B 135 -38.82 20.16 -12.53
C PRO B 135 -37.41 20.55 -12.99
N PHE B 136 -36.50 19.57 -12.96
CA PHE B 136 -35.14 19.82 -13.39
C PHE B 136 -35.07 20.22 -14.86
N ARG B 137 -34.07 21.02 -15.19
CA ARG B 137 -33.79 21.34 -16.59
C ARG B 137 -33.64 20.07 -17.42
N PHE B 138 -32.72 19.20 -17.02
CA PHE B 138 -32.44 17.93 -17.68
C PHE B 138 -32.56 16.78 -16.69
N PRO B 139 -32.97 15.60 -17.15
CA PRO B 139 -33.07 14.44 -16.25
C PRO B 139 -31.69 13.87 -15.94
N LEU B 140 -31.68 12.98 -14.94
CA LEU B 140 -30.47 12.26 -14.58
C LEU B 140 -30.33 11.07 -15.53
N VAL B 141 -29.19 10.97 -16.19
CA VAL B 141 -28.92 9.94 -17.17
C VAL B 141 -28.36 8.72 -16.45
N SER B 142 -28.87 7.54 -16.81
CA SER B 142 -28.42 6.28 -16.26
C SER B 142 -28.05 5.35 -17.39
N VAL B 143 -27.05 4.51 -17.13
CA VAL B 143 -26.60 3.49 -18.06
C VAL B 143 -26.15 2.29 -17.21
N ARG B 144 -26.85 1.17 -17.31
CA ARG B 144 -26.58 0.02 -16.44
C ARG B 144 -26.81 0.50 -15.01
N ASN B 145 -25.83 0.35 -14.11
CA ASN B 145 -25.87 0.86 -12.74
C ASN B 145 -24.96 2.08 -12.59
N VAL B 146 -24.86 2.90 -13.63
CA VAL B 146 -23.97 4.06 -13.68
C VAL B 146 -24.80 5.32 -13.87
N TYR B 147 -24.69 6.25 -12.93
CA TYR B 147 -25.50 7.47 -12.88
C TYR B 147 -24.64 8.70 -13.16
N LEU B 148 -24.97 9.46 -14.20
CA LEU B 148 -24.13 10.57 -14.68
C LEU B 148 -24.66 11.89 -14.13
N PHE B 149 -24.01 12.39 -13.06
CA PHE B 149 -24.32 13.67 -12.42
C PHE B 149 -23.53 14.80 -13.07
N PRO B 150 -23.98 16.04 -12.91
CA PRO B 150 -23.20 17.19 -13.38
C PRO B 150 -22.05 17.50 -12.41
N GLY B 151 -21.16 18.38 -12.86
CA GLY B 151 -19.96 18.64 -12.08
C GLY B 151 -20.01 19.87 -11.19
N ILE B 152 -20.91 20.80 -11.49
CA ILE B 152 -21.06 22.03 -10.71
C ILE B 152 -21.55 21.72 -9.30
N PRO B 153 -20.77 22.01 -8.25
CA PRO B 153 -21.14 21.50 -6.92
C PRO B 153 -22.53 21.92 -6.45
N GLU B 154 -22.92 23.17 -6.67
CA GLU B 154 -24.27 23.61 -6.30
C GLU B 154 -25.33 22.76 -7.00
N LEU B 155 -25.23 22.67 -8.33
CA LEU B 155 -26.21 21.92 -9.09
C LEU B 155 -26.18 20.44 -8.74
N LEU B 156 -24.99 19.90 -8.49
CA LEU B 156 -24.91 18.48 -8.11
C LEU B 156 -25.61 18.23 -6.79
N ARG B 157 -25.40 19.10 -5.80
CA ARG B 157 -26.12 18.94 -4.54
C ARG B 157 -27.62 18.99 -4.77
N ARG B 158 -28.09 19.92 -5.61
CA ARG B 158 -29.53 19.97 -5.91
C ARG B 158 -30.01 18.67 -6.54
N VAL B 159 -29.25 18.15 -7.51
CA VAL B 159 -29.68 16.95 -8.24
C VAL B 159 -29.69 15.73 -7.35
N LEU B 160 -28.65 15.57 -6.52
CA LEU B 160 -28.61 14.44 -5.61
C LEU B 160 -29.76 14.52 -4.62
N GLU B 161 -30.04 15.70 -4.08
CA GLU B 161 -31.19 15.82 -3.19
C GLU B 161 -32.47 15.40 -3.90
N GLY B 162 -32.62 15.80 -5.17
CA GLY B 162 -33.85 15.48 -5.88
C GLY B 162 -34.03 14.00 -6.17
N MET B 163 -32.97 13.31 -6.56
CA MET B 163 -33.09 11.94 -7.03
C MET B 163 -32.47 10.89 -6.11
N LYS B 164 -32.17 11.24 -4.86
CA LYS B 164 -31.52 10.27 -4.00
C LYS B 164 -32.37 9.03 -3.75
N GLY B 165 -33.68 9.11 -3.97
CA GLY B 165 -34.52 7.93 -3.83
C GLY B 165 -33.97 6.74 -4.61
N LEU B 166 -33.33 7.01 -5.74
CA LEU B 166 -32.82 5.96 -6.61
C LEU B 166 -31.86 5.03 -5.90
N PHE B 167 -31.23 5.48 -4.81
CA PHE B 167 -30.17 4.72 -4.14
C PHE B 167 -30.57 4.23 -2.75
N GLN B 168 -31.75 4.59 -2.28
CA GLN B 168 -32.10 4.26 -0.90
C GLN B 168 -32.05 2.76 -0.67
N ASN B 169 -31.29 2.36 0.34
CA ASN B 169 -31.29 0.97 0.79
C ASN B 169 -32.20 0.81 2.00
N PRO B 170 -33.33 0.12 1.90
CA PRO B 170 -34.16 -0.08 3.09
C PRO B 170 -33.57 -1.08 4.07
N ALA B 171 -32.80 -2.05 3.56
CA ALA B 171 -32.31 -3.15 4.38
C ALA B 171 -31.30 -2.69 5.42
N VAL B 172 -30.66 -1.54 5.24
CA VAL B 172 -29.53 -1.13 6.08
C VAL B 172 -29.79 0.26 6.65
N GLN B 173 -29.41 0.44 7.92
CA GLN B 173 -29.39 1.75 8.57
C GLN B 173 -28.09 1.89 9.34
N PHE B 174 -27.37 3.00 9.13
CA PHE B 174 -26.07 3.20 9.74
C PHE B 174 -26.16 4.01 11.03
N HIS B 175 -25.45 3.54 12.06
CA HIS B 175 -25.31 4.18 13.36
C HIS B 175 -23.84 4.44 13.59
N SER B 176 -23.51 5.63 14.08
CA SER B 176 -22.14 6.10 14.22
C SER B 176 -22.02 6.90 15.51
N LYS B 177 -20.93 6.70 16.25
CA LYS B 177 -20.71 7.49 17.44
C LYS B 177 -19.23 7.57 17.80
N GLU B 178 -18.83 8.73 18.32
CA GLU B 178 -17.44 9.10 18.53
C GLU B 178 -17.18 9.38 20.00
N LEU B 179 -15.94 9.14 20.40
CA LEU B 179 -15.50 9.26 21.79
C LEU B 179 -14.16 9.97 21.88
N TYR B 180 -13.96 10.68 22.98
CA TYR B 180 -12.75 11.48 23.19
C TYR B 180 -11.88 10.80 24.24
N VAL B 181 -10.65 10.44 23.87
CA VAL B 181 -9.73 9.76 24.77
C VAL B 181 -8.50 10.64 24.99
N ALA B 182 -8.24 10.96 26.25
CA ALA B 182 -7.03 11.70 26.66
C ALA B 182 -5.89 10.70 26.86
N ALA B 183 -5.43 10.15 25.75
CA ALA B 183 -4.31 9.21 25.78
C ALA B 183 -3.67 9.14 24.41
N ASP B 184 -2.39 8.75 24.40
CA ASP B 184 -1.74 8.57 23.11
C ASP B 184 -2.36 7.37 22.41
N GLU B 185 -2.21 7.34 21.09
CA GLU B 185 -2.86 6.30 20.31
C GLU B 185 -2.25 4.93 20.63
N ALA B 186 -0.95 4.91 20.90
CA ALA B 186 -0.25 3.65 21.14
C ALA B 186 -0.76 2.96 22.40
N SER B 187 -1.10 3.74 23.43
CA SER B 187 -1.50 3.11 24.70
C SER B 187 -2.79 2.32 24.54
N ILE B 188 -3.75 2.88 23.79
CA ILE B 188 -5.03 2.20 23.61
C ILE B 188 -5.01 1.26 22.42
N ALA B 189 -3.95 1.27 21.61
CA ALA B 189 -3.88 0.34 20.48
C ALA B 189 -4.15 -1.10 20.88
N PRO B 190 -3.56 -1.65 21.95
CA PRO B 190 -3.87 -3.04 22.32
C PRO B 190 -5.33 -3.25 22.72
N ILE B 191 -5.86 -2.33 23.53
CA ILE B 191 -7.27 -2.46 23.94
C ILE B 191 -8.18 -2.38 22.74
N LEU B 192 -7.86 -1.51 21.78
CA LEU B 192 -8.67 -1.41 20.57
C LEU B 192 -8.61 -2.71 19.77
N ALA B 193 -7.40 -3.29 19.64
CA ALA B 193 -7.29 -4.56 18.94
C ALA B 193 -8.13 -5.63 19.61
N GLU B 194 -8.00 -5.76 20.94
CA GLU B 194 -8.78 -6.77 21.65
C GLU B 194 -10.27 -6.56 21.49
N ALA B 195 -10.74 -5.32 21.64
CA ALA B 195 -12.17 -5.05 21.51
C ALA B 195 -12.66 -5.38 20.11
N GLN B 196 -11.88 -5.00 19.09
CA GLN B 196 -12.27 -5.30 17.72
C GLN B 196 -12.38 -6.80 17.49
N ALA B 197 -11.40 -7.56 17.99
CA ALA B 197 -11.49 -9.01 17.87
C ALA B 197 -12.72 -9.53 18.59
N HIS B 198 -12.95 -9.07 19.81
CA HIS B 198 -14.08 -9.53 20.61
C HIS B 198 -15.39 -9.31 19.88
N PHE B 199 -15.51 -8.17 19.18
CA PHE B 199 -16.73 -7.86 18.45
C PHE B 199 -16.73 -8.36 17.02
N GLY B 200 -15.56 -8.67 16.47
CA GLY B 200 -15.48 -9.19 15.12
C GLY B 200 -16.18 -8.31 14.12
N ARG B 201 -17.20 -8.85 13.45
CA ARG B 201 -17.94 -8.13 12.43
C ARG B 201 -19.22 -7.50 12.95
N ARG B 202 -19.46 -7.54 14.27
CA ARG B 202 -20.64 -6.88 14.80
C ARG B 202 -20.53 -5.36 14.70
N LEU B 203 -19.31 -4.83 14.82
CA LEU B 203 -19.08 -3.40 14.97
C LEU B 203 -17.69 -3.07 14.43
N GLY B 204 -17.57 -1.89 13.82
CA GLY B 204 -16.33 -1.43 13.24
C GLY B 204 -15.75 -0.31 14.10
N LEU B 205 -14.50 -0.50 14.51
CA LEU B 205 -13.82 0.40 15.44
C LEU B 205 -12.61 1.01 14.77
N GLY B 206 -12.55 2.34 14.78
CA GLY B 206 -11.42 3.07 14.27
C GLY B 206 -10.94 4.12 15.27
N SER B 207 -9.76 4.67 15.01
CA SER B 207 -9.22 5.69 15.89
C SER B 207 -8.43 6.69 15.06
N TYR B 208 -8.46 7.97 15.48
CA TYR B 208 -7.56 8.92 14.82
C TYR B 208 -7.18 10.02 15.80
N PRO B 209 -5.95 10.54 15.75
CA PRO B 209 -5.60 11.66 16.64
C PRO B 209 -6.24 12.96 16.17
N ASP B 210 -6.59 13.81 17.14
CA ASP B 210 -7.00 15.18 16.89
C ASP B 210 -6.16 16.09 17.75
N TRP B 211 -5.52 17.07 17.12
CA TRP B 211 -4.37 17.74 17.70
C TRP B 211 -4.70 18.98 18.52
N GLY B 212 -5.79 19.68 18.21
CA GLY B 212 -6.03 20.99 18.79
C GLY B 212 -6.95 21.01 19.99
N SER B 213 -6.55 20.37 21.09
CA SER B 213 -7.35 20.41 22.31
C SER B 213 -6.49 20.23 23.54
N ASN B 214 -6.95 20.81 24.64
CA ASN B 214 -6.30 20.62 25.94
C ASN B 214 -6.82 19.40 26.69
N TYR B 215 -7.84 18.72 26.17
CA TYR B 215 -8.59 17.75 26.94
C TYR B 215 -8.64 16.36 26.32
N TYR B 216 -8.25 16.21 25.06
CA TYR B 216 -8.22 14.88 24.46
C TYR B 216 -7.21 14.88 23.34
N GLN B 217 -6.57 13.72 23.14
CA GLN B 217 -5.63 13.54 22.04
C GLN B 217 -6.16 12.68 20.92
N VAL B 218 -7.02 11.71 21.23
CA VAL B 218 -7.50 10.74 20.24
C VAL B 218 -9.02 10.74 20.21
N LYS B 219 -9.57 10.39 19.05
CA LYS B 219 -11.00 10.21 18.87
C LYS B 219 -11.25 8.80 18.39
N LEU B 220 -12.03 8.07 19.17
CA LEU B 220 -12.47 6.72 18.84
C LEU B 220 -13.77 6.81 18.05
N THR B 221 -13.94 5.88 17.11
CA THR B 221 -15.10 5.87 16.24
C THR B 221 -15.70 4.46 16.20
N LEU B 222 -16.98 4.36 16.52
CA LEU B 222 -17.72 3.11 16.43
C LEU B 222 -18.80 3.25 15.36
N ASP B 223 -18.88 2.26 14.48
CA ASP B 223 -19.81 2.25 13.37
C ASP B 223 -20.47 0.89 13.32
N SER B 224 -21.79 0.85 13.21
CA SER B 224 -22.49 -0.42 13.08
C SER B 224 -23.88 -0.17 12.53
N GLU B 225 -24.57 -1.26 12.19
CA GLU B 225 -25.95 -1.15 11.70
C GLU B 225 -26.99 -1.15 12.81
N GLU B 226 -26.62 -1.55 14.02
CA GLU B 226 -27.52 -1.55 15.16
C GLU B 226 -26.94 -0.71 16.29
N GLU B 227 -27.81 -0.28 17.21
CA GLU B 227 -27.35 0.54 18.32
C GLU B 227 -26.76 -0.31 19.45
N GLY B 228 -27.26 -1.52 19.66
CA GLY B 228 -26.82 -2.33 20.77
C GLY B 228 -25.31 -2.51 20.83
N PRO B 229 -24.70 -2.98 19.74
CA PRO B 229 -23.24 -3.18 19.76
C PRO B 229 -22.46 -1.94 20.16
N LEU B 230 -22.95 -0.74 19.80
CA LEU B 230 -22.24 0.48 20.20
C LEU B 230 -22.20 0.62 21.72
N GLU B 231 -23.36 0.44 22.38
CA GLU B 231 -23.40 0.56 23.83
C GLU B 231 -22.58 -0.53 24.49
N GLU B 232 -22.65 -1.75 23.94
CA GLU B 232 -21.83 -2.84 24.47
C GLU B 232 -20.35 -2.48 24.43
N CYS B 233 -19.89 -1.96 23.29
CA CYS B 233 -18.48 -1.62 23.15
C CYS B 233 -18.10 -0.46 24.06
N LEU B 234 -19.00 0.50 24.25
CA LEU B 234 -18.72 1.57 25.20
C LEU B 234 -18.42 0.98 26.57
N ALA B 235 -19.27 0.04 27.02
CA ALA B 235 -19.03 -0.57 28.34
C ALA B 235 -17.71 -1.35 28.36
N TYR B 236 -17.50 -2.20 27.36
CA TYR B 236 -16.27 -2.99 27.26
C TYR B 236 -15.04 -2.10 27.37
N LEU B 237 -14.99 -1.02 26.59
CA LEU B 237 -13.80 -0.17 26.59
C LEU B 237 -13.70 0.63 27.89
N THR B 238 -14.81 1.21 28.36
CA THR B 238 -14.76 1.95 29.61
C THR B 238 -14.19 1.09 30.73
N ALA B 239 -14.47 -0.21 30.69
CA ALA B 239 -13.89 -1.11 31.69
C ALA B 239 -12.42 -1.40 31.40
N ARG B 240 -12.08 -1.70 30.15
CA ARG B 240 -10.71 -2.11 29.83
C ARG B 240 -9.73 -0.96 29.99
N LEU B 241 -10.06 0.22 29.46
CA LEU B 241 -9.11 1.33 29.41
C LEU B 241 -8.82 1.85 30.82
N PRO B 242 -7.60 2.34 31.07
CA PRO B 242 -7.30 2.86 32.41
C PRO B 242 -8.23 4.01 32.78
N GLN B 243 -8.43 4.19 34.08
CA GLN B 243 -9.41 5.15 34.55
C GLN B 243 -9.01 6.58 34.19
N GLY B 244 -9.99 7.36 33.74
CA GLY B 244 -9.79 8.72 33.31
C GLY B 244 -9.42 8.89 31.86
N SER B 245 -9.18 7.80 31.13
CA SER B 245 -8.88 7.92 29.71
C SER B 245 -10.03 8.59 28.97
N LEU B 246 -11.27 8.16 29.25
CA LEU B 246 -12.43 8.72 28.59
C LEU B 246 -12.84 10.03 29.27
N VAL B 247 -13.18 11.01 28.44
CA VAL B 247 -13.53 12.35 28.92
C VAL B 247 -14.85 12.79 28.30
N PRO B 248 -15.81 13.34 29.09
CA PRO B 248 -17.05 13.85 28.51
C PRO B 248 -16.92 15.28 27.98
N TYR B 249 -15.95 15.48 27.08
CA TYR B 249 -15.66 16.81 26.56
C TYR B 249 -16.74 17.29 25.60
N MET B 250 -17.11 18.57 25.71
CA MET B 250 -18.07 19.20 24.82
C MET B 250 -17.53 20.55 24.34
N PRO B 251 -17.62 20.85 23.02
CA PRO B 251 -17.20 22.15 22.48
C PRO B 251 -18.19 23.30 22.71
N ASN B 252 -18.61 23.49 23.95
CA ASN B 252 -19.51 24.58 24.30
C ASN B 252 -18.83 25.61 25.19
N ALA B 253 -17.52 25.82 24.99
CA ALA B 253 -16.79 26.81 25.77
C ALA B 253 -17.33 28.23 25.58
N VAL B 254 -18.22 28.45 24.63
CA VAL B 254 -18.69 29.79 24.33
C VAL B 254 -20.21 29.87 24.35
N GLU B 255 -20.87 28.93 23.69
CA GLU B 255 -22.33 29.00 23.56
C GLU B 255 -23.02 28.58 24.86
N GLN B 256 -22.56 27.50 25.49
CA GLN B 256 -23.14 27.04 26.75
C GLN B 256 -22.41 27.54 27.97
N ALA B 257 -21.28 28.23 27.79
CA ALA B 257 -20.55 28.78 28.93
C ALA B 257 -21.44 29.71 29.76
N SER B 258 -22.34 30.44 29.09
CA SER B 258 -23.23 31.36 29.80
C SER B 258 -23.99 30.68 30.92
N GLU B 259 -24.62 29.54 30.62
CA GLU B 259 -25.39 28.88 31.66
C GLU B 259 -24.48 28.16 32.65
N ALA B 260 -23.37 27.59 32.16
CA ALA B 260 -22.49 26.78 32.99
C ALA B 260 -21.82 27.62 34.08
N VAL B 261 -21.29 28.79 33.71
CA VAL B 261 -20.61 29.64 34.67
C VAL B 261 -21.53 29.96 35.84
N TYR B 262 -22.75 30.40 35.53
CA TYR B 262 -23.70 30.72 36.59
C TYR B 262 -24.13 29.47 37.37
N LYS B 263 -24.23 28.31 36.70
CA LYS B 263 -24.52 27.09 37.42
C LYS B 263 -23.48 26.85 38.50
N LEU B 264 -22.19 26.93 38.09
CA LEU B 264 -21.10 26.77 39.05
C LEU B 264 -21.15 27.83 40.15
N ALA B 265 -21.56 29.05 39.81
CA ALA B 265 -21.66 30.09 40.83
C ALA B 265 -22.71 29.75 41.87
N GLU B 266 -23.85 29.21 41.43
CA GLU B 266 -24.93 28.87 42.34
C GLU B 266 -24.57 27.70 43.24
N SER B 267 -23.55 26.91 42.87
CA SER B 267 -23.11 25.82 43.73
C SER B 267 -22.52 26.36 45.02
N GLY B 268 -22.74 25.63 46.11
CA GLY B 268 -22.17 26.03 47.38
C GLY B 268 -20.82 25.39 47.59
N SER B 269 -19.86 25.77 46.76
CA SER B 269 -18.50 25.26 46.83
C SER B 269 -17.54 26.44 46.80
N SER B 270 -16.34 26.22 47.37
CA SER B 270 -15.34 27.27 47.39
C SER B 270 -15.19 27.92 46.02
N LEU B 271 -14.93 27.10 44.99
CA LEU B 271 -14.83 27.64 43.63
C LEU B 271 -16.12 28.33 43.20
N GLY B 272 -17.27 27.73 43.54
CA GLY B 272 -18.54 28.35 43.19
C GLY B 272 -18.69 29.74 43.78
N LYS B 273 -18.27 29.90 45.03
CA LYS B 273 -18.33 31.20 45.68
C LYS B 273 -17.38 32.18 45.01
N LYS B 274 -16.17 31.72 44.65
CA LYS B 274 -15.24 32.59 43.95
C LYS B 274 -15.83 33.09 42.64
N VAL B 275 -16.46 32.18 41.89
CA VAL B 275 -17.06 32.57 40.61
C VAL B 275 -18.20 33.55 40.83
N ALA B 276 -19.04 33.29 41.85
CA ALA B 276 -20.14 34.19 42.13
C ALA B 276 -19.64 35.60 42.44
N GLY B 277 -18.57 35.69 43.24
CA GLY B 277 -18.04 37.01 43.58
C GLY B 277 -17.46 37.74 42.37
N ALA B 278 -16.63 37.05 41.59
CA ALA B 278 -16.08 37.66 40.38
C ALA B 278 -17.20 38.15 39.48
N LEU B 279 -18.26 37.34 39.33
CA LEU B 279 -19.37 37.72 38.48
C LEU B 279 -20.11 38.92 39.05
N GLN B 280 -20.22 39.02 40.37
CA GLN B 280 -20.88 40.17 40.98
C GLN B 280 -20.12 41.45 40.63
N THR B 281 -18.79 41.40 40.74
CA THR B 281 -18.00 42.57 40.36
C THR B 281 -18.21 42.91 38.88
N ILE B 282 -18.24 41.89 38.02
CA ILE B 282 -18.37 42.13 36.59
C ILE B 282 -19.74 42.72 36.26
N GLU B 283 -20.80 42.22 36.90
CA GLU B 283 -22.13 42.79 36.68
C GLU B 283 -22.17 44.25 37.10
N THR B 284 -21.57 44.57 38.25
CA THR B 284 -21.48 45.96 38.64
C THR B 284 -20.75 46.78 37.59
N SER B 285 -19.67 46.23 37.03
CA SER B 285 -18.94 46.91 35.97
C SER B 285 -19.87 47.24 34.80
N LEU B 286 -20.65 46.25 34.37
CA LEU B 286 -21.56 46.48 33.25
C LEU B 286 -22.64 47.50 33.60
N ALA B 287 -23.00 47.59 34.88
CA ALA B 287 -24.00 48.56 35.29
C ALA B 287 -23.45 49.98 35.37
N GLN B 288 -22.13 50.12 35.49
CA GLN B 288 -21.54 51.46 35.55
C GLN B 288 -21.26 52.04 34.17
N TYR B 289 -20.79 51.21 33.24
CA TYR B 289 -20.33 51.65 31.93
C TYR B 289 -21.00 50.84 30.84
N SER B 290 -21.09 51.44 29.65
CA SER B 290 -21.53 50.70 28.47
C SER B 290 -20.38 49.86 27.90
N LEU B 291 -20.74 48.84 27.10
CA LEU B 291 -19.72 48.00 26.49
C LEU B 291 -18.76 48.81 25.61
N THR B 292 -19.26 49.86 24.93
CA THR B 292 -18.35 50.69 24.17
C THR B 292 -17.28 51.31 25.07
N GLN B 293 -17.56 51.43 26.37
CA GLN B 293 -16.64 52.04 27.31
C GLN B 293 -15.71 51.03 27.97
N LEU B 294 -15.94 49.73 27.80
CA LEU B 294 -15.13 48.71 28.42
C LEU B 294 -14.27 47.95 27.42
N CYS B 295 -13.20 47.35 27.95
CA CYS B 295 -12.31 46.49 27.19
C CYS B 295 -11.58 45.60 28.20
N VAL B 296 -11.22 44.40 27.76
CA VAL B 296 -10.64 43.39 28.64
C VAL B 296 -9.14 43.31 28.38
N GLY B 297 -8.34 43.51 29.43
CA GLY B 297 -6.91 43.34 29.31
C GLY B 297 -6.58 41.87 29.12
N PHE B 298 -5.97 41.52 27.99
CA PHE B 298 -5.80 40.12 27.62
C PHE B 298 -4.44 39.89 27.00
N ASN B 299 -3.55 39.25 27.76
CA ASN B 299 -2.20 38.93 27.33
C ASN B 299 -2.04 37.50 26.83
N GLY B 300 -3.11 36.71 26.86
CA GLY B 300 -3.05 35.33 26.42
C GLY B 300 -2.95 34.31 27.53
N GLY B 301 -2.62 34.74 28.74
CA GLY B 301 -2.33 33.83 29.84
C GLY B 301 -3.57 33.25 30.49
N LYS B 302 -3.33 32.53 31.58
CA LYS B 302 -4.40 31.87 32.30
C LYS B 302 -5.37 32.87 32.93
N ASP B 303 -4.85 33.83 33.70
CA ASP B 303 -5.71 34.79 34.38
C ASP B 303 -6.64 35.49 33.38
N CYS B 304 -6.07 35.98 32.27
CA CYS B 304 -6.87 36.68 31.29
C CYS B 304 -7.85 35.74 30.59
N THR B 305 -7.46 34.48 30.40
CA THR B 305 -8.38 33.52 29.81
C THR B 305 -9.63 33.38 30.66
N ALA B 306 -9.44 33.12 31.95
CA ALA B 306 -10.59 32.99 32.85
C ALA B 306 -11.39 34.29 32.91
N LEU B 307 -10.71 35.44 32.98
CA LEU B 307 -11.42 36.70 33.02
C LEU B 307 -12.31 36.87 31.80
N LEU B 308 -11.78 36.59 30.61
CA LEU B 308 -12.57 36.74 29.39
C LEU B 308 -13.76 35.79 29.40
N HIS B 309 -13.57 34.57 29.90
CA HIS B 309 -14.69 33.63 29.95
C HIS B 309 -15.81 34.15 30.86
N LEU B 310 -15.45 34.62 32.05
CA LEU B 310 -16.46 35.15 32.96
C LEU B 310 -17.16 36.37 32.36
N PHE B 311 -16.38 37.28 31.77
CA PHE B 311 -16.95 38.49 31.16
C PHE B 311 -17.91 38.12 30.05
N HIS B 312 -17.56 37.14 29.24
CA HIS B 312 -18.43 36.67 28.17
C HIS B 312 -19.75 36.15 28.72
N ALA B 313 -19.67 35.29 29.75
CA ALA B 313 -20.89 34.75 30.33
C ALA B 313 -21.79 35.86 30.85
N ALA B 314 -21.22 36.81 31.59
CA ALA B 314 -22.02 37.91 32.12
C ALA B 314 -22.68 38.71 31.01
N VAL B 315 -21.93 39.01 29.95
CA VAL B 315 -22.49 39.79 28.85
C VAL B 315 -23.65 39.04 28.21
N GLN B 316 -23.46 37.76 27.90
CA GLN B 316 -24.53 36.99 27.27
C GLN B 316 -25.75 36.88 28.17
N ARG B 317 -25.58 36.92 29.49
CA ARG B 317 -26.74 36.84 30.35
C ARG B 317 -27.48 38.17 30.39
N LYS B 318 -26.78 39.26 30.73
CA LYS B 318 -27.49 40.54 30.89
C LYS B 318 -27.92 41.11 29.55
N LEU B 319 -27.10 40.97 28.52
CA LEU B 319 -27.38 41.55 27.21
C LEU B 319 -27.33 40.46 26.14
N PRO B 320 -28.31 39.54 26.15
CA PRO B 320 -28.37 38.55 25.06
C PRO B 320 -28.64 39.19 23.71
N ASP B 321 -29.31 40.34 23.72
CA ASP B 321 -29.62 41.05 22.48
C ASP B 321 -28.38 41.72 21.92
N VAL B 322 -27.68 42.49 22.74
CA VAL B 322 -26.51 43.26 22.30
C VAL B 322 -25.52 42.34 21.59
N PRO B 323 -25.33 42.48 20.28
CA PRO B 323 -24.36 41.65 19.56
C PRO B 323 -22.95 42.23 19.54
N ASN B 324 -22.76 43.42 20.11
CA ASN B 324 -21.50 44.13 19.98
C ASN B 324 -20.33 43.19 20.25
N PRO B 325 -19.27 43.23 19.44
CA PRO B 325 -18.07 42.47 19.79
C PRO B 325 -17.38 43.12 20.99
N LEU B 326 -16.97 42.28 21.92
CA LEU B 326 -16.25 42.77 23.10
C LEU B 326 -14.88 43.28 22.68
N GLN B 327 -14.45 44.39 23.27
CA GLN B 327 -13.17 44.99 22.96
C GLN B 327 -12.13 44.46 23.95
N ILE B 328 -10.94 44.16 23.44
CA ILE B 328 -9.84 43.74 24.30
C ILE B 328 -8.59 44.49 23.89
N LEU B 329 -7.69 44.66 24.86
CA LEU B 329 -6.42 45.35 24.68
C LEU B 329 -5.31 44.32 24.85
N TYR B 330 -4.45 44.20 23.85
CA TYR B 330 -3.38 43.21 23.88
C TYR B 330 -2.03 43.91 23.99
N ILE B 331 -1.25 43.50 24.98
CA ILE B 331 0.11 43.97 25.22
C ILE B 331 1.04 42.85 24.80
N ARG B 332 2.00 43.16 23.93
CA ARG B 332 2.91 42.16 23.41
C ARG B 332 4.23 42.20 24.18
N SER B 333 4.66 41.04 24.68
CA SER B 333 5.97 40.94 25.29
C SER B 333 7.04 41.29 24.27
N ILE B 334 8.13 41.91 24.75
CA ILE B 334 9.22 42.29 23.85
C ILE B 334 9.58 41.14 22.93
N SER B 335 9.44 39.90 23.41
CA SER B 335 9.62 38.71 22.58
C SER B 335 8.54 37.70 22.92
N PRO B 336 7.37 37.82 22.30
CA PRO B 336 6.26 36.88 22.59
C PRO B 336 6.64 35.48 22.15
N PHE B 337 6.10 34.49 22.85
CA PHE B 337 6.15 33.14 22.33
C PHE B 337 5.25 32.99 21.12
N PRO B 338 5.65 32.15 20.16
CA PRO B 338 4.77 31.92 18.99
C PRO B 338 3.48 31.21 19.36
N GLU B 339 3.55 30.20 20.23
CA GLU B 339 2.36 29.47 20.64
C GLU B 339 1.35 30.39 21.32
N LEU B 340 1.83 31.36 22.10
CA LEU B 340 0.92 32.28 22.78
C LEU B 340 0.25 33.23 21.79
N GLU B 341 1.03 33.73 20.82
CA GLU B 341 0.45 34.51 19.74
C GLU B 341 -0.65 33.72 19.03
N GLN B 342 -0.39 32.44 18.76
CA GLN B 342 -1.40 31.63 18.09
C GLN B 342 -2.63 31.45 18.95
N PHE B 343 -2.45 31.19 20.25
CA PHE B 343 -3.60 31.03 21.12
C PHE B 343 -4.45 32.30 21.12
N LEU B 344 -3.80 33.47 21.14
CA LEU B 344 -4.53 34.74 21.10
C LEU B 344 -5.30 34.87 19.79
N GLN B 345 -4.68 34.48 18.68
CA GLN B 345 -5.39 34.50 17.41
C GLN B 345 -6.61 33.57 17.43
N ASP B 346 -6.44 32.36 17.94
CA ASP B 346 -7.58 31.44 18.04
C ASP B 346 -8.68 32.04 18.89
N THR B 347 -8.31 32.72 19.97
CA THR B 347 -9.29 33.30 20.87
C THR B 347 -10.08 34.41 20.19
N ILE B 348 -9.41 35.29 19.45
CA ILE B 348 -10.15 36.39 18.82
C ILE B 348 -11.26 35.88 17.92
N LYS B 349 -11.11 34.69 17.35
CA LYS B 349 -12.20 34.15 16.53
C LYS B 349 -13.22 33.41 17.37
N ARG B 350 -12.76 32.67 18.38
CA ARG B 350 -13.71 31.98 19.26
C ARG B 350 -14.77 32.93 19.80
N TYR B 351 -14.33 34.04 20.40
CA TYR B 351 -15.22 34.98 21.06
C TYR B 351 -15.62 36.14 20.17
N ASN B 352 -15.03 36.26 18.98
CA ASN B 352 -15.32 37.34 18.04
C ASN B 352 -14.98 38.69 18.66
N LEU B 353 -13.75 38.80 19.16
CA LEU B 353 -13.34 40.01 19.86
C LEU B 353 -12.88 41.07 18.86
N GLN B 354 -12.78 42.30 19.36
CA GLN B 354 -12.20 43.42 18.65
C GLN B 354 -10.94 43.83 19.40
N MET B 355 -9.83 43.90 18.69
CA MET B 355 -8.52 44.04 19.32
C MET B 355 -7.97 45.45 19.10
N LEU B 356 -7.61 46.09 20.21
CA LEU B 356 -6.99 47.41 20.20
C LEU B 356 -5.50 47.22 20.50
N GLU B 357 -4.72 47.01 19.44
CA GLU B 357 -3.31 46.62 19.61
C GLU B 357 -2.49 47.75 20.22
N ALA B 358 -1.45 47.36 20.97
CA ALA B 358 -0.49 48.32 21.50
C ALA B 358 0.67 47.58 22.14
N GLU B 359 1.86 48.16 22.04
CA GLU B 359 3.10 47.59 22.54
C GLU B 359 3.77 48.58 23.48
N GLY B 360 4.52 48.06 24.44
CA GLY B 360 5.27 48.86 25.39
C GLY B 360 4.73 48.72 26.79
N SER B 361 5.03 49.73 27.61
CA SER B 361 4.50 49.73 28.97
C SER B 361 2.98 49.93 28.94
N MET B 362 2.30 49.40 29.95
CA MET B 362 0.85 49.55 30.04
C MET B 362 0.48 51.03 29.88
N LYS B 363 1.24 51.91 30.53
CA LYS B 363 1.05 53.35 30.46
C LYS B 363 1.14 53.85 29.01
N GLN B 364 2.14 53.37 28.26
CA GLN B 364 2.30 53.76 26.86
C GLN B 364 1.12 53.31 26.00
N ALA B 365 0.73 52.04 26.12
CA ALA B 365 -0.39 51.55 25.31
C ALA B 365 -1.67 52.31 25.61
N LEU B 366 -1.90 52.64 26.88
CA LEU B 366 -3.08 53.41 27.23
C LEU B 366 -3.03 54.81 26.61
N GLY B 367 -1.85 55.44 26.59
CA GLY B 367 -1.73 56.72 25.93
C GLY B 367 -2.13 56.65 24.47
N GLU B 368 -1.64 55.63 23.75
CA GLU B 368 -2.11 55.48 22.37
C GLU B 368 -3.63 55.25 22.30
N LEU B 369 -4.17 54.42 23.20
CA LEU B 369 -5.56 54.02 23.07
C LEU B 369 -6.48 55.22 23.19
N GLN B 370 -6.34 56.00 24.27
CA GLN B 370 -7.25 57.13 24.44
C GLN B 370 -7.33 57.98 23.19
N ALA B 371 -6.28 57.97 22.37
CA ALA B 371 -6.33 58.62 21.06
C ALA B 371 -7.10 57.78 20.06
N ARG B 372 -6.79 56.49 19.98
CA ARG B 372 -7.47 55.62 19.03
C ARG B 372 -8.94 55.50 19.39
N HIS B 373 -9.24 55.33 20.68
CA HIS B 373 -10.61 55.20 21.16
C HIS B 373 -10.82 56.20 22.28
N PRO B 374 -11.49 57.32 22.02
CA PRO B 374 -11.77 58.26 23.11
C PRO B 374 -12.92 57.80 23.99
N GLN B 375 -13.88 57.08 23.39
CA GLN B 375 -15.07 56.68 24.11
C GLN B 375 -14.78 55.68 25.22
N LEU B 376 -13.66 54.97 25.14
CA LEU B 376 -13.32 53.96 26.13
C LEU B 376 -12.87 54.59 27.43
N GLU B 377 -13.38 54.07 28.55
CA GLU B 377 -13.03 54.62 29.86
C GLU B 377 -12.66 53.63 30.96
N ALA B 378 -12.77 52.31 30.73
CA ALA B 378 -12.45 51.37 31.80
C ALA B 378 -11.94 50.05 31.24
N VAL B 379 -11.07 49.39 32.02
CA VAL B 379 -10.39 48.17 31.60
C VAL B 379 -10.53 47.12 32.69
N LEU B 380 -10.93 45.90 32.28
CA LEU B 380 -10.98 44.76 33.18
C LEU B 380 -9.62 44.08 33.25
N MET B 381 -9.20 43.75 34.48
CA MET B 381 -7.87 43.19 34.70
C MET B 381 -7.94 41.89 35.49
N GLY B 382 -7.06 40.96 35.12
CA GLY B 382 -6.98 39.66 35.79
C GLY B 382 -5.97 39.61 36.92
N THR B 383 -5.66 40.76 37.52
CA THR B 383 -4.74 40.80 38.66
C THR B 383 -5.27 40.00 39.84
N ARG B 384 -4.34 39.45 40.63
CA ARG B 384 -4.65 38.65 41.81
C ARG B 384 -3.77 39.11 42.95
N ARG B 385 -4.22 38.83 44.18
CA ARG B 385 -3.57 39.35 45.38
C ARG B 385 -2.36 38.51 45.85
N THR B 386 -1.38 38.37 44.96
CA THR B 386 -0.19 37.64 45.38
C THR B 386 0.78 38.52 46.17
N ASP B 387 1.09 39.71 45.66
CA ASP B 387 2.04 40.64 46.26
C ASP B 387 1.32 41.73 47.03
N PRO B 388 2.04 42.48 47.87
CA PRO B 388 1.34 43.44 48.75
C PRO B 388 0.68 44.59 48.00
N TYR B 389 1.29 45.08 46.92
CA TYR B 389 0.66 46.12 46.12
C TYR B 389 -0.74 45.72 45.67
N SER B 390 -0.93 44.43 45.37
CA SER B 390 -2.23 43.94 44.94
C SER B 390 -3.18 43.74 46.13
N CYS B 391 -2.66 43.39 47.30
CA CYS B 391 -3.52 43.33 48.48
C CYS B 391 -4.06 44.72 48.78
N SER B 392 -3.26 45.75 48.53
CA SER B 392 -3.77 47.11 48.70
C SER B 392 -4.76 47.46 47.60
N LEU B 393 -4.65 46.80 46.44
CA LEU B 393 -5.54 47.12 45.32
C LEU B 393 -6.98 46.83 45.70
N CYS B 394 -7.90 47.62 45.13
CA CYS B 394 -9.33 47.47 45.34
C CYS B 394 -10.00 47.03 44.05
N PRO B 395 -11.23 46.53 44.13
CA PRO B 395 -11.90 46.06 42.89
C PRO B 395 -12.01 47.13 41.81
N PHE B 396 -12.34 48.36 42.20
CA PHE B 396 -12.41 49.49 41.29
C PHE B 396 -11.30 50.48 41.67
N SER B 397 -10.21 50.45 40.90
CA SER B 397 -9.05 51.26 41.20
C SER B 397 -8.73 52.16 40.02
N PRO B 398 -8.66 53.48 40.20
CA PRO B 398 -8.23 54.34 39.09
C PRO B 398 -6.73 54.27 38.90
N THR B 399 -6.30 54.64 37.70
CA THR B 399 -4.88 54.59 37.37
C THR B 399 -4.15 55.69 38.14
N ASP B 400 -2.85 55.45 38.39
CA ASP B 400 -2.02 56.42 39.08
C ASP B 400 -2.09 57.77 38.39
N PRO B 401 -1.69 58.85 39.06
CA PRO B 401 -1.84 60.19 38.45
C PRO B 401 -1.10 60.32 37.14
N GLY B 402 0.13 59.81 37.06
CA GLY B 402 0.89 59.93 35.83
C GLY B 402 0.21 59.26 34.65
N TRP B 403 -0.33 58.06 34.86
CA TRP B 403 -0.88 57.30 33.74
C TRP B 403 -2.06 58.04 33.10
N PRO B 404 -2.55 57.58 31.96
CA PRO B 404 -3.78 58.17 31.39
C PRO B 404 -5.03 57.70 32.14
N ALA B 405 -6.04 58.57 32.16
CA ALA B 405 -7.20 58.38 33.03
C ALA B 405 -8.09 57.25 32.54
N PHE B 406 -7.99 56.10 33.21
CA PHE B 406 -8.85 54.94 33.00
C PHE B 406 -9.15 54.31 34.36
N MET B 407 -10.28 53.61 34.41
CA MET B 407 -10.73 52.90 35.61
C MET B 407 -10.44 51.41 35.47
N ARG B 408 -9.54 50.88 36.29
CA ARG B 408 -9.21 49.46 36.27
C ARG B 408 -10.18 48.71 37.18
N ILE B 409 -10.76 47.63 36.65
CA ILE B 409 -11.70 46.79 37.40
C ILE B 409 -11.07 45.41 37.53
N ASN B 410 -10.92 44.95 38.78
CA ASN B 410 -10.20 43.72 39.07
C ASN B 410 -11.16 42.70 39.70
N PRO B 411 -11.94 41.99 38.87
CA PRO B 411 -12.86 40.98 39.43
C PRO B 411 -12.15 39.79 40.06
N LEU B 412 -10.98 39.40 39.57
CA LEU B 412 -10.28 38.20 40.02
C LEU B 412 -9.32 38.44 41.18
N LEU B 413 -9.53 39.47 41.98
CA LEU B 413 -8.52 39.85 42.95
C LEU B 413 -8.28 38.75 43.99
N ASP B 414 -9.35 38.15 44.50
CA ASP B 414 -9.22 37.14 45.56
C ASP B 414 -9.06 35.72 45.03
N TRP B 415 -9.02 35.52 43.71
CA TRP B 415 -8.87 34.19 43.18
C TRP B 415 -7.49 33.63 43.43
N THR B 416 -7.41 32.32 43.66
CA THR B 416 -6.15 31.62 43.85
C THR B 416 -5.83 30.74 42.65
N TYR B 417 -4.54 30.51 42.43
CA TYR B 417 -4.04 29.70 41.32
C TYR B 417 -4.82 28.40 41.13
N ARG B 418 -5.02 27.64 42.21
CA ARG B 418 -5.83 26.43 42.12
C ARG B 418 -7.22 26.74 41.61
N ASP B 419 -7.82 27.84 42.08
CA ASP B 419 -9.16 28.20 41.64
C ASP B 419 -9.17 28.53 40.15
N ILE B 420 -8.16 29.25 39.67
CA ILE B 420 -8.09 29.57 38.25
C ILE B 420 -8.08 28.29 37.41
N TRP B 421 -7.19 27.36 37.77
CA TRP B 421 -7.06 26.14 36.95
C TRP B 421 -8.31 25.28 37.05
N ASP B 422 -8.91 25.18 38.24
CA ASP B 422 -10.15 24.43 38.37
C ASP B 422 -11.27 25.04 37.54
N PHE B 423 -11.40 26.37 37.58
CA PHE B 423 -12.45 27.02 36.80
C PHE B 423 -12.27 26.74 35.33
N LEU B 424 -11.04 26.84 34.83
CA LEU B 424 -10.82 26.61 33.41
C LEU B 424 -11.09 25.15 33.02
N ARG B 425 -10.56 24.20 33.80
CA ARG B 425 -10.68 22.80 33.39
C ARG B 425 -12.10 22.28 33.57
N GLN B 426 -12.76 22.63 34.67
CA GLN B 426 -14.06 22.04 34.97
C GLN B 426 -15.08 22.37 33.88
N LEU B 427 -14.97 23.55 33.30
CA LEU B 427 -15.86 23.97 32.23
C LEU B 427 -15.27 23.73 30.85
N PHE B 428 -14.08 23.12 30.78
CA PHE B 428 -13.43 22.75 29.53
C PHE B 428 -13.10 23.97 28.69
N VAL B 429 -12.77 25.08 29.35
CA VAL B 429 -12.38 26.29 28.64
C VAL B 429 -11.02 26.07 27.99
N PRO B 430 -10.81 26.47 26.73
CA PRO B 430 -9.49 26.29 26.12
C PRO B 430 -8.51 27.36 26.58
N TYR B 431 -7.25 26.95 26.72
CA TYR B 431 -6.19 27.84 27.19
C TYR B 431 -4.90 27.54 26.42
N CYS B 432 -3.90 28.38 26.64
CA CYS B 432 -2.67 28.28 25.86
C CYS B 432 -1.99 26.93 26.08
N ILE B 433 -1.51 26.35 24.98
CA ILE B 433 -0.93 25.02 25.04
C ILE B 433 0.35 25.04 25.88
N LEU B 434 1.04 26.18 25.93
CA LEU B 434 2.30 26.26 26.64
C LEU B 434 2.16 25.84 28.11
N TYR B 435 1.02 26.15 28.73
CA TYR B 435 0.82 25.76 30.12
C TYR B 435 0.89 24.25 30.29
N ASP B 436 0.39 23.51 29.30
CA ASP B 436 0.44 22.06 29.38
C ASP B 436 1.87 21.54 29.23
N ARG B 437 2.76 22.35 28.65
CA ARG B 437 4.12 21.95 28.33
C ARG B 437 5.10 22.24 29.47
N GLY B 438 4.61 22.69 30.62
CA GLY B 438 5.46 22.89 31.79
C GLY B 438 5.70 24.32 32.16
N TYR B 439 5.21 25.29 31.38
CA TYR B 439 5.31 26.69 31.77
C TYR B 439 4.16 27.00 32.73
N THR B 440 4.49 27.47 33.93
CA THR B 440 3.46 27.88 34.88
C THR B 440 3.15 29.37 34.79
N SER B 441 4.09 30.18 34.28
CA SER B 441 3.85 31.60 34.05
C SER B 441 4.46 31.96 32.71
N LEU B 442 3.67 32.64 31.88
CA LEU B 442 4.12 33.09 30.56
C LEU B 442 4.53 34.56 30.62
N GLY B 443 5.81 34.81 30.41
CA GLY B 443 6.32 36.17 30.34
C GLY B 443 7.04 36.34 29.02
N SER B 444 7.94 37.32 28.92
CA SER B 444 8.74 37.45 27.71
C SER B 444 9.59 36.19 27.53
N ARG B 445 10.04 35.98 26.29
CA ARG B 445 10.74 34.75 25.97
C ARG B 445 12.01 34.61 26.78
N GLU B 446 12.73 35.71 27.01
CA GLU B 446 14.03 35.67 27.66
C GLU B 446 13.91 35.51 29.17
N ASN B 447 12.72 35.73 29.73
CA ASN B 447 12.54 35.67 31.18
C ASN B 447 11.94 34.36 31.65
N THR B 448 11.11 33.71 30.84
CA THR B 448 10.32 32.57 31.25
C THR B 448 11.00 31.27 30.83
N VAL B 449 10.86 30.25 31.67
CA VAL B 449 11.41 28.93 31.42
C VAL B 449 10.42 27.90 31.96
N ARG B 450 10.46 26.69 31.39
CA ARG B 450 9.62 25.62 31.90
C ARG B 450 9.87 25.46 33.40
N ASN B 451 8.79 25.36 34.16
CA ASN B 451 8.89 25.35 35.62
C ASN B 451 9.58 24.07 36.09
N PRO B 452 10.70 24.17 36.80
CA PRO B 452 11.44 22.94 37.16
C PRO B 452 10.65 21.98 38.01
N ALA B 453 9.86 22.47 38.97
CA ALA B 453 9.03 21.58 39.78
C ALA B 453 8.25 20.61 38.89
N LEU B 454 7.81 21.09 37.74
CA LEU B 454 6.96 20.31 36.85
C LEU B 454 7.73 19.30 36.00
N LYS B 455 9.05 19.20 36.16
CA LYS B 455 9.85 18.25 35.40
C LYS B 455 9.94 16.93 36.15
N CYS B 456 10.15 15.86 35.38
CA CYS B 456 10.23 14.53 35.96
C CYS B 456 10.95 13.55 35.04
N THR B 464 8.99 15.49 28.64
CA THR B 464 9.24 14.98 29.97
C THR B 464 8.92 16.03 31.03
N TYR B 465 7.96 16.89 30.71
CA TYR B 465 7.48 17.93 31.61
C TYR B 465 6.00 17.71 31.91
N ARG B 466 5.58 17.99 33.14
CA ARG B 466 4.20 17.78 33.55
C ARG B 466 3.37 19.04 33.33
N PRO B 467 2.06 18.90 33.18
CA PRO B 467 1.21 20.08 32.93
C PRO B 467 1.33 21.11 34.04
N ALA B 468 0.77 22.29 33.77
CA ALA B 468 0.83 23.37 34.74
C ALA B 468 -0.24 23.25 35.83
N TYR B 469 -1.40 22.66 35.53
CA TYR B 469 -2.50 22.65 36.47
C TYR B 469 -2.35 21.57 37.54
N LEU B 470 -1.24 20.81 37.54
CA LEU B 470 -1.01 19.86 38.63
C LEU B 470 -0.06 20.41 39.70
N LEU B 471 0.69 21.47 39.41
CA LEU B 471 1.53 22.07 40.44
C LEU B 471 0.68 22.42 41.64
N GLU B 472 0.95 21.78 42.78
CA GLU B 472 0.07 21.92 43.94
C GLU B 472 0.33 23.20 44.73
N ASN B 473 1.50 23.81 44.60
CA ASN B 473 1.83 25.01 45.34
C ASN B 473 1.68 26.24 44.44
N GLU B 474 0.92 27.22 44.91
CA GLU B 474 0.73 28.45 44.14
C GLU B 474 2.00 29.29 44.12
N GLU B 475 2.82 29.19 45.17
CA GLU B 475 4.04 30.00 45.25
C GLU B 475 5.08 29.52 44.25
N GLU B 476 5.04 28.24 43.89
CA GLU B 476 5.97 27.73 42.87
C GLU B 476 5.62 28.22 41.48
N GLU B 477 4.37 28.64 41.24
CA GLU B 477 4.03 29.28 39.97
C GLU B 477 4.76 30.61 39.81
N ARG B 478 4.99 31.32 40.92
CA ARG B 478 5.52 32.68 40.84
C ARG B 478 6.99 32.69 40.46
N ASN B 479 7.74 31.62 40.78
CA ASN B 479 9.19 31.66 40.57
C ASN B 479 9.58 31.43 39.12
N SER B 480 8.83 30.61 38.39
CA SER B 480 9.17 30.29 37.01
C SER B 480 9.29 31.56 36.15
N SER C 5 -16.53 -24.18 11.35
CA SER C 5 -16.09 -25.41 10.69
C SER C 5 -16.47 -25.43 9.21
N VAL C 6 -15.68 -24.71 8.40
CA VAL C 6 -15.87 -24.63 6.96
C VAL C 6 -14.90 -25.58 6.27
N THR C 7 -15.45 -26.51 5.50
CA THR C 7 -14.69 -27.55 4.82
C THR C 7 -14.64 -27.31 3.31
N ALA C 8 -13.67 -27.97 2.67
CA ALA C 8 -13.45 -27.80 1.25
C ALA C 8 -12.91 -29.09 0.62
N GLY C 9 -13.32 -29.32 -0.62
CA GLY C 9 -12.76 -30.39 -1.44
C GLY C 9 -12.16 -29.81 -2.70
N ILE C 10 -11.13 -30.47 -3.21
CA ILE C 10 -10.36 -29.97 -4.35
C ILE C 10 -10.39 -31.00 -5.46
N ILE C 11 -10.68 -30.55 -6.68
CA ILE C 11 -10.65 -31.39 -7.85
C ILE C 11 -9.68 -30.74 -8.83
N ILE C 12 -8.50 -31.34 -8.96
CA ILE C 12 -7.50 -30.91 -9.91
C ILE C 12 -7.63 -31.81 -11.11
N VAL C 13 -8.07 -31.26 -12.23
CA VAL C 13 -8.28 -32.05 -13.43
C VAL C 13 -7.07 -31.86 -14.32
N GLY C 14 -6.39 -32.97 -14.62
CA GLY C 14 -5.21 -32.91 -15.45
C GLY C 14 -4.67 -34.28 -15.78
N ASP C 15 -4.74 -34.59 -17.08
CA ASP C 15 -4.23 -35.87 -17.56
C ASP C 15 -2.74 -36.00 -17.30
N GLU C 16 -1.99 -34.94 -17.56
CA GLU C 16 -0.54 -35.02 -17.45
C GLU C 16 -0.10 -35.34 -16.00
N ILE C 17 -0.71 -34.73 -15.00
CA ILE C 17 -0.31 -35.07 -13.63
C ILE C 17 -0.46 -36.59 -13.41
N LEU C 18 -1.57 -37.16 -13.89
CA LEU C 18 -1.74 -38.61 -13.78
C LEU C 18 -0.68 -39.35 -14.57
N LYS C 19 -0.29 -38.84 -15.73
CA LYS C 19 0.72 -39.56 -16.52
C LYS C 19 2.12 -39.47 -15.93
N GLY C 20 2.40 -38.42 -15.17
CA GLY C 20 3.73 -38.16 -14.68
C GLY C 20 4.54 -37.19 -15.51
N HIS C 21 3.98 -36.67 -16.59
CA HIS C 21 4.77 -35.74 -17.39
C HIS C 21 5.17 -34.52 -16.58
N THR C 22 4.21 -33.95 -15.84
CA THR C 22 4.44 -32.73 -15.07
C THR C 22 4.03 -32.97 -13.63
N GLN C 23 4.71 -32.28 -12.71
CA GLN C 23 4.40 -32.43 -11.30
C GLN C 23 3.28 -31.49 -10.91
N ASP C 24 2.54 -31.88 -9.88
CA ASP C 24 1.40 -31.11 -9.39
C ASP C 24 1.87 -30.14 -8.33
N THR C 25 1.79 -28.85 -8.64
CA THR C 25 2.14 -27.80 -7.69
C THR C 25 0.92 -27.01 -7.22
N ASN C 26 -0.24 -27.19 -7.86
CA ASN C 26 -1.41 -26.43 -7.43
C ASN C 26 -1.97 -26.92 -6.10
N THR C 27 -1.85 -28.22 -5.81
CA THR C 27 -2.49 -28.75 -4.61
C THR C 27 -1.81 -28.24 -3.34
N PHE C 28 -0.49 -28.18 -3.32
CA PHE C 28 0.22 -27.66 -2.15
C PHE C 28 -0.19 -26.21 -1.89
N PHE C 29 -0.22 -25.41 -2.95
CA PHE C 29 -0.62 -24.03 -2.84
C PHE C 29 -2.05 -23.91 -2.32
N LEU C 30 -2.97 -24.65 -2.94
CA LEU C 30 -4.38 -24.56 -2.57
C LEU C 30 -4.59 -24.96 -1.13
N CYS C 31 -3.97 -26.06 -0.70
CA CYS C 31 -4.12 -26.50 0.69
C CYS C 31 -3.55 -25.49 1.67
N ARG C 32 -2.31 -25.04 1.43
CA ARG C 32 -1.67 -24.09 2.34
C ARG C 32 -2.49 -22.82 2.44
N THR C 33 -2.93 -22.29 1.30
CA THR C 33 -3.76 -21.09 1.29
C THR C 33 -5.07 -21.31 2.04
N LEU C 34 -5.79 -22.39 1.71
CA LEU C 34 -7.09 -22.60 2.33
C LEU C 34 -6.97 -22.80 3.84
N ARG C 35 -5.86 -23.38 4.28
CA ARG C 35 -5.61 -23.50 5.71
C ARG C 35 -5.42 -22.13 6.35
N SER C 36 -4.66 -21.24 5.69
CA SER C 36 -4.48 -19.92 6.28
C SER C 36 -5.81 -19.18 6.44
N LEU C 37 -6.80 -19.48 5.58
CA LEU C 37 -8.08 -18.79 5.59
C LEU C 37 -9.08 -19.37 6.58
N GLY C 38 -8.77 -20.48 7.24
CA GLY C 38 -9.71 -21.07 8.18
C GLY C 38 -10.57 -22.16 7.62
N VAL C 39 -10.22 -22.69 6.45
CA VAL C 39 -10.99 -23.74 5.80
C VAL C 39 -10.25 -25.05 5.99
N GLN C 40 -10.98 -26.09 6.42
CA GLN C 40 -10.38 -27.40 6.61
C GLN C 40 -10.53 -28.18 5.31
N VAL C 41 -9.41 -28.55 4.70
CA VAL C 41 -9.43 -29.34 3.48
C VAL C 41 -9.57 -30.80 3.88
N CYS C 42 -10.60 -31.47 3.36
CA CYS C 42 -10.92 -32.84 3.76
C CYS C 42 -10.60 -33.88 2.71
N ARG C 43 -10.29 -33.49 1.48
CA ARG C 43 -9.95 -34.47 0.45
C ARG C 43 -9.49 -33.76 -0.81
N VAL C 44 -8.68 -34.49 -1.59
CA VAL C 44 -8.23 -34.05 -2.90
C VAL C 44 -8.35 -35.22 -3.87
N SER C 45 -8.58 -34.90 -5.14
CA SER C 45 -8.79 -35.93 -6.15
C SER C 45 -8.32 -35.40 -7.50
N VAL C 46 -7.50 -36.20 -8.18
CA VAL C 46 -7.03 -35.90 -9.54
C VAL C 46 -7.76 -36.84 -10.49
N VAL C 47 -8.35 -36.25 -11.53
CA VAL C 47 -9.18 -36.99 -12.48
C VAL C 47 -8.77 -36.62 -13.89
N PRO C 48 -9.04 -37.50 -14.86
CA PRO C 48 -8.74 -37.21 -16.26
C PRO C 48 -9.77 -36.27 -16.88
N ASP C 49 -9.41 -35.72 -18.04
CA ASP C 49 -10.28 -34.84 -18.80
C ASP C 49 -11.42 -35.62 -19.44
N GLU C 50 -12.31 -36.19 -18.63
CA GLU C 50 -13.49 -36.92 -19.11
C GLU C 50 -14.70 -36.37 -18.39
N VAL C 51 -15.79 -36.15 -19.15
CA VAL C 51 -16.95 -35.48 -18.59
C VAL C 51 -17.56 -36.29 -17.45
N ALA C 52 -17.74 -37.59 -17.67
CA ALA C 52 -18.42 -38.44 -16.68
C ALA C 52 -17.67 -38.43 -15.34
N THR C 53 -16.35 -38.59 -15.39
CA THR C 53 -15.59 -38.70 -14.15
C THR C 53 -15.66 -37.40 -13.35
N ILE C 54 -15.41 -36.28 -14.02
CA ILE C 54 -15.44 -34.99 -13.36
C ILE C 54 -16.80 -34.72 -12.78
N ALA C 55 -17.87 -35.06 -13.52
CA ALA C 55 -19.22 -34.79 -13.02
C ALA C 55 -19.50 -35.61 -11.78
N ALA C 56 -19.04 -36.87 -11.75
CA ALA C 56 -19.20 -37.69 -10.54
C ALA C 56 -18.49 -37.05 -9.35
N GLU C 57 -17.23 -36.65 -9.53
CA GLU C 57 -16.47 -36.09 -8.42
C GLU C 57 -17.06 -34.77 -7.95
N VAL C 58 -17.57 -33.96 -8.89
CA VAL C 58 -18.20 -32.70 -8.51
C VAL C 58 -19.44 -32.95 -7.69
N THR C 59 -20.29 -33.88 -8.13
CA THR C 59 -21.51 -34.18 -7.39
C THR C 59 -21.19 -34.63 -5.96
N SER C 60 -20.27 -35.58 -5.83
CA SER C 60 -19.93 -36.08 -4.50
C SER C 60 -19.42 -34.95 -3.61
N PHE C 61 -18.39 -34.25 -4.08
CA PHE C 61 -17.76 -33.20 -3.28
C PHE C 61 -18.75 -32.10 -2.93
N SER C 62 -19.56 -31.68 -3.89
CA SER C 62 -20.53 -30.63 -3.63
C SER C 62 -21.50 -31.06 -2.55
N ASN C 63 -21.99 -32.30 -2.61
CA ASN C 63 -22.92 -32.74 -1.57
C ASN C 63 -22.26 -32.78 -0.19
N ARG C 64 -20.96 -33.06 -0.13
CA ARG C 64 -20.37 -33.30 1.19
C ARG C 64 -19.72 -32.09 1.85
N PHE C 65 -19.15 -31.14 1.09
CA PHE C 65 -18.33 -30.10 1.69
C PHE C 65 -18.92 -28.73 1.42
N THR C 66 -18.42 -27.75 2.18
CA THR C 66 -18.87 -26.38 2.01
C THR C 66 -18.44 -25.83 0.66
N HIS C 67 -17.14 -25.86 0.37
CA HIS C 67 -16.63 -25.38 -0.90
C HIS C 67 -16.04 -26.51 -1.73
N VAL C 68 -16.13 -26.35 -3.06
CA VAL C 68 -15.47 -27.22 -4.02
C VAL C 68 -14.64 -26.32 -4.94
N LEU C 69 -13.35 -26.64 -5.07
CA LEU C 69 -12.44 -25.83 -5.87
C LEU C 69 -11.89 -26.69 -7.00
N THR C 70 -12.25 -26.32 -8.23
CA THR C 70 -11.83 -27.02 -9.43
C THR C 70 -10.68 -26.27 -10.08
N ALA C 71 -9.67 -27.03 -10.52
CA ALA C 71 -8.47 -26.47 -11.13
C ALA C 71 -8.25 -27.11 -12.48
N GLY C 72 -8.36 -26.32 -13.54
CA GLY C 72 -8.08 -26.80 -14.87
C GLY C 72 -9.36 -27.10 -15.64
N GLY C 73 -9.20 -27.23 -16.95
CA GLY C 73 -10.29 -27.69 -17.79
C GLY C 73 -11.26 -26.63 -18.26
N ILE C 74 -10.89 -25.36 -18.19
CA ILE C 74 -11.76 -24.32 -18.71
C ILE C 74 -11.09 -23.57 -19.84
N GLY C 75 -10.37 -24.30 -20.69
CA GLY C 75 -9.75 -23.74 -21.86
C GLY C 75 -10.66 -23.74 -23.08
N PRO C 76 -10.11 -23.40 -24.24
CA PRO C 76 -10.91 -23.40 -25.48
C PRO C 76 -10.80 -24.66 -26.33
N THR C 77 -9.96 -25.63 -25.98
CA THR C 77 -9.82 -26.83 -26.79
C THR C 77 -10.89 -27.87 -26.45
N HIS C 78 -10.81 -29.01 -27.13
CA HIS C 78 -11.77 -30.09 -26.90
C HIS C 78 -11.51 -30.84 -25.60
N ASP C 79 -10.25 -30.98 -25.19
CA ASP C 79 -9.95 -31.69 -23.95
C ASP C 79 -10.35 -30.89 -22.71
N ASP C 80 -10.85 -29.65 -22.84
CA ASP C 80 -11.29 -28.85 -21.70
C ASP C 80 -12.79 -29.00 -21.56
N VAL C 81 -13.23 -29.73 -20.54
CA VAL C 81 -14.65 -30.09 -20.43
C VAL C 81 -15.15 -29.95 -19.00
N THR C 82 -14.54 -29.04 -18.24
CA THR C 82 -14.97 -28.84 -16.86
C THR C 82 -16.36 -28.22 -16.83
N PHE C 83 -16.58 -27.16 -17.63
CA PHE C 83 -17.90 -26.52 -17.66
C PHE C 83 -18.99 -27.52 -18.00
N GLU C 84 -18.75 -28.36 -19.02
CA GLU C 84 -19.74 -29.37 -19.41
C GLU C 84 -19.98 -30.36 -18.27
N ALA C 85 -18.91 -30.80 -17.60
CA ALA C 85 -19.06 -31.74 -16.49
C ALA C 85 -19.90 -31.15 -15.37
N VAL C 86 -19.64 -29.90 -15.00
CA VAL C 86 -20.43 -29.29 -13.92
C VAL C 86 -21.88 -29.10 -14.35
N ALA C 87 -22.10 -28.64 -15.58
CA ALA C 87 -23.47 -28.52 -16.08
C ALA C 87 -24.20 -29.85 -15.95
N GLN C 88 -23.58 -30.93 -16.44
CA GLN C 88 -24.20 -32.24 -16.35
C GLN C 88 -24.49 -32.60 -14.90
N ALA C 89 -23.51 -32.39 -14.02
CA ALA C 89 -23.63 -32.86 -12.64
C ALA C 89 -24.85 -32.24 -11.95
N PHE C 90 -25.21 -31.02 -12.33
CA PHE C 90 -26.32 -30.31 -11.71
C PHE C 90 -27.53 -30.21 -12.62
N GLY C 91 -27.58 -31.00 -13.69
CA GLY C 91 -28.72 -30.96 -14.58
C GLY C 91 -28.96 -29.64 -15.25
N ASP C 92 -27.96 -28.76 -15.26
CA ASP C 92 -28.10 -27.48 -15.93
C ASP C 92 -27.73 -27.62 -17.40
N GLU C 93 -28.01 -26.57 -18.16
CA GLU C 93 -27.73 -26.50 -19.59
C GLU C 93 -26.73 -25.38 -19.84
N LEU C 94 -25.85 -25.60 -20.81
CA LEU C 94 -24.84 -24.61 -21.15
C LEU C 94 -25.46 -23.54 -22.05
N LYS C 95 -25.29 -22.27 -21.67
CA LYS C 95 -25.85 -21.19 -22.49
C LYS C 95 -24.85 -20.04 -22.40
N PRO C 96 -24.52 -19.39 -23.53
CA PRO C 96 -23.50 -18.32 -23.49
C PRO C 96 -23.93 -17.16 -22.61
N HIS C 97 -23.03 -16.78 -21.69
CA HIS C 97 -23.29 -15.70 -20.75
C HIS C 97 -22.91 -14.36 -21.37
N PRO C 98 -23.86 -13.43 -21.51
CA PRO C 98 -23.53 -12.17 -22.22
C PRO C 98 -22.32 -11.45 -21.65
N LYS C 99 -22.10 -11.52 -20.33
CA LYS C 99 -20.96 -10.81 -19.74
C LYS C 99 -19.65 -11.38 -20.25
N LEU C 100 -19.48 -12.70 -20.20
CA LEU C 100 -18.23 -13.30 -20.68
C LEU C 100 -18.08 -13.14 -22.19
N GLU C 101 -19.20 -13.12 -22.93
CA GLU C 101 -19.14 -12.82 -24.35
C GLU C 101 -18.60 -11.42 -24.60
N ALA C 102 -19.10 -10.43 -23.85
CA ALA C 102 -18.59 -9.07 -23.98
C ALA C 102 -17.12 -9.02 -23.62
N ALA C 103 -16.71 -9.74 -22.57
CA ALA C 103 -15.31 -9.78 -22.19
C ALA C 103 -14.44 -10.30 -23.34
N THR C 104 -14.80 -11.46 -23.89
CA THR C 104 -14.04 -11.99 -25.02
C THR C 104 -14.03 -11.02 -26.19
N LYS C 105 -15.12 -10.25 -26.36
CA LYS C 105 -15.18 -9.30 -27.46
C LYS C 105 -14.25 -8.11 -27.22
N ALA C 106 -14.07 -7.71 -25.97
CA ALA C 106 -13.15 -6.62 -25.66
C ALA C 106 -11.74 -6.94 -26.14
N LEU C 107 -11.35 -8.21 -26.05
CA LEU C 107 -10.06 -8.67 -26.55
C LEU C 107 -10.23 -9.13 -28.00
N GLY C 108 -9.19 -9.75 -28.56
CA GLY C 108 -9.30 -10.24 -29.92
C GLY C 108 -10.55 -11.07 -30.13
N GLY C 109 -10.76 -12.07 -29.29
CA GLY C 109 -11.97 -12.85 -29.30
C GLY C 109 -12.21 -13.71 -30.52
N GLU C 110 -11.15 -14.25 -31.12
CA GLU C 110 -11.30 -15.24 -32.19
C GLU C 110 -11.24 -16.63 -31.57
N GLY C 111 -12.29 -17.42 -31.79
CA GLY C 111 -12.30 -18.78 -31.30
C GLY C 111 -12.34 -18.95 -29.80
N TRP C 112 -12.78 -17.94 -29.07
CA TRP C 112 -12.88 -18.01 -27.62
C TRP C 112 -14.29 -18.35 -27.15
N GLU C 113 -15.19 -18.71 -28.08
CA GLU C 113 -16.60 -18.87 -27.72
C GLU C 113 -16.79 -19.85 -26.58
N LYS C 114 -15.98 -20.91 -26.53
CA LYS C 114 -16.14 -21.90 -25.47
C LYS C 114 -15.84 -21.31 -24.09
N LEU C 115 -15.12 -20.18 -24.04
CA LEU C 115 -14.76 -19.59 -22.76
C LEU C 115 -15.91 -18.85 -22.09
N SER C 116 -16.94 -18.46 -22.84
CA SER C 116 -18.11 -17.80 -22.31
C SER C 116 -19.34 -18.69 -22.30
N LEU C 117 -19.18 -19.96 -22.67
CA LEU C 117 -20.28 -20.93 -22.72
C LEU C 117 -20.28 -21.69 -21.40
N VAL C 118 -21.10 -21.24 -20.46
CA VAL C 118 -21.09 -21.77 -19.10
C VAL C 118 -22.50 -22.21 -18.67
N PRO C 119 -22.62 -22.92 -17.55
CA PRO C 119 -23.96 -23.34 -17.09
C PRO C 119 -24.87 -22.17 -16.81
N SER C 120 -26.18 -22.38 -17.00
CA SER C 120 -27.15 -21.31 -16.88
C SER C 120 -27.24 -20.74 -15.47
N SER C 121 -27.00 -21.57 -14.45
CA SER C 121 -27.11 -21.12 -13.06
C SER C 121 -25.84 -20.46 -12.55
N ALA C 122 -24.85 -20.22 -13.41
CA ALA C 122 -23.57 -19.70 -12.95
C ALA C 122 -23.68 -18.27 -12.44
N ARG C 123 -22.77 -17.94 -11.53
CA ARG C 123 -22.54 -16.60 -11.02
C ARG C 123 -21.08 -16.21 -11.22
N LEU C 124 -20.84 -14.93 -11.46
CA LEU C 124 -19.52 -14.42 -11.71
C LEU C 124 -19.02 -13.65 -10.50
N HIS C 125 -17.72 -13.77 -10.21
CA HIS C 125 -17.08 -13.06 -9.11
C HIS C 125 -15.88 -12.30 -9.67
N TYR C 126 -15.94 -10.97 -9.61
CA TYR C 126 -14.88 -10.12 -10.12
C TYR C 126 -13.92 -9.76 -9.00
N GLY C 127 -12.63 -9.73 -9.34
CA GLY C 127 -11.60 -9.44 -8.37
C GLY C 127 -10.47 -8.64 -8.97
N THR C 128 -9.37 -8.50 -8.22
CA THR C 128 -8.24 -7.67 -8.63
C THR C 128 -6.96 -8.49 -8.50
N ASP C 129 -6.25 -8.61 -9.61
CA ASP C 129 -5.02 -9.39 -9.70
C ASP C 129 -3.91 -8.76 -8.87
N PRO C 130 -3.36 -9.49 -7.89
CA PRO C 130 -2.35 -8.85 -7.01
C PRO C 130 -1.06 -8.50 -7.73
N CYS C 131 -0.76 -9.10 -8.88
CA CYS C 131 0.47 -8.78 -9.57
C CYS C 131 0.36 -7.45 -10.33
N THR C 132 -0.74 -7.22 -11.05
CA THR C 132 -0.89 -6.00 -11.82
C THR C 132 -1.66 -4.92 -11.07
N GLY C 133 -2.38 -5.28 -10.01
CA GLY C 133 -3.27 -4.37 -9.33
C GLY C 133 -4.51 -3.99 -10.11
N GLN C 134 -4.65 -4.42 -11.36
CA GLN C 134 -5.80 -4.23 -12.23
C GLN C 134 -6.70 -5.45 -12.23
N PRO C 135 -7.96 -5.29 -12.65
CA PRO C 135 -8.89 -6.43 -12.65
C PRO C 135 -8.47 -7.56 -13.59
N PHE C 136 -8.89 -8.78 -13.22
CA PHE C 136 -8.63 -9.95 -14.05
C PHE C 136 -9.32 -9.83 -15.40
N ARG C 137 -8.69 -10.40 -16.44
CA ARG C 137 -9.33 -10.47 -17.75
C ARG C 137 -10.76 -10.98 -17.63
N PHE C 138 -10.93 -12.15 -17.03
CA PHE C 138 -12.20 -12.82 -16.87
C PHE C 138 -12.52 -13.00 -15.40
N PRO C 139 -13.80 -12.99 -15.03
CA PRO C 139 -14.18 -13.24 -13.64
C PRO C 139 -14.13 -14.73 -13.31
N LEU C 140 -14.14 -15.01 -12.01
CA LEU C 140 -14.18 -16.38 -11.51
C LEU C 140 -15.62 -16.90 -11.59
N VAL C 141 -15.79 -18.02 -12.28
CA VAL C 141 -17.12 -18.61 -12.44
C VAL C 141 -17.40 -19.55 -11.27
N SER C 142 -18.59 -19.41 -10.69
CA SER C 142 -19.07 -20.22 -9.59
C SER C 142 -20.42 -20.81 -9.98
N VAL C 143 -20.67 -22.01 -9.48
CA VAL C 143 -21.92 -22.73 -9.73
C VAL C 143 -22.26 -23.49 -8.45
N ARG C 144 -23.40 -23.15 -7.84
CA ARG C 144 -23.71 -23.66 -6.50
C ARG C 144 -22.45 -23.38 -5.68
N ASN C 145 -21.85 -24.37 -5.00
CA ASN C 145 -20.68 -24.12 -4.18
C ASN C 145 -19.39 -24.61 -4.85
N VAL C 146 -19.33 -24.57 -6.18
CA VAL C 146 -18.19 -25.07 -6.94
C VAL C 146 -17.60 -23.91 -7.72
N TYR C 147 -16.33 -23.61 -7.46
CA TYR C 147 -15.63 -22.46 -8.04
C TYR C 147 -14.59 -23.00 -9.01
N LEU C 148 -14.72 -22.60 -10.28
CA LEU C 148 -13.92 -23.19 -11.37
C LEU C 148 -12.69 -22.32 -11.63
N PHE C 149 -11.54 -22.74 -11.07
CA PHE C 149 -10.29 -22.04 -11.31
C PHE C 149 -9.59 -22.57 -12.54
N PRO C 150 -8.68 -21.78 -13.12
CA PRO C 150 -7.83 -22.30 -14.21
C PRO C 150 -6.69 -23.13 -13.62
N GLY C 151 -6.05 -23.89 -14.51
CA GLY C 151 -5.02 -24.83 -14.10
C GLY C 151 -3.62 -24.30 -14.25
N ILE C 152 -3.46 -23.26 -15.07
CA ILE C 152 -2.14 -22.68 -15.30
C ILE C 152 -1.63 -22.25 -13.93
N PRO C 153 -0.55 -22.85 -13.42
CA PRO C 153 -0.20 -22.60 -12.00
C PRO C 153 -0.03 -21.14 -11.65
N GLU C 154 0.74 -20.38 -12.44
CA GLU C 154 0.90 -18.96 -12.18
C GLU C 154 -0.46 -18.28 -12.01
N LEU C 155 -1.31 -18.43 -13.03
CA LEU C 155 -2.63 -17.81 -13.02
C LEU C 155 -3.49 -18.32 -11.87
N LEU C 156 -3.36 -19.60 -11.52
CA LEU C 156 -4.15 -20.10 -10.40
C LEU C 156 -3.77 -19.42 -9.10
N ARG C 157 -2.46 -19.25 -8.86
CA ARG C 157 -2.02 -18.55 -7.65
C ARG C 157 -2.55 -17.13 -7.63
N ARG C 158 -2.45 -16.43 -8.75
CA ARG C 158 -2.96 -15.07 -8.81
C ARG C 158 -4.46 -15.01 -8.53
N VAL C 159 -5.24 -15.89 -9.17
CA VAL C 159 -6.68 -15.81 -9.02
C VAL C 159 -7.10 -16.16 -7.60
N LEU C 160 -6.52 -17.21 -7.02
CA LEU C 160 -6.89 -17.58 -5.66
C LEU C 160 -6.56 -16.45 -4.69
N GLU C 161 -5.38 -15.84 -4.83
CA GLU C 161 -5.05 -14.70 -3.98
C GLU C 161 -6.05 -13.57 -4.17
N GLY C 162 -6.43 -13.28 -5.42
CA GLY C 162 -7.35 -12.19 -5.68
C GLY C 162 -8.73 -12.46 -5.10
N MET C 163 -9.17 -13.71 -5.14
CA MET C 163 -10.54 -14.07 -4.78
C MET C 163 -10.61 -14.75 -3.43
N LYS C 164 -9.55 -14.71 -2.63
CA LYS C 164 -9.57 -15.44 -1.36
C LYS C 164 -10.68 -14.95 -0.45
N GLY C 165 -11.13 -13.70 -0.62
CA GLY C 165 -12.25 -13.21 0.17
C GLY C 165 -13.44 -14.12 0.11
N LEU C 166 -13.70 -14.71 -1.06
CA LEU C 166 -14.86 -15.56 -1.21
C LEU C 166 -14.84 -16.77 -0.28
N PHE C 167 -13.67 -17.17 0.23
CA PHE C 167 -13.58 -18.40 1.03
C PHE C 167 -13.25 -18.16 2.50
N GLN C 168 -12.98 -16.93 2.91
CA GLN C 168 -12.50 -16.67 4.27
C GLN C 168 -13.52 -17.11 5.31
N ASN C 169 -13.04 -17.91 6.27
CA ASN C 169 -13.80 -18.25 7.47
C ASN C 169 -13.37 -17.30 8.57
N PRO C 170 -14.22 -16.34 8.98
CA PRO C 170 -13.78 -15.42 10.04
C PRO C 170 -13.69 -16.08 11.39
N ALA C 171 -14.54 -17.06 11.66
CA ALA C 171 -14.63 -17.65 12.99
C ALA C 171 -13.39 -18.43 13.36
N VAL C 172 -12.62 -18.92 12.39
CA VAL C 172 -11.56 -19.87 12.64
C VAL C 172 -10.25 -19.36 12.08
N GLN C 173 -9.18 -19.53 12.87
CA GLN C 173 -7.80 -19.33 12.45
C GLN C 173 -7.04 -20.52 13.04
N PHE C 174 -6.24 -21.19 12.23
CA PHE C 174 -5.61 -22.44 12.62
C PHE C 174 -4.23 -22.16 13.19
N HIS C 175 -3.87 -22.88 14.24
CA HIS C 175 -2.65 -22.71 15.00
C HIS C 175 -1.88 -24.02 15.02
N SER C 176 -0.56 -23.94 14.88
CA SER C 176 0.28 -25.13 14.77
C SER C 176 1.59 -24.94 15.55
N LYS C 177 2.08 -26.06 16.10
CA LYS C 177 3.38 -26.13 16.75
C LYS C 177 4.09 -27.40 16.30
N GLU C 178 5.41 -27.31 16.14
CA GLU C 178 6.25 -28.42 15.71
C GLU C 178 7.15 -28.84 16.87
N LEU C 179 7.38 -30.15 17.01
CA LEU C 179 8.23 -30.68 18.06
C LEU C 179 9.09 -31.80 17.49
N TYR C 180 10.35 -31.86 17.90
CA TYR C 180 11.32 -32.81 17.37
C TYR C 180 11.65 -33.82 18.44
N VAL C 181 11.42 -35.10 18.15
CA VAL C 181 11.61 -36.18 19.12
C VAL C 181 12.69 -37.09 18.58
N ALA C 182 13.71 -37.36 19.40
CA ALA C 182 14.78 -38.25 19.00
C ALA C 182 14.38 -39.72 19.12
N ALA C 183 13.47 -40.03 20.04
CA ALA C 183 12.97 -41.38 20.17
C ALA C 183 12.21 -41.79 18.90
N ASP C 184 12.14 -43.09 18.67
CA ASP C 184 11.37 -43.63 17.57
C ASP C 184 9.88 -43.40 17.82
N GLU C 185 9.10 -43.44 16.73
CA GLU C 185 7.69 -43.10 16.83
C GLU C 185 6.94 -44.14 17.66
N ALA C 186 7.35 -45.41 17.56
CA ALA C 186 6.63 -46.47 18.25
C ALA C 186 6.70 -46.31 19.76
N SER C 187 7.86 -45.90 20.28
CA SER C 187 8.04 -45.80 21.73
C SER C 187 7.20 -44.67 22.31
N ILE C 188 7.10 -43.55 21.60
CA ILE C 188 6.31 -42.42 22.11
C ILE C 188 4.85 -42.55 21.74
N ALA C 189 4.50 -43.54 20.91
CA ALA C 189 3.11 -43.75 20.53
C ALA C 189 2.16 -43.84 21.72
N PRO C 190 2.45 -44.58 22.79
CA PRO C 190 1.47 -44.65 23.91
C PRO C 190 1.22 -43.32 24.58
N ILE C 191 2.27 -42.57 24.89
CA ILE C 191 2.08 -41.25 25.51
C ILE C 191 1.29 -40.34 24.57
N LEU C 192 1.57 -40.42 23.28
CA LEU C 192 0.85 -39.59 22.32
C LEU C 192 -0.62 -39.94 22.30
N ALA C 193 -0.94 -41.23 22.29
CA ALA C 193 -2.34 -41.65 22.36
C ALA C 193 -3.01 -41.12 23.62
N GLU C 194 -2.34 -41.26 24.77
CA GLU C 194 -2.91 -40.76 26.01
C GLU C 194 -3.16 -39.25 25.93
N ALA C 195 -2.22 -38.49 25.40
CA ALA C 195 -2.40 -37.05 25.28
C ALA C 195 -3.58 -36.72 24.36
N GLN C 196 -3.68 -37.43 23.23
CA GLN C 196 -4.79 -37.20 22.33
C GLN C 196 -6.12 -37.46 23.02
N ALA C 197 -6.20 -38.54 23.80
CA ALA C 197 -7.42 -38.81 24.55
C ALA C 197 -7.72 -37.69 25.54
N HIS C 198 -6.71 -37.30 26.32
CA HIS C 198 -6.93 -36.29 27.34
C HIS C 198 -7.43 -34.98 26.73
N PHE C 199 -6.93 -34.62 25.56
CA PHE C 199 -7.31 -33.33 24.97
C PHE C 199 -8.53 -33.41 24.07
N GLY C 200 -8.90 -34.60 23.58
CA GLY C 200 -10.11 -34.73 22.80
C GLY C 200 -10.19 -33.75 21.65
N ARG C 201 -11.35 -33.11 21.52
CA ARG C 201 -11.61 -32.19 20.42
C ARG C 201 -10.90 -30.85 20.58
N ARG C 202 -10.36 -30.56 21.77
CA ARG C 202 -9.69 -29.28 21.96
C ARG C 202 -8.45 -29.16 21.09
N LEU C 203 -7.75 -30.27 20.84
CA LEU C 203 -6.46 -30.21 20.18
C LEU C 203 -6.21 -31.52 19.42
N GLY C 204 -5.58 -31.40 18.26
CA GLY C 204 -5.23 -32.54 17.42
C GLY C 204 -3.73 -32.76 17.38
N LEU C 205 -3.32 -33.99 17.68
CA LEU C 205 -1.91 -34.36 17.75
C LEU C 205 -1.60 -35.41 16.71
N GLY C 206 -0.61 -35.13 15.86
CA GLY C 206 -0.15 -36.09 14.87
C GLY C 206 1.35 -36.25 14.94
N SER C 207 1.84 -37.29 14.29
CA SER C 207 3.28 -37.56 14.31
C SER C 207 3.70 -38.15 12.97
N TYR C 208 4.91 -37.83 12.54
CA TYR C 208 5.45 -38.52 11.38
C TYR C 208 6.97 -38.56 11.48
N PRO C 209 7.61 -39.62 11.03
CA PRO C 209 9.08 -39.63 11.05
C PRO C 209 9.62 -38.68 9.99
N ASP C 210 10.77 -38.09 10.29
CA ASP C 210 11.56 -37.37 9.30
C ASP C 210 12.99 -37.90 9.45
N TRP C 211 13.55 -38.39 8.35
CA TRP C 211 14.69 -39.30 8.44
C TRP C 211 16.04 -38.63 8.39
N GLY C 212 16.18 -37.49 7.71
CA GLY C 212 17.49 -36.95 7.42
C GLY C 212 18.00 -35.93 8.43
N SER C 213 18.22 -36.37 9.67
CA SER C 213 18.72 -35.49 10.71
C SER C 213 19.56 -36.27 11.71
N ASN C 214 20.52 -35.56 12.31
CA ASN C 214 21.37 -36.14 13.35
C ASN C 214 20.76 -36.02 14.74
N TYR C 215 19.61 -35.37 14.87
CA TYR C 215 19.11 -34.95 16.17
C TYR C 215 17.70 -35.41 16.50
N TYR C 216 16.94 -35.89 15.51
CA TYR C 216 15.60 -36.38 15.79
C TYR C 216 15.16 -37.34 14.70
N GLN C 217 14.33 -38.30 15.10
CA GLN C 217 13.75 -39.27 14.19
C GLN C 217 12.29 -38.98 13.88
N VAL C 218 11.56 -38.37 14.80
CA VAL C 218 10.14 -38.16 14.63
C VAL C 218 9.83 -36.68 14.80
N LYS C 219 8.78 -36.23 14.13
CA LYS C 219 8.29 -34.87 14.27
C LYS C 219 6.83 -34.94 14.68
N LEU C 220 6.53 -34.39 15.85
CA LEU C 220 5.16 -34.25 16.32
C LEU C 220 4.61 -32.89 15.90
N THR C 221 3.32 -32.88 15.61
CA THR C 221 2.61 -31.71 15.10
C THR C 221 1.37 -31.52 15.96
N LEU C 222 1.24 -30.34 16.54
CA LEU C 222 0.09 -29.98 17.36
C LEU C 222 -0.70 -28.93 16.60
N ASP C 223 -2.00 -29.16 16.45
CA ASP C 223 -2.86 -28.27 15.68
C ASP C 223 -4.15 -28.00 16.44
N SER C 224 -4.56 -26.73 16.49
CA SER C 224 -5.85 -26.41 17.07
C SER C 224 -6.29 -25.02 16.61
N GLU C 225 -7.56 -24.72 16.88
CA GLU C 225 -8.14 -23.41 16.60
C GLU C 225 -7.85 -22.39 17.70
N GLU C 226 -7.38 -22.83 18.86
CA GLU C 226 -7.08 -21.96 19.98
C GLU C 226 -5.63 -22.13 20.36
N GLU C 227 -5.11 -21.14 21.09
CA GLU C 227 -3.72 -21.06 21.46
C GLU C 227 -3.38 -21.85 22.71
N GLY C 228 -4.28 -21.89 23.69
CA GLY C 228 -4.06 -22.54 24.96
C GLY C 228 -3.75 -24.03 24.88
N PRO C 229 -4.64 -24.78 24.23
CA PRO C 229 -4.45 -26.24 24.17
C PRO C 229 -3.09 -26.66 23.66
N LEU C 230 -2.48 -25.87 22.76
CA LEU C 230 -1.17 -26.22 22.25
C LEU C 230 -0.12 -26.20 23.36
N GLU C 231 -0.08 -25.13 24.16
CA GLU C 231 0.87 -25.08 25.26
C GLU C 231 0.56 -26.14 26.31
N GLU C 232 -0.73 -26.37 26.59
CA GLU C 232 -1.07 -27.44 27.52
C GLU C 232 -0.47 -28.76 27.06
N CYS C 233 -0.61 -29.07 25.76
CA CYS C 233 -0.08 -30.33 25.25
C CYS C 233 1.45 -30.33 25.24
N LEU C 234 2.07 -29.19 24.96
CA LEU C 234 3.52 -29.09 25.03
C LEU C 234 4.01 -29.49 26.41
N ALA C 235 3.43 -28.90 27.45
CA ALA C 235 3.84 -29.22 28.82
C ALA C 235 3.52 -30.67 29.14
N TYR C 236 2.31 -31.11 28.83
CA TYR C 236 1.89 -32.49 29.08
C TYR C 236 2.91 -33.46 28.50
N LEU C 237 3.32 -33.25 27.26
CA LEU C 237 4.23 -34.18 26.61
C LEU C 237 5.63 -34.08 27.21
N THR C 238 6.15 -32.87 27.38
CA THR C 238 7.48 -32.72 27.96
C THR C 238 7.58 -33.41 29.31
N ALA C 239 6.49 -33.38 30.09
CA ALA C 239 6.51 -34.07 31.39
C ALA C 239 6.34 -35.57 31.23
N ARG C 240 5.42 -36.00 30.36
CA ARG C 240 5.11 -37.42 30.26
C ARG C 240 6.23 -38.20 29.58
N LEU C 241 6.83 -37.61 28.54
CA LEU C 241 7.81 -38.35 27.75
C LEU C 241 9.12 -38.51 28.52
N PRO C 242 9.82 -39.63 28.29
CA PRO C 242 11.05 -39.90 29.05
C PRO C 242 12.10 -38.80 28.89
N GLN C 243 13.07 -38.84 29.80
CA GLN C 243 14.10 -37.81 29.86
C GLN C 243 14.82 -37.64 28.53
N GLY C 244 14.93 -36.40 28.09
CA GLY C 244 15.68 -36.06 26.91
C GLY C 244 14.97 -36.30 25.60
N SER C 245 13.77 -36.87 25.63
CA SER C 245 13.10 -37.22 24.37
C SER C 245 12.93 -36.00 23.47
N LEU C 246 12.38 -34.92 24.01
CA LEU C 246 12.20 -33.71 23.23
C LEU C 246 13.49 -32.89 23.26
N VAL C 247 13.89 -32.40 22.09
CA VAL C 247 15.12 -31.64 21.89
C VAL C 247 14.70 -30.37 21.17
N PRO C 248 15.18 -29.19 21.59
CA PRO C 248 14.75 -27.96 20.90
C PRO C 248 15.52 -27.72 19.59
N TYR C 249 15.46 -28.70 18.70
CA TYR C 249 16.17 -28.61 17.44
C TYR C 249 15.53 -27.53 16.57
N MET C 250 16.38 -26.73 15.92
CA MET C 250 15.91 -25.68 15.05
C MET C 250 16.62 -25.83 13.70
N PRO C 251 15.90 -25.76 12.58
CA PRO C 251 16.60 -25.72 11.29
C PRO C 251 17.25 -24.35 11.10
N ASN C 252 18.58 -24.31 11.25
CA ASN C 252 19.29 -23.05 11.36
C ASN C 252 19.62 -22.48 9.98
N ALA C 253 19.32 -21.20 9.79
CA ALA C 253 19.86 -20.47 8.65
C ALA C 253 21.35 -20.22 8.88
N VAL C 254 22.14 -20.32 7.82
CA VAL C 254 23.57 -20.05 7.97
C VAL C 254 23.80 -18.61 8.41
N GLU C 255 22.89 -17.70 8.02
CA GLU C 255 22.96 -16.33 8.54
C GLU C 255 22.63 -16.30 10.03
N GLN C 256 21.72 -17.16 10.48
CA GLN C 256 21.49 -17.32 11.91
C GLN C 256 22.76 -17.84 12.60
N ALA C 257 23.38 -18.86 12.00
CA ALA C 257 24.63 -19.40 12.54
C ALA C 257 25.71 -18.33 12.63
N SER C 258 25.72 -17.37 11.69
CA SER C 258 26.75 -16.33 11.72
C SER C 258 26.84 -15.66 13.08
N GLU C 259 25.71 -15.14 13.58
CA GLU C 259 25.67 -14.51 14.90
C GLU C 259 25.68 -15.54 16.02
N ALA C 260 25.14 -16.74 15.80
CA ALA C 260 25.09 -17.72 16.88
C ALA C 260 26.50 -18.12 17.31
N VAL C 261 27.38 -18.39 16.35
CA VAL C 261 28.74 -18.79 16.68
C VAL C 261 29.43 -17.72 17.53
N TYR C 262 29.35 -16.45 17.09
CA TYR C 262 30.01 -15.39 17.84
C TYR C 262 29.38 -15.21 19.23
N LYS C 263 28.07 -15.44 19.33
CA LYS C 263 27.46 -15.46 20.66
C LYS C 263 28.10 -16.52 21.55
N LEU C 264 28.28 -17.73 21.02
CA LEU C 264 28.97 -18.76 21.78
C LEU C 264 30.37 -18.29 22.18
N ALA C 265 31.01 -17.52 21.29
CA ALA C 265 32.35 -17.02 21.59
C ALA C 265 32.35 -16.05 22.78
N GLU C 266 31.38 -15.12 22.81
CA GLU C 266 31.32 -14.14 23.88
C GLU C 266 30.94 -14.77 25.21
N SER C 267 30.38 -15.98 25.19
CA SER C 267 30.07 -16.68 26.43
C SER C 267 31.34 -17.01 27.20
N GLY C 268 31.22 -16.99 28.53
CA GLY C 268 32.33 -17.32 29.39
C GLY C 268 32.37 -18.80 29.73
N SER C 269 32.63 -19.64 28.73
CA SER C 269 32.74 -21.07 28.91
C SER C 269 34.01 -21.55 28.21
N SER C 270 34.53 -22.69 28.67
CA SER C 270 35.69 -23.28 28.03
C SER C 270 35.51 -23.31 26.53
N LEU C 271 34.41 -23.91 26.07
CA LEU C 271 34.11 -23.94 24.64
C LEU C 271 33.98 -22.52 24.08
N GLY C 272 33.35 -21.63 24.85
CA GLY C 272 33.20 -20.25 24.38
C GLY C 272 34.54 -19.57 24.16
N LYS C 273 35.49 -19.76 25.08
CA LYS C 273 36.81 -19.17 24.93
C LYS C 273 37.54 -19.78 23.74
N LYS C 274 37.44 -21.10 23.59
CA LYS C 274 38.07 -21.75 22.44
C LYS C 274 37.53 -21.20 21.13
N VAL C 275 36.21 -21.02 21.06
CA VAL C 275 35.59 -20.47 19.86
C VAL C 275 36.06 -19.04 19.61
N ALA C 276 36.13 -18.23 20.67
CA ALA C 276 36.61 -16.86 20.51
C ALA C 276 38.01 -16.83 19.94
N GLY C 277 38.89 -17.70 20.44
CA GLY C 277 40.26 -17.72 19.94
C GLY C 277 40.35 -18.18 18.49
N ALA C 278 39.71 -19.29 18.16
CA ALA C 278 39.70 -19.75 16.77
C ALA C 278 39.16 -18.68 15.84
N LEU C 279 38.08 -18.00 16.27
CA LEU C 279 37.49 -16.96 15.44
C LEU C 279 38.44 -15.77 15.30
N GLN C 280 39.22 -15.44 16.33
CA GLN C 280 40.22 -14.39 16.19
C GLN C 280 41.25 -14.77 15.14
N THR C 281 41.70 -16.03 15.15
CA THR C 281 42.63 -16.48 14.12
C THR C 281 42.01 -16.35 12.72
N ILE C 282 40.74 -16.71 12.60
CA ILE C 282 40.06 -16.63 11.31
C ILE C 282 39.93 -15.18 10.87
N GLU C 283 39.63 -14.28 11.82
CA GLU C 283 39.52 -12.86 11.51
C GLU C 283 40.84 -12.32 10.97
N THR C 284 41.94 -12.65 11.64
CA THR C 284 43.25 -12.23 11.13
C THR C 284 43.50 -12.77 9.74
N SER C 285 43.16 -14.04 9.51
CA SER C 285 43.34 -14.63 8.18
C SER C 285 42.56 -13.85 7.11
N LEU C 286 41.29 -13.53 7.39
CA LEU C 286 40.50 -12.79 6.42
C LEU C 286 41.05 -11.38 6.22
N ALA C 287 41.68 -10.80 7.25
CA ALA C 287 42.26 -9.47 7.11
C ALA C 287 43.57 -9.50 6.35
N GLN C 288 44.23 -10.66 6.27
CA GLN C 288 45.47 -10.80 5.52
C GLN C 288 45.23 -11.14 4.04
N TYR C 289 44.20 -11.93 3.74
CA TYR C 289 44.01 -12.47 2.40
C TYR C 289 42.60 -12.19 1.88
N SER C 290 42.49 -12.18 0.55
CA SER C 290 41.19 -12.16 -0.13
C SER C 290 40.58 -13.57 -0.13
N LEU C 291 39.25 -13.63 -0.29
CA LEU C 291 38.59 -14.92 -0.27
C LEU C 291 39.06 -15.85 -1.37
N THR C 292 39.34 -15.31 -2.56
CA THR C 292 39.93 -16.15 -3.60
C THR C 292 41.28 -16.72 -3.19
N GLN C 293 41.97 -16.08 -2.26
CA GLN C 293 43.27 -16.54 -1.80
C GLN C 293 43.17 -17.54 -0.65
N LEU C 294 41.98 -17.75 -0.10
CA LEU C 294 41.76 -18.69 0.98
C LEU C 294 40.98 -19.90 0.50
N CYS C 295 41.17 -21.02 1.19
CA CYS C 295 40.38 -22.22 0.95
C CYS C 295 40.46 -23.11 2.19
N VAL C 296 39.38 -23.84 2.44
CA VAL C 296 39.24 -24.63 3.67
C VAL C 296 39.44 -26.09 3.33
N GLY C 297 40.40 -26.72 4.00
CA GLY C 297 40.62 -28.15 3.86
C GLY C 297 39.48 -28.94 4.47
N PHE C 298 38.85 -29.81 3.69
CA PHE C 298 37.68 -30.56 4.13
C PHE C 298 37.80 -32.00 3.68
N ASN C 299 38.10 -32.89 4.63
CA ASN C 299 38.24 -34.32 4.36
C ASN C 299 36.97 -35.09 4.68
N GLY C 300 35.92 -34.41 5.13
CA GLY C 300 34.64 -35.03 5.42
C GLY C 300 34.35 -35.21 6.89
N GLY C 301 35.35 -35.10 7.75
CA GLY C 301 35.18 -35.40 9.16
C GLY C 301 34.54 -34.27 9.96
N LYS C 302 34.47 -34.51 11.27
CA LYS C 302 33.86 -33.54 12.18
C LYS C 302 34.70 -32.28 12.29
N ASP C 303 36.00 -32.43 12.53
CA ASP C 303 36.88 -31.27 12.74
C ASP C 303 36.70 -30.26 11.62
N CYS C 304 36.72 -30.74 10.38
CA CYS C 304 36.58 -29.85 9.23
C CYS C 304 35.18 -29.23 9.20
N THR C 305 34.17 -29.97 9.66
CA THR C 305 32.82 -29.42 9.74
C THR C 305 32.77 -28.23 10.68
N ALA C 306 33.29 -28.40 11.91
CA ALA C 306 33.31 -27.29 12.86
C ALA C 306 34.11 -26.12 12.31
N LEU C 307 35.27 -26.41 11.70
CA LEU C 307 36.08 -25.36 11.10
C LEU C 307 35.30 -24.58 10.05
N LEU C 308 34.61 -25.30 9.16
CA LEU C 308 33.85 -24.65 8.11
C LEU C 308 32.75 -23.77 8.69
N HIS C 309 32.07 -24.26 9.72
CA HIS C 309 31.00 -23.47 10.34
C HIS C 309 31.57 -22.17 10.92
N LEU C 310 32.68 -22.27 11.66
CA LEU C 310 33.28 -21.08 12.25
C LEU C 310 33.72 -20.10 11.17
N PHE C 311 34.39 -20.61 10.14
CA PHE C 311 34.88 -19.76 9.06
C PHE C 311 33.75 -19.06 8.34
N HIS C 312 32.69 -19.80 8.01
CA HIS C 312 31.58 -19.18 7.31
C HIS C 312 30.92 -18.10 8.17
N ALA C 313 30.74 -18.38 9.46
CA ALA C 313 30.18 -17.37 10.35
C ALA C 313 31.02 -16.09 10.32
N ALA C 314 32.35 -16.25 10.45
CA ALA C 314 33.23 -15.08 10.41
C ALA C 314 33.09 -14.33 9.10
N VAL C 315 33.07 -15.06 7.98
CA VAL C 315 32.98 -14.43 6.67
C VAL C 315 31.68 -13.64 6.56
N GLN C 316 30.58 -14.26 6.96
CA GLN C 316 29.28 -13.60 6.88
C GLN C 316 29.28 -12.32 7.70
N ARG C 317 29.91 -12.36 8.87
CA ARG C 317 29.89 -11.17 9.73
C ARG C 317 30.73 -10.05 9.13
N LYS C 318 31.91 -10.35 8.62
CA LYS C 318 32.82 -9.27 8.23
C LYS C 318 32.41 -8.62 6.91
N LEU C 319 31.85 -9.37 5.97
CA LEU C 319 31.28 -8.80 4.75
C LEU C 319 29.83 -9.21 4.62
N PRO C 320 28.88 -8.28 4.48
CA PRO C 320 27.47 -8.68 4.50
C PRO C 320 27.08 -9.58 3.34
N ASP C 321 27.66 -9.37 2.16
CA ASP C 321 27.38 -10.21 1.00
C ASP C 321 28.68 -10.50 0.29
N VAL C 322 29.05 -11.77 0.23
CA VAL C 322 30.34 -12.17 -0.33
C VAL C 322 30.22 -12.18 -1.85
N PRO C 323 31.18 -11.59 -2.58
CA PRO C 323 31.21 -11.79 -4.03
C PRO C 323 31.59 -13.21 -4.42
N ASN C 324 32.61 -13.78 -3.78
CA ASN C 324 33.11 -15.12 -4.07
C ASN C 324 32.45 -16.14 -3.15
N PRO C 325 31.91 -17.24 -3.69
CA PRO C 325 31.54 -18.36 -2.82
C PRO C 325 32.75 -18.88 -2.07
N LEU C 326 32.55 -19.27 -0.81
CA LEU C 326 33.68 -19.75 -0.03
C LEU C 326 34.25 -20.99 -0.70
N GLN C 327 35.57 -21.04 -0.79
CA GLN C 327 36.27 -22.10 -1.48
C GLN C 327 36.80 -23.14 -0.51
N ILE C 328 36.76 -24.40 -0.92
CA ILE C 328 37.33 -25.49 -0.14
C ILE C 328 38.22 -26.30 -1.06
N LEU C 329 39.22 -26.95 -0.45
CA LEU C 329 40.10 -27.88 -1.14
C LEU C 329 39.84 -29.27 -0.55
N TYR C 330 39.32 -30.18 -1.37
CA TYR C 330 39.04 -31.54 -0.92
C TYR C 330 39.91 -32.48 -1.73
N ILE C 331 40.72 -33.27 -1.03
CA ILE C 331 41.56 -34.29 -1.62
C ILE C 331 41.05 -35.66 -1.18
N ARG C 332 40.97 -36.59 -2.12
CA ARG C 332 40.53 -37.96 -1.78
C ARG C 332 41.78 -38.80 -1.54
N SER C 333 42.46 -38.45 -0.44
CA SER C 333 43.62 -39.20 -0.01
C SER C 333 43.27 -40.64 0.36
N ILE C 334 42.00 -40.91 0.65
CA ILE C 334 41.57 -42.23 1.10
C ILE C 334 40.32 -42.64 0.34
N SER C 335 40.14 -43.95 0.19
CA SER C 335 39.02 -44.50 -0.58
C SER C 335 37.71 -44.03 0.03
N PRO C 336 36.74 -43.59 -0.79
CA PRO C 336 35.55 -42.94 -0.22
C PRO C 336 34.70 -43.88 0.62
N PHE C 337 34.26 -43.40 1.80
CA PHE C 337 33.06 -43.93 2.41
C PHE C 337 31.84 -43.37 1.67
N PRO C 338 30.77 -44.15 1.53
CA PRO C 338 29.60 -43.62 0.82
C PRO C 338 28.90 -42.50 1.59
N GLU C 339 28.70 -42.73 2.90
CA GLU C 339 28.06 -41.72 3.73
C GLU C 339 28.89 -40.45 3.79
N LEU C 340 30.23 -40.56 3.78
CA LEU C 340 31.06 -39.37 3.83
C LEU C 340 30.96 -38.58 2.54
N GLU C 341 31.01 -39.26 1.40
CA GLU C 341 30.81 -38.60 0.12
C GLU C 341 29.46 -37.89 0.08
N GLN C 342 28.40 -38.55 0.55
CA GLN C 342 27.09 -37.89 0.57
C GLN C 342 27.08 -36.70 1.52
N PHE C 343 27.70 -36.84 2.69
CA PHE C 343 27.75 -35.74 3.64
C PHE C 343 28.44 -34.52 3.04
N LEU C 344 29.56 -34.73 2.34
CA LEU C 344 30.21 -33.60 1.68
C LEU C 344 29.37 -33.04 0.55
N GLN C 345 28.67 -33.90 -0.21
CA GLN C 345 27.79 -33.37 -1.25
C GLN C 345 26.75 -32.42 -0.65
N ASP C 346 26.09 -32.87 0.41
CA ASP C 346 25.12 -32.02 1.09
C ASP C 346 25.76 -30.76 1.64
N THR C 347 26.98 -30.86 2.15
CA THR C 347 27.67 -29.68 2.67
C THR C 347 27.96 -28.68 1.56
N ILE C 348 28.45 -29.16 0.44
CA ILE C 348 28.72 -28.33 -0.73
C ILE C 348 27.45 -27.57 -1.11
N LYS C 349 26.31 -28.26 -1.08
CA LYS C 349 25.04 -27.59 -1.40
C LYS C 349 24.67 -26.57 -0.32
N ARG C 350 24.83 -26.93 0.95
CA ARG C 350 24.40 -26.04 2.03
C ARG C 350 25.15 -24.71 1.99
N TYR C 351 26.48 -24.77 2.02
CA TYR C 351 27.30 -23.56 2.12
C TYR C 351 27.51 -22.86 0.78
N ASN C 352 27.07 -23.45 -0.33
CA ASN C 352 27.28 -22.89 -1.65
C ASN C 352 28.78 -22.81 -1.96
N LEU C 353 29.46 -23.93 -1.76
CA LEU C 353 30.91 -23.98 -1.87
C LEU C 353 31.36 -24.19 -3.31
N GLN C 354 32.58 -23.72 -3.59
CA GLN C 354 33.29 -24.00 -4.84
C GLN C 354 34.43 -24.93 -4.51
N MET C 355 34.39 -26.14 -5.09
CA MET C 355 35.34 -27.19 -4.75
C MET C 355 36.54 -27.14 -5.69
N LEU C 356 37.73 -27.07 -5.10
CA LEU C 356 38.97 -27.20 -5.86
C LEU C 356 39.56 -28.60 -5.61
N GLU C 357 38.86 -29.60 -6.13
CA GLU C 357 39.18 -30.99 -5.79
C GLU C 357 40.55 -31.38 -6.33
N ALA C 358 41.08 -32.47 -5.78
CA ALA C 358 42.43 -32.93 -6.12
C ALA C 358 42.55 -34.40 -5.74
N GLU C 359 43.43 -35.11 -6.45
CA GLU C 359 43.56 -36.56 -6.31
C GLU C 359 44.98 -36.97 -5.91
N GLY C 360 45.21 -37.29 -4.64
CA GLY C 360 46.48 -37.83 -4.24
C GLY C 360 46.82 -37.50 -2.80
N SER C 361 48.12 -37.57 -2.52
CA SER C 361 48.62 -37.27 -1.19
C SER C 361 48.39 -35.79 -0.89
N MET C 362 48.29 -35.46 0.38
CA MET C 362 48.14 -34.04 0.74
C MET C 362 49.26 -33.24 0.06
N LYS C 363 50.51 -33.72 0.16
CA LYS C 363 51.63 -33.05 -0.48
C LYS C 363 51.47 -33.06 -2.00
N GLN C 364 51.25 -34.23 -2.60
CA GLN C 364 51.15 -34.28 -4.06
C GLN C 364 49.90 -33.56 -4.54
N ALA C 365 48.74 -33.88 -3.96
CA ALA C 365 47.49 -33.25 -4.37
C ALA C 365 47.56 -31.73 -4.19
N LEU C 366 48.24 -31.27 -3.14
CA LEU C 366 48.40 -29.84 -2.92
C LEU C 366 49.23 -29.22 -4.05
N GLY C 367 50.29 -29.91 -4.47
CA GLY C 367 51.02 -29.45 -5.64
C GLY C 367 50.16 -29.46 -6.89
N GLU C 368 49.37 -30.52 -7.08
CA GLU C 368 48.49 -30.61 -8.23
C GLU C 368 47.59 -29.38 -8.32
N LEU C 369 46.98 -29.02 -7.19
CA LEU C 369 46.08 -27.88 -7.19
C LEU C 369 46.83 -26.58 -7.41
N GLN C 370 47.89 -26.33 -6.61
CA GLN C 370 48.66 -25.11 -6.79
C GLN C 370 48.97 -24.92 -8.28
N ALA C 371 49.29 -26.02 -8.97
CA ALA C 371 49.42 -25.94 -10.42
C ALA C 371 48.13 -25.46 -11.05
N ARG C 372 47.00 -26.04 -10.64
CA ARG C 372 45.73 -25.62 -11.24
C ARG C 372 45.42 -24.16 -10.91
N HIS C 373 45.62 -23.75 -9.66
CA HIS C 373 45.29 -22.40 -9.21
C HIS C 373 46.52 -21.75 -8.57
N PRO C 374 47.18 -20.82 -9.28
CA PRO C 374 48.33 -20.13 -8.66
C PRO C 374 47.99 -18.99 -7.72
N GLN C 375 46.85 -18.32 -7.93
CA GLN C 375 46.56 -17.12 -7.15
C GLN C 375 46.21 -17.44 -5.70
N LEU C 376 45.72 -18.65 -5.43
CA LEU C 376 45.45 -19.08 -4.06
C LEU C 376 46.75 -19.09 -3.26
N GLU C 377 46.69 -18.55 -2.04
CA GLU C 377 47.91 -18.40 -1.23
C GLU C 377 47.80 -18.87 0.21
N ALA C 378 46.62 -19.25 0.71
CA ALA C 378 46.51 -19.64 2.11
C ALA C 378 45.42 -20.68 2.30
N VAL C 379 45.62 -21.53 3.32
CA VAL C 379 44.75 -22.68 3.59
C VAL C 379 44.37 -22.72 5.06
N LEU C 380 43.07 -22.84 5.33
CA LEU C 380 42.57 -23.11 6.68
C LEU C 380 42.49 -24.62 6.91
N MET C 381 43.00 -25.06 8.07
CA MET C 381 43.03 -26.49 8.39
C MET C 381 42.42 -26.72 9.77
N GLY C 382 41.76 -27.86 9.92
CA GLY C 382 41.13 -28.23 11.17
C GLY C 382 42.03 -29.04 12.07
N THR C 383 43.34 -28.84 11.95
CA THR C 383 44.30 -29.55 12.79
C THR C 383 44.05 -29.27 14.26
N ARG C 384 44.40 -30.25 15.11
CA ARG C 384 44.25 -30.14 16.55
C ARG C 384 45.51 -30.60 17.28
N ARG C 385 45.60 -30.24 18.56
CA ARG C 385 46.82 -30.37 19.36
C ARG C 385 47.11 -31.77 19.88
N THR C 386 46.42 -32.80 19.42
CA THR C 386 46.73 -34.12 19.93
C THR C 386 47.95 -34.74 19.24
N ASP C 387 48.09 -34.54 17.94
CA ASP C 387 49.26 -35.04 17.23
C ASP C 387 50.52 -34.31 17.69
N PRO C 388 51.68 -34.96 17.60
CA PRO C 388 52.93 -34.23 17.95
C PRO C 388 53.21 -33.09 16.97
N TYR C 389 53.00 -33.35 15.69
CA TYR C 389 53.25 -32.33 14.68
C TYR C 389 52.35 -31.13 14.90
N SER C 390 51.09 -31.36 15.25
CA SER C 390 50.25 -30.23 15.62
C SER C 390 50.80 -29.49 16.85
N CYS C 391 51.43 -30.19 17.81
CA CYS C 391 52.07 -29.48 18.90
C CYS C 391 53.14 -28.54 18.38
N SER C 392 53.81 -28.95 17.31
CA SER C 392 54.80 -28.04 16.72
C SER C 392 54.17 -26.86 15.99
N LEU C 393 52.97 -27.03 15.44
CA LEU C 393 52.33 -25.98 14.65
C LEU C 393 51.99 -24.74 15.48
N CYS C 394 52.00 -23.60 14.80
CA CYS C 394 51.58 -22.29 15.28
C CYS C 394 50.34 -21.84 14.53
N PRO C 395 49.67 -20.79 14.99
CA PRO C 395 48.43 -20.37 14.29
C PRO C 395 48.63 -20.06 12.82
N PHE C 396 49.71 -19.37 12.46
CA PHE C 396 50.06 -19.09 11.06
C PHE C 396 51.40 -19.76 10.80
N SER C 397 51.38 -20.91 10.11
CA SER C 397 52.59 -21.67 9.91
C SER C 397 52.90 -21.84 8.43
N PRO C 398 54.10 -21.51 7.98
CA PRO C 398 54.43 -21.74 6.57
C PRO C 398 54.62 -23.25 6.32
N THR C 399 54.41 -23.63 5.07
CA THR C 399 54.49 -25.03 4.69
C THR C 399 55.94 -25.50 4.61
N ASP C 400 56.13 -26.80 4.82
CA ASP C 400 57.46 -27.40 4.75
C ASP C 400 58.12 -27.10 3.41
N PRO C 401 59.44 -27.28 3.31
CA PRO C 401 60.12 -26.93 2.05
C PRO C 401 59.67 -27.76 0.86
N GLY C 402 59.52 -29.08 1.03
CA GLY C 402 59.12 -29.92 -0.08
C GLY C 402 57.75 -29.56 -0.62
N TRP C 403 56.79 -29.31 0.27
CA TRP C 403 55.43 -29.00 -0.13
C TRP C 403 55.43 -27.70 -0.93
N PRO C 404 54.32 -27.37 -1.61
CA PRO C 404 54.21 -26.07 -2.28
C PRO C 404 53.90 -24.95 -1.28
N ALA C 405 54.37 -23.74 -1.63
CA ALA C 405 54.33 -22.61 -0.71
C ALA C 405 52.89 -22.17 -0.47
N PHE C 406 52.39 -22.45 0.73
CA PHE C 406 51.09 -21.98 1.18
C PHE C 406 51.20 -21.58 2.65
N MET C 407 50.29 -20.73 3.10
CA MET C 407 50.24 -20.29 4.50
C MET C 407 49.17 -21.14 5.17
N ARG C 408 49.57 -22.04 6.05
CA ARG C 408 48.60 -22.90 6.72
C ARG C 408 48.09 -22.20 7.97
N ILE C 409 46.77 -22.18 8.13
CA ILE C 409 46.11 -21.56 9.28
C ILE C 409 45.42 -22.66 10.08
N ASN C 410 45.75 -22.75 11.36
CA ASN C 410 45.24 -23.80 12.24
C ASN C 410 44.45 -23.13 13.36
N PRO C 411 43.20 -22.71 13.10
CA PRO C 411 42.43 -22.06 14.17
C PRO C 411 41.98 -23.02 15.26
N LEU C 412 41.70 -24.27 14.93
CA LEU C 412 41.20 -25.24 15.89
C LEU C 412 42.32 -25.99 16.61
N LEU C 413 43.50 -25.40 16.68
CA LEU C 413 44.67 -26.14 17.12
C LEU C 413 44.53 -26.61 18.56
N ASP C 414 44.05 -25.73 19.45
CA ASP C 414 43.94 -26.06 20.86
C ASP C 414 42.62 -26.71 21.24
N TRP C 415 41.73 -26.95 20.28
CA TRP C 415 40.45 -27.58 20.58
C TRP C 415 40.64 -29.05 20.94
N THR C 416 39.79 -29.54 21.84
CA THR C 416 39.79 -30.94 22.24
C THR C 416 38.56 -31.66 21.69
N TYR C 417 38.70 -32.98 21.52
CA TYR C 417 37.62 -33.85 21.02
C TYR C 417 36.27 -33.49 21.63
N ARG C 418 36.21 -33.39 22.96
CA ARG C 418 34.98 -32.99 23.61
C ARG C 418 34.50 -31.64 23.09
N ASP C 419 35.43 -30.70 22.87
CA ASP C 419 35.05 -29.37 22.41
C ASP C 419 34.47 -29.41 21.00
N ILE C 420 35.07 -30.18 20.10
CA ILE C 420 34.52 -30.29 18.76
C ILE C 420 33.09 -30.82 18.82
N TRP C 421 32.88 -31.90 19.57
CA TRP C 421 31.54 -32.49 19.57
C TRP C 421 30.54 -31.55 20.25
N ASP C 422 30.94 -30.88 21.33
CA ASP C 422 30.05 -29.91 21.98
C ASP C 422 29.69 -28.77 21.04
N PHE C 423 30.68 -28.22 20.33
CA PHE C 423 30.40 -27.13 19.41
C PHE C 423 29.45 -27.57 18.31
N LEU C 424 29.66 -28.78 17.77
CA LEU C 424 28.79 -29.26 16.71
C LEU C 424 27.37 -29.48 17.21
N ARG C 425 27.23 -30.09 18.39
CA ARG C 425 25.90 -30.46 18.88
C ARG C 425 25.11 -29.24 19.34
N GLN C 426 25.76 -28.32 20.08
CA GLN C 426 25.01 -27.21 20.67
C GLN C 426 24.40 -26.28 19.62
N LEU C 427 25.04 -26.14 18.46
CA LEU C 427 24.54 -25.29 17.39
C LEU C 427 23.72 -26.05 16.36
N PHE C 428 23.45 -27.33 16.61
CA PHE C 428 22.62 -28.16 15.74
C PHE C 428 23.24 -28.29 14.35
N VAL C 429 24.57 -28.27 14.30
CA VAL C 429 25.28 -28.43 13.02
C VAL C 429 25.13 -29.87 12.55
N PRO C 430 24.83 -30.11 11.28
CA PRO C 430 24.77 -31.49 10.78
C PRO C 430 26.16 -32.04 10.53
N TYR C 431 26.31 -33.34 10.76
CA TYR C 431 27.58 -34.02 10.54
C TYR C 431 27.32 -35.40 9.97
N CYS C 432 28.40 -36.08 9.60
CA CYS C 432 28.28 -37.34 8.89
C CYS C 432 27.55 -38.39 9.71
N ILE C 433 26.69 -39.16 9.04
CA ILE C 433 25.89 -40.16 9.73
C ILE C 433 26.79 -41.25 10.28
N LEU C 434 27.95 -41.47 9.66
CA LEU C 434 28.85 -42.53 10.13
C LEU C 434 29.22 -42.33 11.59
N TYR C 435 29.40 -41.07 12.02
CA TYR C 435 29.72 -40.83 13.43
C TYR C 435 28.60 -41.34 14.33
N ASP C 436 27.35 -41.19 13.89
CA ASP C 436 26.21 -41.66 14.66
C ASP C 436 26.11 -43.18 14.65
N ARG C 437 26.78 -43.84 13.69
CA ARG C 437 26.70 -45.28 13.56
C ARG C 437 27.80 -46.01 14.32
N GLY C 438 28.62 -45.30 15.09
CA GLY C 438 29.64 -45.92 15.91
C GLY C 438 31.05 -45.70 15.42
N TYR C 439 31.25 -45.03 14.29
CA TYR C 439 32.58 -44.69 13.83
C TYR C 439 33.05 -43.43 14.56
N THR C 440 34.21 -43.54 15.21
CA THR C 440 34.78 -42.41 15.93
C THR C 440 35.68 -41.57 15.06
N SER C 441 36.20 -42.13 13.97
CA SER C 441 37.08 -41.43 13.05
C SER C 441 36.68 -41.75 11.63
N LEU C 442 36.63 -40.73 10.78
CA LEU C 442 36.38 -40.93 9.36
C LEU C 442 37.74 -41.02 8.67
N GLY C 443 38.13 -42.23 8.29
CA GLY C 443 39.37 -42.42 7.58
C GLY C 443 39.19 -43.25 6.33
N SER C 444 40.27 -43.83 5.82
CA SER C 444 40.14 -44.76 4.70
C SER C 444 39.34 -45.97 5.13
N ARG C 445 38.88 -46.75 4.15
CA ARG C 445 38.06 -47.91 4.47
C ARG C 445 38.83 -48.92 5.32
N GLU C 446 40.15 -49.01 5.12
CA GLU C 446 40.97 -49.86 5.96
C GLU C 446 41.45 -49.15 7.23
N ASN C 447 41.37 -47.83 7.28
CA ASN C 447 41.91 -47.10 8.42
C ASN C 447 40.99 -47.18 9.63
N THR C 448 39.71 -46.85 9.44
CA THR C 448 38.75 -46.72 10.53
C THR C 448 37.69 -47.82 10.50
N VAL C 449 37.30 -48.27 11.69
CA VAL C 449 36.25 -49.27 11.87
C VAL C 449 35.46 -48.85 13.11
N ARG C 450 34.23 -49.36 13.22
CA ARG C 450 33.41 -49.06 14.38
C ARG C 450 34.21 -49.24 15.66
N ASN C 451 34.19 -48.22 16.50
CA ASN C 451 35.04 -48.21 17.68
C ASN C 451 34.60 -49.27 18.67
N PRO C 452 35.52 -50.12 19.17
CA PRO C 452 35.11 -51.17 20.11
C PRO C 452 34.62 -50.65 21.45
N ALA C 453 34.56 -49.33 21.61
CA ALA C 453 34.08 -48.73 22.86
C ALA C 453 32.60 -48.35 22.80
N LEU C 454 31.99 -48.35 21.62
CA LEU C 454 30.62 -47.89 21.44
C LEU C 454 29.67 -49.05 21.16
N LYS C 455 30.00 -50.25 21.63
CA LYS C 455 29.16 -51.42 21.45
C LYS C 455 28.17 -51.52 22.60
N CYS C 456 26.89 -51.73 22.28
CA CYS C 456 25.87 -51.93 23.31
C CYS C 456 26.17 -53.18 24.13
N THR C 464 22.94 -51.53 17.69
CA THR C 464 23.50 -51.91 18.97
C THR C 464 24.86 -51.26 19.19
N TYR C 465 25.17 -50.23 18.41
CA TYR C 465 26.31 -49.35 18.66
C TYR C 465 25.80 -47.98 19.12
N ARG C 466 26.57 -47.31 19.96
CA ARG C 466 26.20 -45.99 20.42
C ARG C 466 26.90 -44.91 19.60
N PRO C 467 26.34 -43.70 19.55
CA PRO C 467 26.95 -42.64 18.73
C PRO C 467 28.39 -42.34 19.17
N ALA C 468 29.07 -41.55 18.34
CA ALA C 468 30.47 -41.23 18.58
C ALA C 468 30.64 -40.10 19.60
N TYR C 469 29.69 -39.19 19.71
CA TYR C 469 29.89 -38.02 20.56
C TYR C 469 29.74 -38.32 22.06
N LEU C 470 29.60 -39.60 22.43
CA LEU C 470 29.55 -40.00 23.82
C LEU C 470 30.89 -40.50 24.37
N LEU C 471 31.82 -40.86 23.50
CA LEU C 471 33.13 -41.31 23.97
C LEU C 471 33.80 -40.21 24.80
N GLU C 472 34.14 -40.54 26.05
CA GLU C 472 34.64 -39.53 26.97
C GLU C 472 36.10 -39.18 26.68
N ASN C 473 36.96 -40.19 26.61
CA ASN C 473 38.39 -40.00 26.49
C ASN C 473 38.82 -40.10 25.04
N GLU C 474 39.57 -39.10 24.57
CA GLU C 474 40.17 -39.17 23.24
C GLU C 474 41.36 -40.11 23.18
N GLU C 475 41.88 -40.54 24.32
CA GLU C 475 42.90 -41.59 24.34
C GLU C 475 42.30 -42.95 24.03
N GLU C 476 40.99 -43.10 24.16
CA GLU C 476 40.27 -44.30 23.74
C GLU C 476 39.84 -44.24 22.29
N GLU C 477 39.98 -43.10 21.64
CA GLU C 477 39.63 -42.93 20.23
C GLU C 477 40.80 -43.38 19.36
N SER D 5 -4.45 -53.66 -21.27
CA SER D 5 -5.17 -52.64 -20.53
C SER D 5 -5.04 -52.85 -19.02
N VAL D 6 -3.88 -52.49 -18.48
CA VAL D 6 -3.60 -52.61 -17.05
C VAL D 6 -3.78 -51.24 -16.41
N THR D 7 -4.75 -51.13 -15.50
CA THR D 7 -5.09 -49.87 -14.86
C THR D 7 -4.67 -49.88 -13.39
N ALA D 8 -4.50 -48.68 -12.84
CA ALA D 8 -4.09 -48.55 -11.45
C ALA D 8 -4.68 -47.29 -10.86
N GLY D 9 -5.09 -47.40 -9.59
CA GLY D 9 -5.49 -46.24 -8.80
C GLY D 9 -4.56 -46.06 -7.63
N ILE D 10 -4.40 -44.81 -7.20
CA ILE D 10 -3.45 -44.45 -6.16
C ILE D 10 -4.20 -43.72 -5.05
N ILE D 11 -3.97 -44.14 -3.80
CA ILE D 11 -4.54 -43.49 -2.62
C ILE D 11 -3.40 -43.09 -1.71
N ILE D 12 -3.16 -41.81 -1.59
CA ILE D 12 -2.14 -41.27 -0.70
C ILE D 12 -2.85 -40.84 0.57
N VAL D 13 -2.59 -41.54 1.66
CA VAL D 13 -3.26 -41.25 2.92
C VAL D 13 -2.33 -40.40 3.77
N GLY D 14 -2.74 -39.16 4.01
CA GLY D 14 -1.96 -38.29 4.84
C GLY D 14 -2.64 -36.97 5.13
N ASP D 15 -2.96 -36.81 6.41
CA ASP D 15 -3.55 -35.57 6.89
C ASP D 15 -2.63 -34.40 6.61
N GLU D 16 -1.32 -34.62 6.76
CA GLU D 16 -0.36 -33.54 6.67
C GLU D 16 -0.43 -32.86 5.31
N ILE D 17 -0.54 -33.66 4.25
CA ILE D 17 -0.62 -33.11 2.90
C ILE D 17 -1.86 -32.22 2.76
N LEU D 18 -2.99 -32.68 3.28
CA LEU D 18 -4.22 -31.91 3.20
C LEU D 18 -4.12 -30.61 3.99
N LYS D 19 -3.47 -30.65 5.15
CA LYS D 19 -3.36 -29.45 5.96
C LYS D 19 -2.48 -28.38 5.36
N GLY D 20 -1.54 -28.75 4.48
CA GLY D 20 -0.56 -27.83 3.95
C GLY D 20 0.78 -27.87 4.65
N HIS D 21 0.91 -28.69 5.69
CA HIS D 21 2.17 -28.82 6.40
C HIS D 21 3.30 -29.23 5.46
N THR D 22 3.04 -30.22 4.60
CA THR D 22 4.05 -30.75 3.72
C THR D 22 3.56 -30.90 2.29
N GLN D 23 4.49 -30.82 1.34
CA GLN D 23 4.20 -31.07 -0.06
C GLN D 23 4.28 -32.57 -0.35
N ASP D 24 3.45 -33.01 -1.29
CA ASP D 24 3.40 -34.43 -1.66
C ASP D 24 4.26 -34.66 -2.90
N THR D 25 5.34 -35.41 -2.73
CA THR D 25 6.20 -35.80 -3.84
C THR D 25 6.06 -37.28 -4.18
N ASN D 26 5.33 -38.05 -3.38
CA ASN D 26 5.15 -39.46 -3.69
C ASN D 26 4.28 -39.65 -4.93
N THR D 27 3.34 -38.74 -5.18
CA THR D 27 2.41 -38.94 -6.29
C THR D 27 3.11 -38.82 -7.64
N PHE D 28 3.98 -37.81 -7.79
CA PHE D 28 4.71 -37.68 -9.06
C PHE D 28 5.56 -38.90 -9.32
N PHE D 29 6.27 -39.35 -8.29
CA PHE D 29 7.12 -40.53 -8.42
C PHE D 29 6.30 -41.74 -8.81
N LEU D 30 5.18 -41.97 -8.11
CA LEU D 30 4.35 -43.13 -8.40
C LEU D 30 3.82 -43.10 -9.82
N CYS D 31 3.31 -41.95 -10.26
CA CYS D 31 2.74 -41.87 -11.60
C CYS D 31 3.81 -42.10 -12.66
N ARG D 32 4.95 -41.42 -12.53
CA ARG D 32 6.00 -41.59 -13.54
C ARG D 32 6.49 -43.04 -13.58
N THR D 33 6.76 -43.62 -12.41
CA THR D 33 7.22 -45.00 -12.37
C THR D 33 6.21 -45.95 -13.00
N LEU D 34 4.93 -45.84 -12.62
CA LEU D 34 3.94 -46.76 -13.14
C LEU D 34 3.74 -46.60 -14.64
N ARG D 35 3.86 -45.37 -15.17
CA ARG D 35 3.78 -45.24 -16.62
C ARG D 35 4.98 -45.89 -17.29
N SER D 36 6.18 -45.74 -16.70
CA SER D 36 7.35 -46.38 -17.28
C SER D 36 7.19 -47.90 -17.34
N LEU D 37 6.38 -48.46 -16.45
CA LEU D 37 6.18 -49.91 -16.41
C LEU D 37 5.11 -50.40 -17.37
N GLY D 38 4.35 -49.49 -17.99
CA GLY D 38 3.29 -49.87 -18.90
C GLY D 38 1.90 -49.91 -18.29
N VAL D 39 1.75 -49.39 -17.09
CA VAL D 39 0.46 -49.35 -16.40
C VAL D 39 -0.08 -47.93 -16.49
N GLN D 40 -1.37 -47.82 -16.81
CA GLN D 40 -2.02 -46.52 -16.91
C GLN D 40 -2.68 -46.15 -15.59
N VAL D 41 -2.25 -45.03 -15.01
CA VAL D 41 -2.83 -44.53 -13.77
C VAL D 41 -4.08 -43.72 -14.11
N CYS D 42 -5.22 -44.13 -13.53
CA CYS D 42 -6.50 -43.54 -13.90
C CYS D 42 -7.08 -42.61 -12.84
N ARG D 43 -6.61 -42.67 -11.61
CA ARG D 43 -7.11 -41.80 -10.55
C ARG D 43 -6.02 -41.64 -9.51
N VAL D 44 -6.01 -40.48 -8.87
CA VAL D 44 -5.25 -40.27 -7.65
C VAL D 44 -6.22 -39.70 -6.63
N SER D 45 -5.99 -39.99 -5.36
CA SER D 45 -6.90 -39.56 -4.32
C SER D 45 -6.11 -39.35 -3.04
N VAL D 46 -6.28 -38.18 -2.44
CA VAL D 46 -5.68 -37.87 -1.16
C VAL D 46 -6.77 -37.96 -0.12
N VAL D 47 -6.57 -38.77 0.89
CA VAL D 47 -7.63 -39.01 1.85
C VAL D 47 -7.10 -38.78 3.26
N PRO D 48 -7.93 -38.34 4.20
CA PRO D 48 -7.45 -38.18 5.58
C PRO D 48 -7.34 -39.53 6.28
N ASP D 49 -6.61 -39.52 7.39
CA ASP D 49 -6.40 -40.73 8.21
C ASP D 49 -7.66 -41.05 9.01
N GLU D 50 -8.69 -41.48 8.28
CA GLU D 50 -9.93 -41.97 8.87
C GLU D 50 -10.24 -43.33 8.25
N VAL D 51 -10.63 -44.28 9.09
CA VAL D 51 -10.82 -45.64 8.60
C VAL D 51 -11.94 -45.70 7.58
N ALA D 52 -13.08 -45.07 7.88
CA ALA D 52 -14.23 -45.14 6.98
C ALA D 52 -13.88 -44.57 5.60
N THR D 53 -13.23 -43.41 5.57
CA THR D 53 -12.89 -42.75 4.31
C THR D 53 -11.91 -43.61 3.49
N ILE D 54 -10.86 -44.06 4.14
CA ILE D 54 -9.86 -44.89 3.47
C ILE D 54 -10.50 -46.15 2.92
N ALA D 55 -11.40 -46.75 3.70
CA ALA D 55 -12.01 -48.01 3.31
C ALA D 55 -12.95 -47.83 2.13
N ALA D 56 -13.71 -46.73 2.11
CA ALA D 56 -14.58 -46.46 0.96
C ALA D 56 -13.76 -46.34 -0.32
N GLU D 57 -12.70 -45.52 -0.26
CA GLU D 57 -11.89 -45.35 -1.47
C GLU D 57 -11.21 -46.65 -1.88
N VAL D 58 -10.81 -47.47 -0.91
CA VAL D 58 -10.14 -48.73 -1.23
C VAL D 58 -11.10 -49.68 -1.94
N THR D 59 -12.31 -49.86 -1.40
CA THR D 59 -13.27 -50.74 -2.06
C THR D 59 -13.52 -50.27 -3.50
N SER D 60 -13.78 -48.98 -3.66
CA SER D 60 -14.06 -48.45 -4.99
C SER D 60 -12.91 -48.74 -5.96
N PHE D 61 -11.70 -48.33 -5.58
CA PHE D 61 -10.57 -48.49 -6.48
C PHE D 61 -10.31 -49.96 -6.78
N SER D 62 -10.46 -50.84 -5.78
CA SER D 62 -10.22 -52.25 -6.03
C SER D 62 -11.17 -52.78 -7.09
N ASN D 63 -12.46 -52.48 -6.96
CA ASN D 63 -13.41 -52.99 -7.95
C ASN D 63 -13.19 -52.41 -9.34
N ARG D 64 -12.66 -51.19 -9.42
CA ARG D 64 -12.61 -50.51 -10.72
C ARG D 64 -11.30 -50.72 -11.47
N PHE D 65 -10.19 -50.86 -10.77
CA PHE D 65 -8.88 -50.87 -11.41
C PHE D 65 -8.13 -52.17 -11.17
N THR D 66 -7.11 -52.41 -12.00
CA THR D 66 -6.32 -53.62 -11.87
C THR D 66 -5.53 -53.61 -10.57
N HIS D 67 -4.71 -52.59 -10.37
CA HIS D 67 -3.90 -52.44 -9.19
C HIS D 67 -4.37 -51.23 -8.39
N VAL D 68 -4.23 -51.32 -7.07
CA VAL D 68 -4.44 -50.19 -6.18
C VAL D 68 -3.20 -50.04 -5.31
N LEU D 69 -2.65 -48.83 -5.28
CA LEU D 69 -1.42 -48.54 -4.54
C LEU D 69 -1.73 -47.51 -3.45
N THR D 70 -1.59 -47.94 -2.20
CA THR D 70 -1.81 -47.07 -1.05
C THR D 70 -0.46 -46.63 -0.48
N ALA D 71 -0.38 -45.36 -0.13
CA ALA D 71 0.87 -44.77 0.37
C ALA D 71 0.60 -44.12 1.72
N GLY D 72 1.16 -44.69 2.77
CA GLY D 72 1.03 -44.14 4.10
C GLY D 72 0.02 -44.91 4.95
N GLY D 73 0.11 -44.67 6.26
CA GLY D 73 -0.85 -45.21 7.20
C GLY D 73 -0.57 -46.59 7.73
N ILE D 74 0.66 -47.08 7.59
CA ILE D 74 1.02 -48.39 8.14
C ILE D 74 2.13 -48.24 9.18
N GLY D 75 2.06 -47.18 9.97
CA GLY D 75 2.97 -46.98 11.08
C GLY D 75 2.46 -47.63 12.35
N PRO D 76 3.16 -47.39 13.46
CA PRO D 76 2.73 -47.96 14.76
C PRO D 76 1.88 -47.06 15.64
N THR D 77 1.62 -45.82 15.25
CA THR D 77 0.89 -44.90 16.10
C THR D 77 -0.62 -45.12 15.98
N HIS D 78 -1.40 -44.31 16.71
CA HIS D 78 -2.84 -44.38 16.60
C HIS D 78 -3.33 -43.76 15.28
N ASP D 79 -2.62 -42.75 14.78
CA ASP D 79 -3.03 -42.10 13.53
C ASP D 79 -2.82 -42.96 12.29
N ASP D 80 -2.17 -44.11 12.39
CA ASP D 80 -1.91 -44.98 11.25
C ASP D 80 -2.92 -46.12 11.21
N VAL D 81 -3.83 -46.08 10.23
CA VAL D 81 -4.95 -47.02 10.24
C VAL D 81 -5.30 -47.57 8.87
N THR D 82 -4.33 -47.65 7.96
CA THR D 82 -4.59 -48.17 6.63
C THR D 82 -5.00 -49.65 6.70
N PHE D 83 -4.26 -50.44 7.49
CA PHE D 83 -4.56 -51.86 7.60
C PHE D 83 -6.01 -52.09 8.03
N GLU D 84 -6.48 -51.34 9.02
CA GLU D 84 -7.87 -51.49 9.48
C GLU D 84 -8.86 -51.13 8.39
N ALA D 85 -8.58 -50.05 7.65
CA ALA D 85 -9.48 -49.65 6.56
C ALA D 85 -9.57 -50.77 5.53
N VAL D 86 -8.43 -51.38 5.19
CA VAL D 86 -8.45 -52.48 4.24
C VAL D 86 -9.24 -53.66 4.81
N ALA D 87 -9.03 -53.96 6.10
CA ALA D 87 -9.80 -55.02 6.74
C ALA D 87 -11.28 -54.80 6.55
N GLN D 88 -11.74 -53.58 6.84
CA GLN D 88 -13.15 -53.27 6.65
C GLN D 88 -13.57 -53.46 5.19
N ALA D 89 -12.78 -52.93 4.26
CA ALA D 89 -13.22 -52.90 2.87
C ALA D 89 -13.51 -54.29 2.33
N PHE D 90 -12.77 -55.29 2.79
CA PHE D 90 -12.91 -56.65 2.27
C PHE D 90 -13.55 -57.60 3.29
N GLY D 91 -14.21 -57.06 4.31
CA GLY D 91 -14.88 -57.91 5.29
C GLY D 91 -13.96 -58.85 6.02
N ASP D 92 -12.67 -58.57 6.00
CA ASP D 92 -11.67 -59.40 6.66
C ASP D 92 -11.53 -58.98 8.12
N GLU D 93 -10.75 -59.77 8.86
CA GLU D 93 -10.41 -59.50 10.25
C GLU D 93 -8.90 -59.32 10.38
N LEU D 94 -8.49 -58.46 11.30
CA LEU D 94 -7.08 -58.26 11.58
C LEU D 94 -6.58 -59.41 12.44
N LYS D 95 -5.46 -60.01 12.04
CA LYS D 95 -4.89 -61.17 12.68
C LYS D 95 -3.38 -61.02 12.62
N PRO D 96 -2.67 -61.37 13.70
CA PRO D 96 -1.21 -61.31 13.66
C PRO D 96 -0.66 -62.31 12.66
N HIS D 97 0.18 -61.84 11.74
CA HIS D 97 0.79 -62.72 10.75
C HIS D 97 2.10 -63.26 11.31
N PRO D 98 2.26 -64.58 11.45
CA PRO D 98 3.48 -65.10 12.11
C PRO D 98 4.78 -64.60 11.48
N LYS D 99 4.84 -64.48 10.15
CA LYS D 99 6.10 -64.09 9.51
C LYS D 99 6.47 -62.65 9.86
N LEU D 100 5.51 -61.74 9.85
CA LEU D 100 5.79 -60.36 10.27
C LEU D 100 6.13 -60.28 11.75
N GLU D 101 5.55 -61.16 12.57
CA GLU D 101 5.96 -61.23 13.98
C GLU D 101 7.44 -61.59 14.09
N ALA D 102 7.86 -62.59 13.32
CA ALA D 102 9.27 -62.98 13.31
C ALA D 102 10.14 -61.82 12.86
N ALA D 103 9.68 -61.10 11.83
CA ALA D 103 10.41 -59.93 11.37
C ALA D 103 10.60 -58.92 12.51
N THR D 104 9.52 -58.58 13.20
CA THR D 104 9.60 -57.60 14.27
C THR D 104 10.53 -58.04 15.39
N LYS D 105 10.50 -59.33 15.73
CA LYS D 105 11.33 -59.75 16.86
C LYS D 105 12.82 -59.81 16.49
N ALA D 106 13.15 -60.15 15.26
CA ALA D 106 14.55 -60.21 14.89
C ALA D 106 15.27 -58.92 15.28
N LEU D 107 14.63 -57.79 15.06
CA LEU D 107 15.06 -56.49 15.52
C LEU D 107 14.35 -56.17 16.85
N GLY D 108 14.49 -54.95 17.32
CA GLY D 108 13.97 -54.57 18.62
C GLY D 108 12.53 -54.98 18.93
N GLY D 109 11.59 -54.56 18.09
CA GLY D 109 10.22 -55.03 18.22
C GLY D 109 9.52 -54.64 19.50
N GLU D 110 9.81 -53.47 20.05
CA GLU D 110 9.08 -52.94 21.21
C GLU D 110 7.96 -52.04 20.72
N GLY D 111 6.72 -52.37 21.11
CA GLY D 111 5.59 -51.56 20.72
C GLY D 111 5.32 -51.56 19.23
N TRP D 112 5.84 -52.55 18.51
CA TRP D 112 5.68 -52.67 17.07
C TRP D 112 4.52 -53.58 16.68
N GLU D 113 3.65 -53.94 17.63
CA GLU D 113 2.62 -54.94 17.36
C GLU D 113 1.77 -54.58 16.15
N LYS D 114 1.53 -53.28 15.91
CA LYS D 114 0.71 -52.89 14.77
C LYS D 114 1.36 -53.26 13.44
N LEU D 115 2.68 -53.47 13.42
CA LEU D 115 3.37 -53.73 12.16
C LEU D 115 3.15 -55.16 11.66
N SER D 116 2.76 -56.09 12.54
CA SER D 116 2.52 -57.46 12.16
C SER D 116 1.05 -57.86 12.18
N LEU D 117 0.16 -56.93 12.49
CA LEU D 117 -1.28 -57.21 12.59
C LEU D 117 -1.93 -56.84 11.28
N VAL D 118 -2.11 -57.83 10.40
CA VAL D 118 -2.60 -57.51 9.06
C VAL D 118 -3.85 -58.33 8.76
N PRO D 119 -4.59 -58.02 7.68
CA PRO D 119 -5.76 -58.83 7.35
C PRO D 119 -5.35 -60.27 7.08
N SER D 120 -6.24 -61.20 7.41
CA SER D 120 -5.93 -62.62 7.25
C SER D 120 -5.67 -62.95 5.78
N SER D 121 -6.28 -62.18 4.88
CA SER D 121 -6.11 -62.41 3.45
C SER D 121 -4.83 -61.81 2.91
N ALA D 122 -3.98 -61.26 3.77
CA ALA D 122 -2.77 -60.58 3.31
C ALA D 122 -1.80 -61.58 2.69
N ARG D 123 -1.01 -61.08 1.74
CA ARG D 123 0.08 -61.82 1.14
C ARG D 123 1.33 -60.96 1.26
N LEU D 124 2.46 -61.59 1.53
CA LEU D 124 3.71 -60.87 1.71
C LEU D 124 4.56 -61.00 0.45
N HIS D 125 5.23 -59.92 0.08
CA HIS D 125 6.11 -59.91 -1.08
C HIS D 125 7.47 -59.39 -0.64
N TYR D 126 8.48 -60.25 -0.74
CA TYR D 126 9.82 -59.91 -0.30
C TYR D 126 10.63 -59.40 -1.49
N GLY D 127 11.49 -58.42 -1.22
CA GLY D 127 12.29 -57.81 -2.26
C GLY D 127 13.68 -57.43 -1.81
N THR D 128 14.40 -56.69 -2.65
CA THR D 128 15.79 -56.34 -2.39
C THR D 128 15.97 -54.85 -2.59
N ASP D 129 16.60 -54.20 -1.62
CA ASP D 129 16.73 -52.75 -1.57
C ASP D 129 17.73 -52.25 -2.59
N PRO D 130 17.35 -51.35 -3.50
CA PRO D 130 18.31 -50.91 -4.52
C PRO D 130 19.47 -50.09 -3.97
N CYS D 131 19.32 -49.45 -2.82
CA CYS D 131 20.42 -48.63 -2.31
C CYS D 131 21.47 -49.44 -1.57
N THR D 132 21.05 -50.28 -0.63
CA THR D 132 21.98 -51.01 0.24
C THR D 132 22.23 -52.44 -0.19
N GLY D 133 21.40 -53.01 -1.07
CA GLY D 133 21.52 -54.42 -1.35
C GLY D 133 21.05 -55.34 -0.23
N GLN D 134 20.51 -54.77 0.86
CA GLN D 134 20.03 -55.58 1.97
C GLN D 134 18.57 -55.96 1.74
N PRO D 135 18.12 -57.07 2.31
CA PRO D 135 16.69 -57.41 2.20
C PRO D 135 15.88 -56.37 2.93
N PHE D 136 14.65 -56.14 2.45
CA PHE D 136 13.77 -55.23 3.14
C PHE D 136 13.41 -55.79 4.51
N ARG D 137 13.53 -54.96 5.55
CA ARG D 137 13.20 -55.42 6.89
C ARG D 137 11.81 -56.02 6.93
N PHE D 138 10.81 -55.28 6.43
CA PHE D 138 9.48 -55.83 6.31
C PHE D 138 9.11 -56.01 4.84
N PRO D 139 8.36 -57.05 4.50
CA PRO D 139 7.91 -57.22 3.11
C PRO D 139 6.75 -56.29 2.79
N LEU D 140 6.44 -56.21 1.50
CA LEU D 140 5.31 -55.42 1.04
C LEU D 140 4.05 -56.23 1.27
N VAL D 141 3.10 -55.65 1.99
CA VAL D 141 1.83 -56.31 2.30
C VAL D 141 0.85 -56.01 1.17
N SER D 142 0.15 -57.05 0.72
CA SER D 142 -0.87 -56.91 -0.31
C SER D 142 -2.14 -57.59 0.17
N VAL D 143 -3.27 -57.08 -0.30
CA VAL D 143 -4.58 -57.64 -0.01
C VAL D 143 -5.40 -57.53 -1.27
N ARG D 144 -5.79 -58.67 -1.85
CA ARG D 144 -6.47 -58.71 -3.14
C ARG D 144 -5.59 -57.99 -4.16
N ASN D 145 -6.02 -56.87 -4.74
CA ASN D 145 -5.21 -56.11 -5.69
C ASN D 145 -4.77 -54.77 -5.12
N VAL D 146 -4.56 -54.71 -3.80
CA VAL D 146 -4.20 -53.50 -3.09
C VAL D 146 -2.84 -53.73 -2.46
N TYR D 147 -1.87 -52.90 -2.82
CA TYR D 147 -0.49 -53.05 -2.33
C TYR D 147 -0.18 -51.87 -1.44
N LEU D 148 0.14 -52.13 -0.17
CA LEU D 148 0.25 -51.07 0.84
C LEU D 148 1.69 -50.63 0.98
N PHE D 149 2.01 -49.49 0.38
CA PHE D 149 3.35 -48.94 0.49
C PHE D 149 3.45 -48.03 1.70
N PRO D 150 4.66 -47.79 2.17
CA PRO D 150 4.86 -46.80 3.25
C PRO D 150 4.83 -45.38 2.69
N GLY D 151 4.73 -44.42 3.59
CA GLY D 151 4.59 -43.03 3.21
C GLY D 151 5.86 -42.22 3.20
N ILE D 152 6.88 -42.69 3.90
CA ILE D 152 8.16 -41.98 3.99
C ILE D 152 8.75 -41.90 2.59
N PRO D 153 8.90 -40.69 2.02
CA PRO D 153 9.27 -40.62 0.59
C PRO D 153 10.55 -41.36 0.24
N GLU D 154 11.61 -41.17 1.03
CA GLU D 154 12.82 -41.98 0.85
C GLU D 154 12.47 -43.47 0.82
N LEU D 155 11.85 -43.94 1.90
CA LEU D 155 11.58 -45.36 2.05
C LEU D 155 10.64 -45.86 0.96
N LEU D 156 9.65 -45.04 0.58
CA LEU D 156 8.75 -45.47 -0.48
C LEU D 156 9.49 -45.61 -1.80
N ARG D 157 10.35 -44.65 -2.14
CA ARG D 157 11.08 -44.76 -3.40
C ARG D 157 11.88 -46.06 -3.43
N ARG D 158 12.57 -46.35 -2.33
CA ARG D 158 13.37 -47.58 -2.25
C ARG D 158 12.48 -48.79 -2.43
N VAL D 159 11.35 -48.83 -1.73
CA VAL D 159 10.50 -50.01 -1.76
C VAL D 159 9.87 -50.21 -3.13
N LEU D 160 9.41 -49.11 -3.76
CA LEU D 160 8.79 -49.23 -5.07
C LEU D 160 9.77 -49.74 -6.09
N GLU D 161 10.98 -49.19 -6.11
CA GLU D 161 11.97 -49.73 -7.03
C GLU D 161 12.21 -51.22 -6.75
N GLY D 162 12.25 -51.61 -5.48
CA GLY D 162 12.49 -53.01 -5.17
C GLY D 162 11.35 -53.91 -5.63
N MET D 163 10.11 -53.43 -5.56
CA MET D 163 8.93 -54.27 -5.78
C MET D 163 8.20 -53.99 -7.09
N LYS D 164 8.80 -53.23 -8.01
CA LYS D 164 8.07 -52.90 -9.23
C LYS D 164 7.75 -54.11 -10.09
N GLY D 165 8.47 -55.22 -9.91
CA GLY D 165 8.14 -56.43 -10.65
C GLY D 165 6.69 -56.81 -10.53
N LEU D 166 6.08 -56.57 -9.38
CA LEU D 166 4.68 -56.95 -9.18
C LEU D 166 3.76 -56.26 -10.17
N PHE D 167 4.15 -55.11 -10.73
CA PHE D 167 3.24 -54.29 -11.52
C PHE D 167 3.57 -54.23 -13.00
N GLN D 168 4.68 -54.80 -13.46
CA GLN D 168 5.07 -54.64 -14.85
C GLN D 168 4.00 -55.19 -15.79
N ASN D 169 3.59 -54.36 -16.76
CA ASN D 169 2.75 -54.83 -17.85
C ASN D 169 3.65 -55.16 -19.04
N PRO D 170 3.79 -56.42 -19.43
CA PRO D 170 4.67 -56.73 -20.57
C PRO D 170 4.08 -56.29 -21.91
N ALA D 171 2.76 -56.31 -22.03
CA ALA D 171 2.11 -56.07 -23.32
C ALA D 171 2.23 -54.63 -23.81
N VAL D 172 2.48 -53.67 -22.92
CA VAL D 172 2.34 -52.26 -23.27
C VAL D 172 3.64 -51.50 -22.99
N GLN D 173 3.98 -50.62 -23.92
CA GLN D 173 5.06 -49.65 -23.79
C GLN D 173 4.50 -48.32 -24.26
N PHE D 174 4.70 -47.26 -23.47
CA PHE D 174 4.15 -45.94 -23.81
C PHE D 174 5.19 -45.10 -24.54
N HIS D 175 4.76 -44.42 -25.61
CA HIS D 175 5.63 -43.56 -26.39
C HIS D 175 5.03 -42.15 -26.47
N SER D 176 5.90 -41.13 -26.40
CA SER D 176 5.46 -39.76 -26.29
C SER D 176 6.35 -38.83 -27.11
N LYS D 177 5.75 -37.75 -27.59
CA LYS D 177 6.48 -36.70 -28.31
C LYS D 177 5.84 -35.34 -28.02
N GLU D 178 6.68 -34.37 -27.67
CA GLU D 178 6.22 -33.00 -27.45
C GLU D 178 6.58 -32.10 -28.63
N LEU D 179 5.71 -31.12 -28.89
CA LEU D 179 5.90 -30.19 -29.98
C LEU D 179 5.58 -28.78 -29.52
N TYR D 180 6.32 -27.79 -30.02
CA TYR D 180 6.20 -26.41 -29.58
C TYR D 180 5.55 -25.59 -30.68
N VAL D 181 4.43 -24.94 -30.37
CA VAL D 181 3.66 -24.20 -31.34
C VAL D 181 3.64 -22.72 -30.95
N ALA D 182 4.05 -21.87 -31.89
CA ALA D 182 4.05 -20.42 -31.75
C ALA D 182 2.68 -19.84 -32.08
N ALA D 183 1.62 -20.32 -31.43
CA ALA D 183 0.29 -19.79 -31.65
C ALA D 183 -0.55 -20.12 -30.42
N ASP D 184 -1.56 -19.28 -30.17
CA ASP D 184 -2.46 -19.50 -29.04
C ASP D 184 -3.37 -20.69 -29.30
N GLU D 185 -3.93 -21.22 -28.20
CA GLU D 185 -4.73 -22.44 -28.29
C GLU D 185 -6.01 -22.23 -29.09
N ALA D 186 -6.61 -21.05 -29.03
CA ALA D 186 -7.89 -20.84 -29.70
C ALA D 186 -7.74 -21.02 -31.21
N SER D 187 -6.61 -20.58 -31.76
CA SER D 187 -6.42 -20.62 -33.21
C SER D 187 -6.27 -22.06 -33.71
N ILE D 188 -5.50 -22.89 -32.99
CA ILE D 188 -5.26 -24.25 -33.44
C ILE D 188 -6.23 -25.28 -32.91
N ALA D 189 -7.13 -24.90 -32.00
CA ALA D 189 -8.06 -25.86 -31.42
C ALA D 189 -8.83 -26.67 -32.46
N PRO D 190 -9.37 -26.06 -33.52
CA PRO D 190 -10.11 -26.86 -34.51
C PRO D 190 -9.25 -27.92 -35.17
N ILE D 191 -8.02 -27.57 -35.52
CA ILE D 191 -7.11 -28.53 -36.15
C ILE D 191 -6.84 -29.70 -35.21
N LEU D 192 -6.67 -29.41 -33.92
CA LEU D 192 -6.44 -30.48 -32.96
C LEU D 192 -7.66 -31.39 -32.85
N ALA D 193 -8.86 -30.81 -32.83
CA ALA D 193 -10.07 -31.63 -32.81
C ALA D 193 -10.11 -32.54 -34.03
N GLU D 194 -9.83 -31.97 -35.21
CA GLU D 194 -9.87 -32.75 -36.43
C GLU D 194 -8.89 -33.92 -36.36
N ALA D 195 -7.66 -33.66 -35.92
CA ALA D 195 -6.65 -34.72 -35.85
C ALA D 195 -7.05 -35.79 -34.84
N GLN D 196 -7.55 -35.39 -33.67
CA GLN D 196 -7.95 -36.37 -32.67
C GLN D 196 -9.05 -37.27 -33.22
N ALA D 197 -10.04 -36.70 -33.92
CA ALA D 197 -11.08 -37.51 -34.53
C ALA D 197 -10.47 -38.48 -35.55
N HIS D 198 -9.60 -37.96 -36.42
CA HIS D 198 -9.01 -38.80 -37.47
C HIS D 198 -8.30 -40.01 -36.88
N PHE D 199 -7.60 -39.81 -35.77
CA PHE D 199 -6.78 -40.88 -35.19
C PHE D 199 -7.51 -41.73 -34.16
N GLY D 200 -8.62 -41.25 -33.61
CA GLY D 200 -9.37 -42.08 -32.69
C GLY D 200 -8.54 -42.58 -31.53
N ARG D 201 -8.71 -43.85 -31.21
CA ARG D 201 -8.00 -44.46 -30.09
C ARG D 201 -6.52 -44.63 -30.38
N ARG D 202 -6.13 -44.66 -31.65
CA ARG D 202 -4.73 -44.93 -32.02
C ARG D 202 -3.77 -44.03 -31.27
N LEU D 203 -4.18 -42.79 -31.00
CA LEU D 203 -3.27 -41.79 -30.46
C LEU D 203 -4.04 -40.76 -29.64
N GLY D 204 -3.40 -40.30 -28.58
CA GLY D 204 -3.96 -39.31 -27.69
C GLY D 204 -3.24 -37.98 -27.87
N LEU D 205 -4.02 -36.93 -28.13
CA LEU D 205 -3.52 -35.60 -28.40
C LEU D 205 -3.98 -34.67 -27.30
N GLY D 206 -3.03 -34.01 -26.65
CA GLY D 206 -3.34 -33.00 -25.67
C GLY D 206 -2.54 -31.75 -25.94
N SER D 207 -2.97 -30.67 -25.30
CA SER D 207 -2.26 -29.40 -25.43
C SER D 207 -2.37 -28.65 -24.11
N TYR D 208 -1.29 -27.96 -23.75
CA TYR D 208 -1.28 -27.08 -22.60
C TYR D 208 -0.36 -25.91 -22.89
N PRO D 209 -0.78 -24.70 -22.53
CA PRO D 209 0.10 -23.53 -22.68
C PRO D 209 1.14 -23.52 -21.56
N ASP D 210 2.31 -22.99 -21.91
CA ASP D 210 3.35 -22.69 -20.93
C ASP D 210 3.76 -21.23 -21.15
N TRP D 211 3.83 -20.48 -20.06
CA TRP D 211 3.75 -19.02 -20.15
C TRP D 211 5.11 -18.38 -20.40
N GLY D 212 6.20 -19.01 -19.94
CA GLY D 212 7.50 -18.38 -19.94
C GLY D 212 8.48 -18.65 -21.07
N SER D 213 8.17 -18.24 -22.29
CA SER D 213 9.12 -18.43 -23.39
C SER D 213 8.89 -17.39 -24.49
N ASN D 214 9.98 -17.03 -25.18
CA ASN D 214 9.93 -16.10 -26.31
C ASN D 214 9.68 -16.79 -27.65
N TYR D 215 9.60 -18.11 -27.69
CA TYR D 215 9.69 -18.85 -28.93
C TYR D 215 8.47 -19.72 -29.21
N TYR D 216 7.62 -19.95 -28.22
CA TYR D 216 6.42 -20.74 -28.41
C TYR D 216 5.41 -20.33 -27.36
N GLN D 217 4.13 -20.44 -27.71
CA GLN D 217 3.05 -20.13 -26.78
C GLN D 217 2.38 -21.38 -26.23
N VAL D 218 2.31 -22.46 -27.02
CA VAL D 218 1.60 -23.67 -26.62
C VAL D 218 2.51 -24.87 -26.78
N LYS D 219 2.24 -25.91 -25.98
CA LYS D 219 2.97 -27.18 -26.05
C LYS D 219 1.96 -28.28 -26.33
N LEU D 220 2.15 -28.98 -27.45
CA LEU D 220 1.36 -30.15 -27.77
C LEU D 220 2.04 -31.42 -27.27
N THR D 221 1.22 -32.38 -26.87
CA THR D 221 1.69 -33.65 -26.32
C THR D 221 1.00 -34.78 -27.08
N LEU D 222 1.81 -35.66 -27.67
CA LEU D 222 1.35 -36.81 -28.43
C LEU D 222 1.72 -38.07 -27.66
N ASP D 223 0.74 -38.96 -27.46
CA ASP D 223 0.97 -40.16 -26.68
C ASP D 223 0.30 -41.34 -27.36
N SER D 224 1.02 -42.46 -27.46
CA SER D 224 0.38 -43.67 -27.97
C SER D 224 1.17 -44.90 -27.56
N GLU D 225 0.58 -46.06 -27.82
CA GLU D 225 1.21 -47.34 -27.49
C GLU D 225 2.19 -47.80 -28.56
N GLU D 226 2.11 -47.27 -29.77
CA GLU D 226 3.02 -47.61 -30.85
C GLU D 226 3.63 -46.32 -31.38
N GLU D 227 4.76 -46.47 -32.07
CA GLU D 227 5.51 -45.29 -32.51
C GLU D 227 4.96 -44.68 -33.79
N GLY D 228 4.43 -45.50 -34.69
CA GLY D 228 3.97 -45.03 -35.98
C GLY D 228 2.95 -43.90 -35.91
N PRO D 229 1.87 -44.09 -35.16
CA PRO D 229 0.86 -43.02 -35.08
C PRO D 229 1.43 -41.67 -34.67
N LEU D 230 2.48 -41.64 -33.84
CA LEU D 230 3.06 -40.37 -33.42
C LEU D 230 3.59 -39.58 -34.61
N GLU D 231 4.40 -40.23 -35.45
CA GLU D 231 4.97 -39.58 -36.63
C GLU D 231 3.87 -39.26 -37.65
N GLU D 232 2.89 -40.16 -37.80
CA GLU D 232 1.78 -39.84 -38.70
C GLU D 232 1.07 -38.56 -38.27
N CYS D 233 0.80 -38.42 -36.96
CA CYS D 233 0.11 -37.22 -36.48
C CYS D 233 0.98 -35.98 -36.59
N LEU D 234 2.28 -36.12 -36.34
CA LEU D 234 3.17 -34.98 -36.53
C LEU D 234 3.07 -34.47 -37.96
N ALA D 235 3.07 -35.38 -38.93
CA ALA D 235 2.95 -34.98 -40.32
C ALA D 235 1.59 -34.34 -40.61
N TYR D 236 0.51 -34.98 -40.17
CA TYR D 236 -0.83 -34.41 -40.37
C TYR D 236 -0.89 -32.97 -39.86
N LEU D 237 -0.36 -32.74 -38.66
CA LEU D 237 -0.43 -31.40 -38.08
C LEU D 237 0.47 -30.44 -38.84
N THR D 238 1.70 -30.85 -39.15
CA THR D 238 2.59 -30.00 -39.93
C THR D 238 1.94 -29.56 -41.22
N ALA D 239 1.08 -30.42 -41.81
CA ALA D 239 0.40 -30.06 -43.04
C ALA D 239 -0.72 -29.06 -42.77
N ARG D 240 -1.58 -29.35 -41.79
CA ARG D 240 -2.75 -28.50 -41.62
C ARG D 240 -2.44 -27.22 -40.85
N LEU D 241 -1.54 -27.27 -39.87
CA LEU D 241 -1.25 -26.09 -39.07
C LEU D 241 -0.69 -24.95 -39.93
N PRO D 242 -0.93 -23.71 -39.53
CA PRO D 242 -0.43 -22.56 -40.30
C PRO D 242 1.09 -22.57 -40.43
N GLN D 243 1.57 -21.81 -41.40
CA GLN D 243 3.00 -21.82 -41.72
C GLN D 243 3.82 -21.33 -40.53
N GLY D 244 4.86 -22.09 -40.18
CA GLY D 244 5.72 -21.72 -39.10
C GLY D 244 5.22 -22.07 -37.71
N SER D 245 4.00 -22.61 -37.60
CA SER D 245 3.42 -22.88 -36.29
C SER D 245 4.34 -23.77 -35.45
N LEU D 246 4.85 -24.84 -36.04
CA LEU D 246 5.74 -25.72 -35.29
C LEU D 246 7.12 -25.07 -35.22
N VAL D 247 7.73 -25.13 -34.05
CA VAL D 247 9.03 -24.51 -33.78
C VAL D 247 9.96 -25.56 -33.28
N PRO D 248 11.20 -25.65 -33.78
CA PRO D 248 12.17 -26.63 -33.26
C PRO D 248 12.87 -26.10 -32.02
N TYR D 249 12.07 -25.79 -31.00
CA TYR D 249 12.60 -25.22 -29.77
C TYR D 249 13.45 -26.24 -29.03
N MET D 250 14.48 -25.75 -28.35
CA MET D 250 15.33 -26.59 -27.55
C MET D 250 15.36 -26.00 -26.14
N PRO D 251 15.12 -26.79 -25.11
CA PRO D 251 15.26 -26.30 -23.73
C PRO D 251 16.72 -26.22 -23.34
N ASN D 252 16.96 -25.82 -22.08
CA ASN D 252 18.29 -25.78 -21.50
C ASN D 252 19.32 -25.22 -22.48
N ALA D 253 18.94 -24.20 -23.24
CA ALA D 253 19.89 -23.51 -24.10
C ALA D 253 21.03 -22.91 -23.28
N VAL D 254 20.81 -22.64 -22.00
CA VAL D 254 21.83 -22.02 -21.17
C VAL D 254 22.86 -23.04 -20.69
N GLU D 255 22.44 -24.29 -20.46
CA GLU D 255 23.38 -25.31 -20.00
C GLU D 255 24.21 -25.83 -21.16
N GLN D 256 23.57 -26.14 -22.29
CA GLN D 256 24.29 -26.56 -23.49
C GLN D 256 25.06 -25.42 -24.15
N ALA D 257 24.88 -24.18 -23.68
CA ALA D 257 25.49 -23.04 -24.37
C ALA D 257 26.98 -23.25 -24.58
N SER D 258 27.65 -23.85 -23.60
CA SER D 258 29.09 -24.08 -23.72
C SER D 258 29.42 -24.75 -25.04
N GLU D 259 28.69 -25.82 -25.36
CA GLU D 259 28.94 -26.52 -26.61
C GLU D 259 28.34 -25.77 -27.80
N ALA D 260 27.20 -25.11 -27.60
CA ALA D 260 26.49 -24.51 -28.73
C ALA D 260 27.23 -23.30 -29.29
N VAL D 261 27.58 -22.35 -28.43
CA VAL D 261 28.18 -21.11 -28.91
C VAL D 261 29.43 -21.40 -29.72
N TYR D 262 30.34 -22.19 -29.16
CA TYR D 262 31.59 -22.47 -29.87
C TYR D 262 31.31 -23.21 -31.18
N LYS D 263 30.30 -24.08 -31.20
CA LYS D 263 29.94 -24.74 -32.46
C LYS D 263 29.59 -23.68 -33.50
N LEU D 264 28.74 -22.72 -33.14
CA LEU D 264 28.42 -21.64 -34.06
C LEU D 264 29.66 -20.91 -34.52
N ALA D 265 30.63 -20.74 -33.61
CA ALA D 265 31.86 -20.06 -33.98
C ALA D 265 32.62 -20.86 -35.03
N GLU D 266 32.67 -22.18 -34.88
CA GLU D 266 33.43 -23.03 -35.80
C GLU D 266 32.79 -23.10 -37.18
N SER D 267 31.50 -22.82 -37.28
CA SER D 267 30.83 -22.76 -38.57
C SER D 267 31.31 -21.54 -39.37
N GLY D 268 31.32 -21.70 -40.69
CA GLY D 268 31.75 -20.64 -41.58
C GLY D 268 30.66 -19.70 -42.05
N SER D 269 30.13 -18.88 -41.14
CA SER D 269 29.08 -17.91 -41.46
C SER D 269 29.49 -16.55 -40.92
N SER D 270 28.93 -15.50 -41.53
CA SER D 270 29.17 -14.14 -41.04
C SER D 270 28.96 -14.10 -39.53
N LEU D 271 27.79 -14.59 -39.09
CA LEU D 271 27.51 -14.65 -37.66
C LEU D 271 28.56 -15.49 -36.93
N GLY D 272 28.99 -16.59 -37.54
CA GLY D 272 30.00 -17.41 -36.92
C GLY D 272 31.29 -16.64 -36.68
N LYS D 273 31.70 -15.82 -37.66
CA LYS D 273 32.91 -15.03 -37.50
C LYS D 273 32.74 -13.97 -36.42
N LYS D 274 31.59 -13.29 -36.38
CA LYS D 274 31.36 -12.31 -35.32
C LYS D 274 31.43 -12.96 -33.95
N VAL D 275 30.84 -14.15 -33.81
CA VAL D 275 30.89 -14.86 -32.53
C VAL D 275 32.33 -15.26 -32.20
N ALA D 276 33.08 -15.72 -33.21
CA ALA D 276 34.47 -16.09 -32.97
C ALA D 276 35.27 -14.91 -32.45
N GLY D 277 35.05 -13.73 -33.01
CA GLY D 277 35.78 -12.55 -32.55
C GLY D 277 35.42 -12.19 -31.12
N ALA D 278 34.12 -12.14 -30.82
CA ALA D 278 33.70 -11.86 -29.44
C ALA D 278 34.31 -12.86 -28.48
N LEU D 279 34.33 -14.15 -28.85
CA LEU D 279 34.87 -15.16 -27.96
C LEU D 279 36.38 -15.03 -27.78
N GLN D 280 37.10 -14.67 -28.84
CA GLN D 280 38.55 -14.48 -28.69
C GLN D 280 38.82 -13.35 -27.71
N THR D 281 38.07 -12.25 -27.82
CA THR D 281 38.24 -11.15 -26.87
C THR D 281 37.90 -11.59 -25.44
N ILE D 282 36.82 -12.36 -25.28
CA ILE D 282 36.44 -12.79 -23.93
C ILE D 282 37.50 -13.72 -23.35
N GLU D 283 38.04 -14.62 -24.16
CA GLU D 283 39.07 -15.53 -23.70
C GLU D 283 40.30 -14.76 -23.24
N THR D 284 40.72 -13.77 -24.05
CA THR D 284 41.83 -12.92 -23.64
C THR D 284 41.53 -12.23 -22.31
N SER D 285 40.28 -11.78 -22.13
CA SER D 285 39.89 -11.17 -20.86
C SER D 285 40.14 -12.15 -19.70
N LEU D 286 39.71 -13.39 -19.87
CA LEU D 286 39.91 -14.38 -18.82
C LEU D 286 41.39 -14.68 -18.60
N ALA D 287 42.20 -14.54 -19.64
CA ALA D 287 43.65 -14.77 -19.52
C ALA D 287 44.39 -13.59 -18.88
N GLN D 288 43.82 -12.39 -18.95
CA GLN D 288 44.41 -11.20 -18.34
C GLN D 288 43.99 -11.00 -16.90
N TYR D 289 42.74 -11.33 -16.58
CA TYR D 289 42.16 -11.07 -15.28
C TYR D 289 41.59 -12.37 -14.75
N SER D 290 41.48 -12.46 -13.42
CA SER D 290 40.76 -13.58 -12.84
C SER D 290 39.26 -13.40 -13.01
N LEU D 291 38.54 -14.50 -12.98
CA LEU D 291 37.09 -14.42 -13.04
C LEU D 291 36.56 -13.57 -11.89
N THR D 292 37.22 -13.63 -10.73
CA THR D 292 36.88 -12.72 -9.63
C THR D 292 37.06 -11.25 -9.99
N GLN D 293 37.93 -10.95 -10.95
CA GLN D 293 38.22 -9.57 -11.34
C GLN D 293 37.32 -9.06 -12.46
N LEU D 294 36.50 -9.92 -13.04
CA LEU D 294 35.64 -9.55 -14.15
C LEU D 294 34.18 -9.46 -13.71
N CYS D 295 33.42 -8.64 -14.42
CA CYS D 295 31.98 -8.54 -14.22
C CYS D 295 31.38 -7.96 -15.49
N VAL D 296 30.13 -8.32 -15.76
CA VAL D 296 29.45 -7.95 -17.00
C VAL D 296 28.43 -6.85 -16.68
N GLY D 297 28.54 -5.73 -17.39
CA GLY D 297 27.51 -4.70 -17.29
C GLY D 297 26.24 -5.23 -17.92
N PHE D 298 25.16 -5.31 -17.16
CA PHE D 298 23.96 -6.00 -17.61
C PHE D 298 22.71 -5.20 -17.24
N ASN D 299 22.11 -4.56 -18.22
CA ASN D 299 20.90 -3.77 -18.03
C ASN D 299 19.64 -4.48 -18.49
N GLY D 300 19.74 -5.70 -19.05
CA GLY D 300 18.58 -6.45 -19.48
C GLY D 300 18.33 -6.47 -20.97
N GLY D 301 18.99 -5.61 -21.73
CA GLY D 301 18.74 -5.44 -23.15
C GLY D 301 19.36 -6.53 -24.01
N LYS D 302 19.31 -6.28 -25.32
CA LYS D 302 19.79 -7.27 -26.28
C LYS D 302 21.28 -7.53 -26.10
N ASP D 303 22.06 -6.45 -26.16
CA ASP D 303 23.51 -6.54 -26.09
C ASP D 303 23.98 -7.28 -24.85
N CYS D 304 23.42 -6.93 -23.69
CA CYS D 304 23.87 -7.55 -22.44
C CYS D 304 23.46 -9.02 -22.37
N THR D 305 22.28 -9.36 -22.89
CA THR D 305 21.90 -10.77 -22.91
C THR D 305 22.87 -11.58 -23.75
N ALA D 306 23.13 -11.12 -24.98
CA ALA D 306 24.07 -11.84 -25.84
C ALA D 306 25.46 -11.89 -25.22
N LEU D 307 25.92 -10.77 -24.68
CA LEU D 307 27.24 -10.73 -24.04
C LEU D 307 27.33 -11.72 -22.89
N LEU D 308 26.30 -11.76 -22.05
CA LEU D 308 26.29 -12.68 -20.91
C LEU D 308 26.32 -14.12 -21.40
N HIS D 309 25.55 -14.43 -22.44
CA HIS D 309 25.52 -15.79 -22.96
C HIS D 309 26.91 -16.19 -23.46
N LEU D 310 27.55 -15.29 -24.22
CA LEU D 310 28.89 -15.56 -24.71
C LEU D 310 29.87 -15.76 -23.56
N PHE D 311 29.81 -14.89 -22.54
CA PHE D 311 30.71 -14.99 -21.40
C PHE D 311 30.53 -16.31 -20.67
N HIS D 312 29.28 -16.72 -20.46
CA HIS D 312 29.00 -17.99 -19.81
C HIS D 312 29.59 -19.16 -20.61
N ALA D 313 29.36 -19.17 -21.92
CA ALA D 313 29.91 -20.25 -22.74
C ALA D 313 31.43 -20.32 -22.62
N ALA D 314 32.09 -19.16 -22.75
CA ALA D 314 33.55 -19.12 -22.69
C ALA D 314 34.04 -19.62 -21.34
N VAL D 315 33.42 -19.16 -20.25
CA VAL D 315 33.86 -19.57 -18.92
C VAL D 315 33.72 -21.08 -18.76
N GLN D 316 32.54 -21.62 -19.09
CA GLN D 316 32.35 -23.06 -18.92
C GLN D 316 33.31 -23.84 -19.79
N ARG D 317 33.74 -23.30 -20.92
CA ARG D 317 34.72 -24.02 -21.74
C ARG D 317 36.10 -23.99 -21.09
N LYS D 318 36.63 -22.79 -20.84
CA LYS D 318 38.01 -22.70 -20.36
C LYS D 318 38.17 -23.36 -19.01
N LEU D 319 37.23 -23.12 -18.09
CA LEU D 319 37.23 -23.71 -16.75
C LEU D 319 35.92 -24.44 -16.56
N PRO D 320 35.84 -25.71 -16.96
CA PRO D 320 34.54 -26.41 -16.87
C PRO D 320 34.10 -26.68 -15.45
N ASP D 321 35.04 -27.00 -14.54
CA ASP D 321 34.70 -27.46 -13.21
C ASP D 321 34.81 -26.36 -12.14
N VAL D 322 34.89 -25.09 -12.54
CA VAL D 322 34.77 -23.98 -11.61
C VAL D 322 33.31 -23.53 -11.60
N PRO D 323 32.55 -23.80 -10.54
CA PRO D 323 31.15 -23.36 -10.50
C PRO D 323 30.98 -21.88 -10.20
N ASN D 324 32.08 -21.11 -10.11
CA ASN D 324 32.05 -19.72 -9.68
C ASN D 324 30.89 -18.99 -10.33
N PRO D 325 30.05 -18.31 -9.54
CA PRO D 325 28.98 -17.52 -10.15
C PRO D 325 29.54 -16.31 -10.89
N LEU D 326 28.98 -16.05 -12.07
CA LEU D 326 29.37 -14.90 -12.86
C LEU D 326 28.90 -13.65 -12.12
N GLN D 327 29.74 -12.61 -12.10
CA GLN D 327 29.39 -11.38 -11.41
C GLN D 327 28.85 -10.38 -12.42
N ILE D 328 27.79 -9.68 -12.05
CA ILE D 328 27.21 -8.66 -12.91
C ILE D 328 26.93 -7.38 -12.16
N LEU D 329 26.97 -6.28 -12.92
CA LEU D 329 26.68 -4.93 -12.46
C LEU D 329 25.38 -4.48 -13.11
N TYR D 330 24.41 -4.07 -12.30
CA TYR D 330 23.10 -3.68 -12.82
C TYR D 330 22.91 -2.18 -12.63
N ILE D 331 22.56 -1.50 -13.72
CA ILE D 331 22.23 -0.08 -13.69
C ILE D 331 20.71 0.01 -13.82
N ARG D 332 20.07 0.68 -12.88
CA ARG D 332 18.62 0.76 -12.82
C ARG D 332 18.13 2.09 -13.38
N SER D 333 17.22 2.01 -14.35
CA SER D 333 16.70 3.19 -15.01
C SER D 333 16.02 4.11 -14.00
N ILE D 334 15.67 5.31 -14.47
CA ILE D 334 14.98 6.28 -13.62
C ILE D 334 13.67 5.68 -13.12
N SER D 335 12.91 5.08 -14.02
CA SER D 335 11.75 4.27 -13.64
C SER D 335 11.79 2.99 -14.45
N PRO D 336 12.11 1.85 -13.83
CA PRO D 336 12.23 0.59 -14.58
C PRO D 336 10.88 0.18 -15.17
N PHE D 337 10.93 -0.45 -16.34
CA PHE D 337 9.79 -1.23 -16.77
C PHE D 337 9.63 -2.44 -15.86
N PRO D 338 8.39 -2.86 -15.59
CA PRO D 338 8.21 -4.04 -14.72
C PRO D 338 8.74 -5.31 -15.35
N GLU D 339 8.49 -5.48 -16.65
CA GLU D 339 8.94 -6.67 -17.35
C GLU D 339 10.45 -6.82 -17.27
N LEU D 340 11.19 -5.71 -17.32
CA LEU D 340 12.64 -5.79 -17.29
C LEU D 340 13.15 -6.19 -15.91
N GLU D 341 12.53 -5.70 -14.84
CA GLU D 341 12.90 -6.16 -13.51
C GLU D 341 12.67 -7.67 -13.39
N GLN D 342 11.50 -8.14 -13.86
CA GLN D 342 11.24 -9.58 -13.82
C GLN D 342 12.29 -10.34 -14.61
N PHE D 343 12.62 -9.85 -15.82
CA PHE D 343 13.61 -10.53 -16.64
C PHE D 343 14.97 -10.57 -15.94
N LEU D 344 15.35 -9.49 -15.25
CA LEU D 344 16.61 -9.50 -14.51
C LEU D 344 16.62 -10.58 -13.44
N GLN D 345 15.51 -10.73 -12.71
CA GLN D 345 15.44 -11.81 -11.73
C GLN D 345 15.60 -13.18 -12.41
N ASP D 346 14.86 -13.39 -13.50
CA ASP D 346 14.93 -14.68 -14.19
C ASP D 346 16.35 -14.97 -14.66
N THR D 347 17.02 -13.96 -15.22
CA THR D 347 18.38 -14.14 -15.72
C THR D 347 19.36 -14.43 -14.58
N ILE D 348 19.25 -13.69 -13.49
CA ILE D 348 20.14 -13.92 -12.34
C ILE D 348 20.04 -15.36 -11.90
N LYS D 349 18.84 -15.95 -11.92
CA LYS D 349 18.79 -17.36 -11.53
C LYS D 349 19.31 -18.27 -12.64
N ARG D 350 18.88 -18.03 -13.89
CA ARG D 350 19.27 -18.92 -14.98
C ARG D 350 20.78 -19.09 -15.05
N TYR D 351 21.52 -17.97 -15.00
CA TYR D 351 22.97 -18.02 -15.17
C TYR D 351 23.75 -18.07 -13.87
N ASN D 352 23.08 -18.01 -12.72
CA ASN D 352 23.76 -18.02 -11.42
C ASN D 352 24.58 -16.75 -11.19
N LEU D 353 23.93 -15.61 -11.35
CA LEU D 353 24.62 -14.34 -11.25
C LEU D 353 24.68 -13.83 -9.80
N GLN D 354 25.63 -12.93 -9.54
CA GLN D 354 25.78 -12.26 -8.25
C GLN D 354 25.62 -10.76 -8.51
N MET D 355 24.43 -10.23 -8.25
CA MET D 355 24.09 -8.87 -8.67
C MET D 355 24.68 -7.84 -7.72
N LEU D 356 25.44 -6.90 -8.28
CA LEU D 356 25.96 -5.73 -7.59
C LEU D 356 25.20 -4.51 -8.10
N GLU D 357 23.99 -4.32 -7.57
CA GLU D 357 23.11 -3.29 -8.12
C GLU D 357 23.72 -1.90 -7.99
N ALA D 358 23.31 -1.02 -8.90
CA ALA D 358 23.87 0.33 -9.00
C ALA D 358 22.84 1.37 -8.62
N GLU D 359 23.32 2.48 -8.07
CA GLU D 359 22.45 3.55 -7.57
C GLU D 359 22.75 4.89 -8.23
N GLY D 360 23.26 4.89 -9.46
CA GLY D 360 23.48 6.16 -10.13
C GLY D 360 23.94 6.02 -11.57
N SER D 361 24.54 7.09 -12.07
CA SER D 361 25.08 7.14 -13.42
C SER D 361 26.29 6.21 -13.54
N MET D 362 26.59 5.82 -14.79
CA MET D 362 27.66 4.86 -15.03
C MET D 362 28.93 5.23 -14.27
N LYS D 363 29.32 6.51 -14.33
CA LYS D 363 30.48 6.96 -13.55
C LYS D 363 30.21 6.74 -12.06
N GLN D 364 29.04 7.17 -11.62
CA GLN D 364 28.62 6.97 -10.24
C GLN D 364 28.56 5.49 -9.91
N ALA D 365 27.93 4.69 -10.78
CA ALA D 365 27.85 3.25 -10.52
C ALA D 365 29.23 2.60 -10.36
N LEU D 366 30.19 3.01 -11.18
CA LEU D 366 31.53 2.45 -11.05
C LEU D 366 32.17 2.86 -9.73
N GLY D 367 31.99 4.11 -9.32
CA GLY D 367 32.42 4.50 -7.97
C GLY D 367 31.75 3.63 -6.89
N GLU D 368 30.46 3.38 -7.04
CA GLU D 368 29.68 2.52 -6.16
C GLU D 368 30.35 1.17 -6.02
N LEU D 369 30.74 0.64 -7.18
CA LEU D 369 31.25 -0.72 -7.27
C LEU D 369 32.62 -0.81 -6.65
N GLN D 370 33.53 0.09 -7.03
CA GLN D 370 34.89 0.03 -6.48
C GLN D 370 34.88 0.27 -4.98
N ALA D 371 33.89 1.00 -4.48
CA ALA D 371 33.77 1.14 -3.04
C ALA D 371 33.37 -0.18 -2.39
N ARG D 372 32.29 -0.80 -2.88
CA ARG D 372 31.92 -2.07 -2.27
C ARG D 372 32.94 -3.16 -2.55
N HIS D 373 33.43 -3.25 -3.79
CA HIS D 373 34.36 -4.30 -4.21
C HIS D 373 35.59 -3.66 -4.83
N PRO D 374 36.72 -3.57 -4.11
CA PRO D 374 37.95 -3.05 -4.73
C PRO D 374 38.67 -4.07 -5.60
N GLN D 375 38.44 -5.37 -5.40
CA GLN D 375 39.20 -6.39 -6.12
C GLN D 375 38.98 -6.30 -7.62
N LEU D 376 37.78 -5.90 -8.05
CA LEU D 376 37.43 -5.88 -9.45
C LEU D 376 38.19 -4.79 -10.20
N GLU D 377 38.69 -5.14 -11.39
CA GLU D 377 39.49 -4.21 -12.18
C GLU D 377 39.04 -4.09 -13.63
N ALA D 378 38.08 -4.89 -14.11
CA ALA D 378 37.65 -4.78 -15.49
C ALA D 378 36.18 -5.18 -15.62
N VAL D 379 35.49 -4.53 -16.58
CA VAL D 379 34.07 -4.71 -16.80
C VAL D 379 33.82 -4.96 -18.28
N LEU D 380 33.11 -6.03 -18.60
CA LEU D 380 32.70 -6.30 -19.98
C LEU D 380 31.39 -5.56 -20.27
N MET D 381 31.36 -4.87 -21.42
CA MET D 381 30.23 -4.06 -21.83
C MET D 381 29.86 -4.47 -23.24
N GLY D 382 28.56 -4.46 -23.53
CA GLY D 382 28.07 -4.85 -24.82
C GLY D 382 27.99 -3.70 -25.80
N THR D 383 28.84 -2.69 -25.61
CA THR D 383 28.88 -1.58 -26.52
C THR D 383 29.17 -2.04 -27.94
N ARG D 384 28.63 -1.31 -28.92
CA ARG D 384 28.80 -1.62 -30.33
C ARG D 384 29.07 -0.31 -31.06
N ARG D 385 29.54 -0.42 -32.29
CA ARG D 385 29.96 0.74 -33.09
C ARG D 385 28.75 1.43 -33.71
N THR D 386 27.73 1.71 -32.91
CA THR D 386 26.52 2.38 -33.40
C THR D 386 26.67 3.89 -33.52
N ASP D 387 27.77 4.48 -33.02
CA ASP D 387 27.95 5.94 -33.05
C ASP D 387 29.44 6.29 -33.03
N PRO D 388 29.82 7.57 -33.12
CA PRO D 388 31.25 7.88 -33.30
C PRO D 388 32.11 7.50 -32.10
N TYR D 389 31.64 7.76 -30.89
CA TYR D 389 32.43 7.43 -29.70
C TYR D 389 32.71 5.93 -29.64
N SER D 390 31.73 5.11 -30.03
CA SER D 390 31.97 3.67 -30.09
C SER D 390 32.91 3.31 -31.22
N CYS D 391 32.91 4.07 -32.31
CA CYS D 391 33.90 3.83 -33.35
C CYS D 391 35.31 4.07 -32.85
N SER D 392 35.47 5.09 -31.99
CA SER D 392 36.80 5.35 -31.41
C SER D 392 37.20 4.29 -30.41
N LEU D 393 36.22 3.62 -29.79
CA LEU D 393 36.53 2.64 -28.75
C LEU D 393 37.34 1.48 -29.30
N CYS D 394 38.15 0.88 -28.43
CA CYS D 394 38.97 -0.28 -28.71
C CYS D 394 38.47 -1.46 -27.89
N PRO D 395 38.90 -2.69 -28.22
CA PRO D 395 38.42 -3.85 -27.43
C PRO D 395 38.75 -3.71 -25.96
N PHE D 396 39.95 -3.25 -25.64
CA PHE D 396 40.39 -3.01 -24.28
C PHE D 396 40.63 -1.51 -24.16
N SER D 397 39.69 -0.81 -23.55
CA SER D 397 39.76 0.64 -23.44
C SER D 397 39.73 1.06 -21.98
N PRO D 398 40.70 1.82 -21.48
CA PRO D 398 40.63 2.27 -20.09
C PRO D 398 39.56 3.33 -19.92
N THR D 399 39.13 3.50 -18.69
CA THR D 399 38.06 4.43 -18.41
C THR D 399 38.57 5.86 -18.54
N ASP D 400 37.65 6.78 -18.85
CA ASP D 400 37.99 8.19 -19.01
C ASP D 400 38.68 8.65 -17.74
N PRO D 401 39.43 9.76 -17.77
CA PRO D 401 40.17 10.19 -16.56
C PRO D 401 39.27 10.49 -15.38
N GLY D 402 38.15 11.17 -15.60
CA GLY D 402 37.27 11.51 -14.50
C GLY D 402 36.74 10.29 -13.78
N TRP D 403 36.31 9.27 -14.54
CA TRP D 403 35.70 8.09 -13.95
C TRP D 403 36.66 7.31 -13.06
N PRO D 404 36.18 6.30 -12.32
CA PRO D 404 37.08 5.43 -11.57
C PRO D 404 37.84 4.46 -12.45
N ALA D 405 39.02 4.05 -11.98
CA ALA D 405 39.96 3.29 -12.79
C ALA D 405 39.42 1.88 -13.04
N PHE D 406 38.97 1.64 -14.27
CA PHE D 406 38.54 0.32 -14.75
C PHE D 406 38.94 0.15 -16.21
N MET D 407 39.03 -1.11 -16.63
CA MET D 407 39.32 -1.48 -18.01
C MET D 407 38.03 -2.00 -18.66
N ARG D 408 37.53 -1.26 -19.65
CA ARG D 408 36.34 -1.69 -20.36
C ARG D 408 36.72 -2.70 -21.43
N ILE D 409 35.99 -3.82 -21.49
CA ILE D 409 36.17 -4.85 -22.50
C ILE D 409 34.91 -4.86 -23.36
N ASN D 410 35.08 -4.65 -24.68
CA ASN D 410 33.96 -4.52 -25.60
C ASN D 410 34.07 -5.63 -26.64
N PRO D 411 33.58 -6.84 -26.32
CA PRO D 411 33.69 -7.94 -27.30
C PRO D 411 32.81 -7.75 -28.52
N LEU D 412 31.67 -7.08 -28.35
CA LEU D 412 30.64 -6.98 -29.39
C LEU D 412 30.81 -5.77 -30.29
N LEU D 413 32.02 -5.24 -30.44
CA LEU D 413 32.16 -3.94 -31.07
C LEU D 413 31.69 -3.94 -32.52
N ASP D 414 32.11 -4.91 -33.32
CA ASP D 414 31.70 -4.92 -34.72
C ASP D 414 30.37 -5.65 -34.95
N TRP D 415 29.74 -6.15 -33.89
CA TRP D 415 28.48 -6.85 -34.03
C TRP D 415 27.39 -5.90 -34.52
N THR D 416 26.47 -6.45 -35.31
CA THR D 416 25.37 -5.68 -35.88
C THR D 416 24.06 -6.04 -35.20
N TYR D 417 23.14 -5.08 -35.20
CA TYR D 417 21.80 -5.31 -34.66
C TYR D 417 21.27 -6.65 -35.14
N ARG D 418 21.32 -6.86 -36.46
CA ARG D 418 20.91 -8.13 -37.04
C ARG D 418 21.70 -9.28 -36.45
N ASP D 419 23.00 -9.09 -36.24
CA ASP D 419 23.83 -10.16 -35.70
C ASP D 419 23.40 -10.52 -34.29
N ILE D 420 23.13 -9.51 -33.47
CA ILE D 420 22.68 -9.76 -32.10
C ILE D 420 21.40 -10.59 -32.13
N TRP D 421 20.43 -10.17 -32.96
CA TRP D 421 19.15 -10.86 -32.96
C TRP D 421 19.27 -12.27 -33.51
N ASP D 422 20.08 -12.47 -34.56
CA ASP D 422 20.29 -13.81 -35.09
C ASP D 422 20.97 -14.70 -34.05
N PHE D 423 21.97 -14.18 -33.34
CA PHE D 423 22.65 -14.96 -32.33
C PHE D 423 21.72 -15.37 -31.20
N LEU D 424 20.89 -14.45 -30.73
CA LEU D 424 19.97 -14.79 -29.65
C LEU D 424 18.90 -15.77 -30.10
N ARG D 425 18.31 -15.55 -31.28
CA ARG D 425 17.20 -16.39 -31.71
C ARG D 425 17.67 -17.79 -32.09
N GLN D 426 18.79 -17.90 -32.81
CA GLN D 426 19.21 -19.18 -33.34
C GLN D 426 19.52 -20.18 -32.24
N LEU D 427 20.01 -19.71 -31.09
CA LEU D 427 20.33 -20.59 -29.97
C LEU D 427 19.24 -20.66 -28.93
N PHE D 428 18.10 -20.00 -29.17
CA PHE D 428 16.94 -20.07 -28.28
C PHE D 428 17.26 -19.51 -26.89
N VAL D 429 18.13 -18.51 -26.86
CA VAL D 429 18.48 -17.83 -25.61
C VAL D 429 17.29 -17.01 -25.13
N PRO D 430 16.98 -17.00 -23.83
CA PRO D 430 15.87 -16.18 -23.35
C PRO D 430 16.25 -14.71 -23.26
N TYR D 431 15.28 -13.84 -23.55
CA TYR D 431 15.50 -12.40 -23.49
C TYR D 431 14.22 -11.72 -23.01
N CYS D 432 14.33 -10.42 -22.77
CA CYS D 432 13.22 -9.66 -22.20
C CYS D 432 12.02 -9.68 -23.13
N ILE D 433 10.83 -9.80 -22.54
CA ILE D 433 9.61 -9.93 -23.33
C ILE D 433 9.28 -8.65 -24.10
N LEU D 434 9.67 -7.48 -23.58
CA LEU D 434 9.26 -6.23 -24.22
C LEU D 434 9.69 -6.15 -25.68
N TYR D 435 10.84 -6.71 -26.03
CA TYR D 435 11.29 -6.65 -27.41
C TYR D 435 10.28 -7.29 -28.36
N ASP D 436 9.61 -8.35 -27.92
CA ASP D 436 8.61 -8.98 -28.77
C ASP D 436 7.37 -8.11 -28.95
N ARG D 437 7.11 -7.16 -28.06
CA ARG D 437 5.90 -6.35 -28.15
C ARG D 437 6.09 -5.05 -28.93
N GLY D 438 7.23 -4.87 -29.58
CA GLY D 438 7.43 -3.73 -30.47
C GLY D 438 8.39 -2.67 -30.02
N TYR D 439 8.95 -2.78 -28.82
CA TYR D 439 10.00 -1.87 -28.38
C TYR D 439 11.34 -2.34 -28.96
N THR D 440 12.03 -1.45 -29.67
CA THR D 440 13.36 -1.79 -30.19
C THR D 440 14.48 -1.40 -29.25
N SER D 441 14.24 -0.45 -28.35
CA SER D 441 15.21 -0.02 -27.35
C SER D 441 14.47 0.12 -26.03
N LEU D 442 15.06 -0.41 -24.96
CA LEU D 442 14.48 -0.37 -23.62
C LEU D 442 15.10 0.77 -22.83
N GLY D 443 14.30 1.81 -22.56
CA GLY D 443 14.76 2.92 -21.76
C GLY D 443 13.84 3.19 -20.58
N SER D 444 13.88 4.42 -20.05
CA SER D 444 12.96 4.78 -18.98
C SER D 444 11.52 4.71 -19.49
N ARG D 445 10.59 4.55 -18.55
CA ARG D 445 9.19 4.35 -18.89
C ARG D 445 8.54 5.60 -19.45
N GLU D 446 9.01 6.79 -19.02
CA GLU D 446 8.35 8.03 -19.42
C GLU D 446 8.71 8.47 -20.83
N ASN D 447 9.83 8.02 -21.38
CA ASN D 447 10.34 8.46 -22.66
C ASN D 447 10.25 7.39 -23.75
N THR D 448 10.17 6.13 -23.37
CA THR D 448 10.31 5.03 -24.32
C THR D 448 8.95 4.66 -24.91
N VAL D 449 8.95 4.34 -26.20
CA VAL D 449 7.76 3.94 -26.94
C VAL D 449 8.13 2.84 -27.93
N ARG D 450 7.11 2.23 -28.53
CA ARG D 450 7.29 1.16 -29.49
C ARG D 450 7.61 1.75 -30.87
N ASN D 451 8.61 1.15 -31.53
CA ASN D 451 9.15 1.75 -32.74
C ASN D 451 8.08 1.83 -33.82
N PRO D 452 8.01 2.94 -34.57
CA PRO D 452 6.90 3.10 -35.53
C PRO D 452 6.69 1.91 -36.45
N ALA D 453 7.77 1.37 -37.02
CA ALA D 453 7.67 0.26 -37.96
C ALA D 453 6.88 -0.90 -37.35
N THR D 464 -0.78 -4.57 -35.56
CA THR D 464 -0.38 -3.78 -34.38
C THR D 464 1.12 -3.49 -34.43
N TYR D 465 1.92 -4.26 -33.69
CA TYR D 465 3.36 -4.07 -33.66
C TYR D 465 4.06 -5.42 -33.83
N ARG D 466 4.94 -5.49 -34.82
CA ARG D 466 5.69 -6.72 -35.09
C ARG D 466 6.79 -6.92 -34.04
N PRO D 467 7.36 -8.12 -33.96
CA PRO D 467 8.47 -8.34 -33.01
C PRO D 467 9.64 -7.43 -33.35
N ALA D 468 10.57 -7.33 -32.41
CA ALA D 468 11.73 -6.47 -32.64
C ALA D 468 12.79 -7.18 -33.48
N TYR D 469 12.85 -8.50 -33.42
CA TYR D 469 13.90 -9.24 -34.13
C TYR D 469 13.61 -9.40 -35.61
N LEU D 470 12.52 -8.87 -36.12
CA LEU D 470 12.24 -8.89 -37.55
C LEU D 470 12.61 -7.59 -38.24
N LEU D 471 12.78 -6.52 -37.47
CA LEU D 471 13.20 -5.24 -38.05
C LEU D 471 14.56 -5.40 -38.72
N GLU D 472 14.58 -5.33 -40.05
CA GLU D 472 15.81 -5.55 -40.80
C GLU D 472 16.65 -4.28 -40.90
N ASN D 473 16.08 -3.11 -40.62
CA ASN D 473 16.70 -1.83 -40.91
C ASN D 473 17.50 -1.33 -39.71
N GLU D 474 18.59 -0.61 -40.02
CA GLU D 474 19.40 0.04 -39.00
C GLU D 474 18.90 1.44 -38.70
N GLU D 475 18.39 2.14 -39.71
CA GLU D 475 17.84 3.48 -39.48
C GLU D 475 16.68 3.44 -38.50
N GLU D 476 15.93 2.34 -38.49
CA GLU D 476 14.74 2.22 -37.65
C GLU D 476 15.04 1.62 -36.28
N GLU D 477 16.32 1.46 -35.92
CA GLU D 477 16.69 0.97 -34.60
C GLU D 477 16.74 2.08 -33.56
N ARG D 478 16.79 3.34 -33.99
CA ARG D 478 16.99 4.47 -33.09
C ARG D 478 15.69 5.14 -32.66
N ASN D 479 14.62 5.00 -33.43
CA ASN D 479 13.43 5.83 -33.22
C ASN D 479 12.75 5.55 -31.88
N SER D 480 13.03 4.41 -31.25
CA SER D 480 12.40 4.11 -29.95
C SER D 480 13.14 4.81 -28.82
#